data_2WQH
# 
_entry.id   2WQH 
# 
_audit_conform.dict_name       mmcif_pdbx.dic 
_audit_conform.dict_version    5.383 
_audit_conform.dict_location   http://mmcif.pdb.org/dictionaries/ascii/mmcif_pdbx.dic 
# 
loop_
_database_2.database_id 
_database_2.database_code 
_database_2.pdbx_database_accession 
_database_2.pdbx_DOI 
PDB   2WQH         pdb_00002wqh 10.2210/pdb2wqh/pdb 
PDBE  EBI-40828    ?            ?                   
WWPDB D_1290040828 ?            ?                   
# 
_pdbx_database_status.status_code                     REL 
_pdbx_database_status.entry_id                        2WQH 
_pdbx_database_status.deposit_site                    PDBE 
_pdbx_database_status.process_site                    PDBE 
_pdbx_database_status.SG_entry                        . 
_pdbx_database_status.recvd_initial_deposition_date   2009-08-21 
_pdbx_database_status.pdb_format_compatible           Y 
_pdbx_database_status.status_code_sf                  REL 
_pdbx_database_status.status_code_mr                  ? 
_pdbx_database_status.status_code_cs                  ? 
_pdbx_database_status.methods_development_category    ? 
_pdbx_database_status.status_code_nmr_data            ? 
# 
loop_
_audit_author.name 
_audit_author.pdbx_ordinal 
_audit_author.identifier_ORCID 
'Krachler, A.M.' 1 ? 
'Sharma, A.'     2 ? 
'Kleanthous, C.' 3 ? 
# 
_citation.id                        primary 
_citation.title                     
'Self-association of TPR domains: Lessons learned from a designed, consensus-based TPR oligomer.' 
_citation.journal_abbrev            Proteins 
_citation.journal_volume            78 
_citation.page_first                2131 
_citation.page_last                 2143 
_citation.year                      2010 
_citation.journal_id_ASTM           PSFGEY 
_citation.country                   US 
_citation.journal_id_ISSN           1097-0134 
_citation.journal_id_CSD            0867 
_citation.book_publisher            ? 
_citation.pdbx_database_id_PubMed   20455268 
_citation.pdbx_database_id_DOI      10.1002/prot.22726 
# 
loop_
_citation_author.citation_id 
_citation_author.name 
_citation_author.ordinal 
_citation_author.identifier_ORCID 
primary 'Krachler, A.M.' 1 ? 
primary 'Sharma, A.'     2 ? 
primary 'Kleanthous, C.' 3 ? 
# 
_cell.entry_id           2WQH 
_cell.length_a           62.284 
_cell.length_b           62.284 
_cell.length_c           120.368 
_cell.angle_alpha        90.00 
_cell.angle_beta         90.00 
_cell.angle_gamma        120.00 
_cell.Z_PDB              12 
_cell.pdbx_unique_axis   ? 
# 
_symmetry.entry_id                         2WQH 
_symmetry.space_group_name_H-M             'P 65 2 2' 
_symmetry.pdbx_full_space_group_name_H-M   ? 
_symmetry.cell_setting                     ? 
_symmetry.Int_Tables_number                179 
# 
loop_
_entity.id 
_entity.type 
_entity.src_method 
_entity.pdbx_description 
_entity.formula_weight 
_entity.pdbx_number_of_molecules 
_entity.pdbx_ec 
_entity.pdbx_mutation 
_entity.pdbx_fragment 
_entity.details 
1 polymer     nat CTPR3Y3                         14513.486 1  ? ? ? 
'THE DE NOVO PROTEIN HAS THE FOLLOWING MUTATIONS D39Y, D73Y, D107Y' 
2 non-polymer syn '(4R)-2-METHYLPENTANE-2,4-DIOL' 118.174   1  ? ? ? ? 
3 non-polymer syn '(4S)-2-METHYL-2,4-PENTANEDIOL' 118.174   1  ? ? ? ? 
4 non-polymer syn 1,2-ETHANEDIOL                  62.068    2  ? ? ? ? 
5 water       nat water                           18.015    10 ? ? ? ? 
# 
_entity_poly.entity_id                      1 
_entity_poly.type                           'polypeptide(L)' 
_entity_poly.nstd_linkage                   no 
_entity_poly.nstd_monomer                   no 
_entity_poly.pdbx_seq_one_letter_code       
;GAMDPGNSAEAWYNLGNAYYKQGDYDEAIEYYQKALELYPNNAEAWYNLGNAYYKQGDYDEAIEYYQKALELYPNNAEAW
YNLGNAYYKQGDYDEAIEYYQKALELYPNNAEAKQNLGNAKQKQG
;
_entity_poly.pdbx_seq_one_letter_code_can   
;GAMDPGNSAEAWYNLGNAYYKQGDYDEAIEYYQKALELYPNNAEAWYNLGNAYYKQGDYDEAIEYYQKALELYPNNAEAW
YNLGNAYYKQGDYDEAIEYYQKALELYPNNAEAKQNLGNAKQKQG
;
_entity_poly.pdbx_strand_id                 A 
_entity_poly.pdbx_target_identifier         ? 
# 
loop_
_entity_poly_seq.entity_id 
_entity_poly_seq.num 
_entity_poly_seq.mon_id 
_entity_poly_seq.hetero 
1 1   GLY n 
1 2   ALA n 
1 3   MET n 
1 4   ASP n 
1 5   PRO n 
1 6   GLY n 
1 7   ASN n 
1 8   SER n 
1 9   ALA n 
1 10  GLU n 
1 11  ALA n 
1 12  TRP n 
1 13  TYR n 
1 14  ASN n 
1 15  LEU n 
1 16  GLY n 
1 17  ASN n 
1 18  ALA n 
1 19  TYR n 
1 20  TYR n 
1 21  LYS n 
1 22  GLN n 
1 23  GLY n 
1 24  ASP n 
1 25  TYR n 
1 26  ASP n 
1 27  GLU n 
1 28  ALA n 
1 29  ILE n 
1 30  GLU n 
1 31  TYR n 
1 32  TYR n 
1 33  GLN n 
1 34  LYS n 
1 35  ALA n 
1 36  LEU n 
1 37  GLU n 
1 38  LEU n 
1 39  TYR n 
1 40  PRO n 
1 41  ASN n 
1 42  ASN n 
1 43  ALA n 
1 44  GLU n 
1 45  ALA n 
1 46  TRP n 
1 47  TYR n 
1 48  ASN n 
1 49  LEU n 
1 50  GLY n 
1 51  ASN n 
1 52  ALA n 
1 53  TYR n 
1 54  TYR n 
1 55  LYS n 
1 56  GLN n 
1 57  GLY n 
1 58  ASP n 
1 59  TYR n 
1 60  ASP n 
1 61  GLU n 
1 62  ALA n 
1 63  ILE n 
1 64  GLU n 
1 65  TYR n 
1 66  TYR n 
1 67  GLN n 
1 68  LYS n 
1 69  ALA n 
1 70  LEU n 
1 71  GLU n 
1 72  LEU n 
1 73  TYR n 
1 74  PRO n 
1 75  ASN n 
1 76  ASN n 
1 77  ALA n 
1 78  GLU n 
1 79  ALA n 
1 80  TRP n 
1 81  TYR n 
1 82  ASN n 
1 83  LEU n 
1 84  GLY n 
1 85  ASN n 
1 86  ALA n 
1 87  TYR n 
1 88  TYR n 
1 89  LYS n 
1 90  GLN n 
1 91  GLY n 
1 92  ASP n 
1 93  TYR n 
1 94  ASP n 
1 95  GLU n 
1 96  ALA n 
1 97  ILE n 
1 98  GLU n 
1 99  TYR n 
1 100 TYR n 
1 101 GLN n 
1 102 LYS n 
1 103 ALA n 
1 104 LEU n 
1 105 GLU n 
1 106 LEU n 
1 107 TYR n 
1 108 PRO n 
1 109 ASN n 
1 110 ASN n 
1 111 ALA n 
1 112 GLU n 
1 113 ALA n 
1 114 LYS n 
1 115 GLN n 
1 116 ASN n 
1 117 LEU n 
1 118 GLY n 
1 119 ASN n 
1 120 ALA n 
1 121 LYS n 
1 122 GLN n 
1 123 LYS n 
1 124 GLN n 
1 125 GLY n 
# 
_entity_src_nat.entity_id                  1 
_entity_src_nat.pdbx_src_id                1 
_entity_src_nat.pdbx_alt_source_flag       sample 
_entity_src_nat.pdbx_beg_seq_num           ? 
_entity_src_nat.pdbx_end_seq_num           ? 
_entity_src_nat.common_name                ? 
_entity_src_nat.pdbx_organism_scientific   'synthetic construct' 
_entity_src_nat.pdbx_ncbi_taxonomy_id      32630 
_entity_src_nat.genus                      ? 
_entity_src_nat.species                    ? 
_entity_src_nat.strain                     ? 
_entity_src_nat.tissue                     ? 
_entity_src_nat.tissue_fraction            ? 
_entity_src_nat.pdbx_secretion             ? 
_entity_src_nat.pdbx_fragment              ? 
_entity_src_nat.pdbx_variant               ? 
_entity_src_nat.pdbx_cell_line             ? 
_entity_src_nat.pdbx_atcc                  ? 
_entity_src_nat.pdbx_cellular_location     ? 
_entity_src_nat.pdbx_organ                 ? 
_entity_src_nat.pdbx_organelle             ? 
_entity_src_nat.pdbx_cell                  ? 
_entity_src_nat.pdbx_plasmid_name          ? 
_entity_src_nat.pdbx_plasmid_details       ? 
_entity_src_nat.details                    'DE NOVO SYNTHESIS' 
# 
_struct_ref.id                         1 
_struct_ref.db_name                    PDB 
_struct_ref.db_code                    2WQH 
_struct_ref.entity_id                  1 
_struct_ref.pdbx_seq_one_letter_code   ? 
_struct_ref.pdbx_align_begin           ? 
_struct_ref.pdbx_db_accession          2WQH 
_struct_ref.pdbx_db_isoform            ? 
# 
_struct_ref_seq.align_id                      1 
_struct_ref_seq.ref_id                        1 
_struct_ref_seq.pdbx_PDB_id_code              2WQH 
_struct_ref_seq.pdbx_strand_id                A 
_struct_ref_seq.seq_align_beg                 1 
_struct_ref_seq.pdbx_seq_align_beg_ins_code   ? 
_struct_ref_seq.seq_align_end                 125 
_struct_ref_seq.pdbx_seq_align_end_ins_code   ? 
_struct_ref_seq.pdbx_db_accession             2WQH 
_struct_ref_seq.db_align_beg                  1 
_struct_ref_seq.pdbx_db_align_beg_ins_code    ? 
_struct_ref_seq.db_align_end                  125 
_struct_ref_seq.pdbx_db_align_end_ins_code    ? 
_struct_ref_seq.pdbx_auth_seq_align_beg       1 
_struct_ref_seq.pdbx_auth_seq_align_end       125 
# 
loop_
_chem_comp.id 
_chem_comp.type 
_chem_comp.mon_nstd_flag 
_chem_comp.name 
_chem_comp.pdbx_synonyms 
_chem_comp.formula 
_chem_comp.formula_weight 
ALA 'L-peptide linking' y ALANINE                         ?                 'C3 H7 N O2'     89.093  
ASN 'L-peptide linking' y ASPARAGINE                      ?                 'C4 H8 N2 O3'    132.118 
ASP 'L-peptide linking' y 'ASPARTIC ACID'                 ?                 'C4 H7 N O4'     133.103 
EDO non-polymer         . 1,2-ETHANEDIOL                  'ETHYLENE GLYCOL' 'C2 H6 O2'       62.068  
GLN 'L-peptide linking' y GLUTAMINE                       ?                 'C5 H10 N2 O3'   146.144 
GLU 'L-peptide linking' y 'GLUTAMIC ACID'                 ?                 'C5 H9 N O4'     147.129 
GLY 'peptide linking'   y GLYCINE                         ?                 'C2 H5 N O2'     75.067  
HOH non-polymer         . WATER                           ?                 'H2 O'           18.015  
ILE 'L-peptide linking' y ISOLEUCINE                      ?                 'C6 H13 N O2'    131.173 
LEU 'L-peptide linking' y LEUCINE                         ?                 'C6 H13 N O2'    131.173 
LYS 'L-peptide linking' y LYSINE                          ?                 'C6 H15 N2 O2 1' 147.195 
MET 'L-peptide linking' y METHIONINE                      ?                 'C5 H11 N O2 S'  149.211 
MPD non-polymer         . '(4S)-2-METHYL-2,4-PENTANEDIOL' ?                 'C6 H14 O2'      118.174 
MRD non-polymer         . '(4R)-2-METHYLPENTANE-2,4-DIOL' ?                 'C6 H14 O2'      118.174 
PRO 'L-peptide linking' y PROLINE                         ?                 'C5 H9 N O2'     115.130 
SER 'L-peptide linking' y SERINE                          ?                 'C3 H7 N O3'     105.093 
TRP 'L-peptide linking' y TRYPTOPHAN                      ?                 'C11 H12 N2 O2'  204.225 
TYR 'L-peptide linking' y TYROSINE                        ?                 'C9 H11 N O3'    181.189 
# 
_exptl.entry_id          2WQH 
_exptl.method            'X-RAY DIFFRACTION' 
_exptl.crystals_number   1 
# 
_exptl_crystal.id                    1 
_exptl_crystal.density_meas          ? 
_exptl_crystal.density_Matthews      2.4 
_exptl_crystal.density_percent_sol   48.72 
_exptl_crystal.description           NONE 
_exptl_crystal.preparation           ? 
# 
_exptl_crystal_grow.crystal_id      1 
_exptl_crystal_grow.method          ? 
_exptl_crystal_grow.temp            ? 
_exptl_crystal_grow.temp_details    ? 
_exptl_crystal_grow.pH              4.0 
_exptl_crystal_grow.pdbx_pH_range   ? 
_exptl_crystal_grow.pdbx_details    '0.1M MMT PH 4.0, 25% PEG1500' 
# 
_diffrn.id                     1 
_diffrn.ambient_temp           100 
_diffrn.ambient_temp_details   ? 
_diffrn.crystal_id             1 
# 
_diffrn_detector.diffrn_id              1 
_diffrn_detector.detector               CCD 
_diffrn_detector.type                   'ADSC CCD' 
_diffrn_detector.pdbx_collection_date   2009-07-04 
_diffrn_detector.details                ? 
# 
_diffrn_radiation.diffrn_id                        1 
_diffrn_radiation.wavelength_id                    1 
_diffrn_radiation.pdbx_monochromatic_or_laue_m_l   M 
_diffrn_radiation.monochromator                    ? 
_diffrn_radiation.pdbx_diffrn_protocol             'SINGLE WAVELENGTH' 
_diffrn_radiation.pdbx_scattering_type             x-ray 
# 
_diffrn_radiation_wavelength.id           1 
_diffrn_radiation_wavelength.wavelength   0.9334 
_diffrn_radiation_wavelength.wt           1.0 
# 
_diffrn_source.diffrn_id                   1 
_diffrn_source.source                      SYNCHROTRON 
_diffrn_source.type                        'ESRF BEAMLINE ID14-1' 
_diffrn_source.pdbx_synchrotron_site       ESRF 
_diffrn_source.pdbx_synchrotron_beamline   ID14-1 
_diffrn_source.pdbx_wavelength             0.9334 
_diffrn_source.pdbx_wavelength_list        ? 
# 
_reflns.pdbx_diffrn_id               1 
_reflns.pdbx_ordinal                 1 
_reflns.entry_id                     2WQH 
_reflns.observed_criterion_sigma_I   2.0 
_reflns.observed_criterion_sigma_F   ? 
_reflns.d_resolution_low             50.00 
_reflns.d_resolution_high            2.21 
_reflns.number_obs                   7412 
_reflns.number_all                   ? 
_reflns.percent_possible_obs         99.1 
_reflns.pdbx_Rmerge_I_obs            0.20 
_reflns.pdbx_Rsym_value              ? 
_reflns.pdbx_netI_over_sigmaI        11.61 
_reflns.B_iso_Wilson_estimate        34.4 
_reflns.pdbx_redundancy              8.3 
# 
_reflns_shell.pdbx_diffrn_id         1 
_reflns_shell.pdbx_ordinal           1 
_reflns_shell.d_res_high             2.21 
_reflns_shell.d_res_low              2.29 
_reflns_shell.percent_possible_all   98.8 
_reflns_shell.Rmerge_I_obs           0.66 
_reflns_shell.pdbx_Rsym_value        ? 
_reflns_shell.meanI_over_sigI_obs    4.54 
_reflns_shell.pdbx_redundancy        7.4 
# 
_refine.pdbx_refine_id                           'X-RAY DIFFRACTION' 
_refine.entry_id                                 2WQH 
_refine.pdbx_diffrn_id                           1 
_refine.pdbx_TLS_residual_ADP_flag               ? 
_refine.ls_number_reflns_obs                     7068 
_refine.ls_number_reflns_all                     ? 
_refine.pdbx_ls_sigma_I                          ? 
_refine.pdbx_ls_sigma_F                          . 
_refine.pdbx_data_cutoff_high_absF               ? 
_refine.pdbx_data_cutoff_low_absF                ? 
_refine.pdbx_data_cutoff_high_rms_absF           ? 
_refine.ls_d_res_low                             49.22 
_refine.ls_d_res_high                            2.20 
_refine.ls_percent_reflns_obs                    98.56 
_refine.ls_R_factor_obs                          0.23733 
_refine.ls_R_factor_all                          ? 
_refine.ls_R_factor_R_work                       0.23513 
_refine.ls_R_factor_R_free                       0.28487 
_refine.ls_R_factor_R_free_error                 ? 
_refine.ls_R_factor_R_free_error_details         ? 
_refine.ls_percent_reflns_R_free                 4.6 
_refine.ls_number_reflns_R_free                  343 
_refine.ls_number_parameters                     ? 
_refine.ls_number_restraints                     ? 
_refine.occupancy_min                            ? 
_refine.occupancy_max                            ? 
_refine.correlation_coeff_Fo_to_Fc               0.928 
_refine.correlation_coeff_Fo_to_Fc_free          0.876 
_refine.B_iso_mean                               37.129 
_refine.aniso_B[1][1]                            0.00 
_refine.aniso_B[2][2]                            0.00 
_refine.aniso_B[3][3]                            -0.01 
_refine.aniso_B[1][2]                            0.00 
_refine.aniso_B[1][3]                            0.00 
_refine.aniso_B[2][3]                            0.00 
_refine.solvent_model_details                    MASK 
_refine.solvent_model_param_ksol                 ? 
_refine.solvent_model_param_bsol                 ? 
_refine.pdbx_solvent_vdw_probe_radii             1.40 
_refine.pdbx_solvent_ion_probe_radii             0.80 
_refine.pdbx_solvent_shrinkage_radii             0.80 
_refine.pdbx_ls_cross_valid_method               THROUGHOUT 
_refine.details                                  
'HYDROGENS HAVE BEEN ADDED IN THE RIDING POSITIONS. N-TERMINAL RESIDUES GLY5 AND PRO6 ARE STEROCHEMICALLY REFINED' 
_refine.pdbx_starting_model                      'PDB ENTRY 1NA3' 
_refine.pdbx_method_to_determine_struct          'MOLECULAR REPLACEMENT' 
_refine.pdbx_isotropic_thermal_model             ? 
_refine.pdbx_stereochemistry_target_values       'MAXIMUM LIKELIHOOD' 
_refine.pdbx_stereochem_target_val_spec_case     ? 
_refine.pdbx_R_Free_selection_details            RANDOM 
_refine.pdbx_overall_ESU_R                       0.280 
_refine.pdbx_overall_ESU_R_Free                  0.233 
_refine.overall_SU_ML                            0.145 
_refine.pdbx_overall_phase_error                 ? 
_refine.overall_SU_B                             5.541 
_refine.overall_SU_R_Cruickshank_DPI             ? 
_refine.pdbx_overall_SU_R_free_Cruickshank_DPI   ? 
_refine.pdbx_overall_SU_R_Blow_DPI               ? 
_refine.pdbx_overall_SU_R_free_Blow_DPI          ? 
# 
_refine_hist.pdbx_refine_id                   'X-RAY DIFFRACTION' 
_refine_hist.cycle_id                         LAST 
_refine_hist.pdbx_number_atoms_protein        879 
_refine_hist.pdbx_number_atoms_nucleic_acid   0 
_refine_hist.pdbx_number_atoms_ligand         24 
_refine_hist.number_atoms_solvent             10 
_refine_hist.number_atoms_total               913 
_refine_hist.d_res_high                       2.20 
_refine_hist.d_res_low                        49.22 
# 
loop_
_refine_ls_restr.type 
_refine_ls_restr.dev_ideal 
_refine_ls_restr.dev_ideal_target 
_refine_ls_restr.weight 
_refine_ls_restr.number 
_refine_ls_restr.pdbx_refine_id 
_refine_ls_restr.pdbx_restraint_function 
r_bond_refined_d             0.011  0.022  ? 954  'X-RAY DIFFRACTION' ? 
r_bond_other_d               ?      ?      ? ?    'X-RAY DIFFRACTION' ? 
r_angle_refined_deg          1.181  1.952  ? 1303 'X-RAY DIFFRACTION' ? 
r_angle_other_deg            ?      ?      ? ?    'X-RAY DIFFRACTION' ? 
r_dihedral_angle_1_deg       5.015  5.000  ? 109  'X-RAY DIFFRACTION' ? 
r_dihedral_angle_2_deg       41.969 26.066 ? 61   'X-RAY DIFFRACTION' ? 
r_dihedral_angle_3_deg       17.197 15.000 ? 129  'X-RAY DIFFRACTION' ? 
r_dihedral_angle_4_deg       ?      ?      ? ?    'X-RAY DIFFRACTION' ? 
r_chiral_restr               0.089  0.200  ? 114  'X-RAY DIFFRACTION' ? 
r_gen_planes_refined         0.006  0.020  ? 794  'X-RAY DIFFRACTION' ? 
r_gen_planes_other           ?      ?      ? ?    'X-RAY DIFFRACTION' ? 
r_nbd_refined                ?      ?      ? ?    'X-RAY DIFFRACTION' ? 
r_nbd_other                  ?      ?      ? ?    'X-RAY DIFFRACTION' ? 
r_nbtor_refined              ?      ?      ? ?    'X-RAY DIFFRACTION' ? 
r_nbtor_other                ?      ?      ? ?    'X-RAY DIFFRACTION' ? 
r_xyhbond_nbd_refined        ?      ?      ? ?    'X-RAY DIFFRACTION' ? 
r_xyhbond_nbd_other          ?      ?      ? ?    'X-RAY DIFFRACTION' ? 
r_metal_ion_refined          ?      ?      ? ?    'X-RAY DIFFRACTION' ? 
r_metal_ion_other            ?      ?      ? ?    'X-RAY DIFFRACTION' ? 
r_symmetry_vdw_refined       ?      ?      ? ?    'X-RAY DIFFRACTION' ? 
r_symmetry_vdw_other         ?      ?      ? ?    'X-RAY DIFFRACTION' ? 
r_symmetry_hbond_refined     ?      ?      ? ?    'X-RAY DIFFRACTION' ? 
r_symmetry_hbond_other       ?      ?      ? ?    'X-RAY DIFFRACTION' ? 
r_symmetry_metal_ion_refined ?      ?      ? ?    'X-RAY DIFFRACTION' ? 
r_symmetry_metal_ion_other   ?      ?      ? ?    'X-RAY DIFFRACTION' ? 
r_mcbond_it                  0.712  1.500  ? 534  'X-RAY DIFFRACTION' ? 
r_mcbond_other               ?      ?      ? ?    'X-RAY DIFFRACTION' ? 
r_mcangle_it                 1.470  2.000  ? 840  'X-RAY DIFFRACTION' ? 
r_mcangle_other              ?      ?      ? ?    'X-RAY DIFFRACTION' ? 
r_scbond_it                  2.395  3.000  ? 420  'X-RAY DIFFRACTION' ? 
r_scbond_other               ?      ?      ? ?    'X-RAY DIFFRACTION' ? 
r_scangle_it                 3.993  4.500  ? 463  'X-RAY DIFFRACTION' ? 
r_scangle_other              ?      ?      ? ?    'X-RAY DIFFRACTION' ? 
r_long_range_B_refined       ?      ?      ? ?    'X-RAY DIFFRACTION' ? 
r_long_range_B_other         ?      ?      ? ?    'X-RAY DIFFRACTION' ? 
r_rigid_bond_restr           ?      ?      ? ?    'X-RAY DIFFRACTION' ? 
r_sphericity_free            ?      ?      ? ?    'X-RAY DIFFRACTION' ? 
r_sphericity_bonded          ?      ?      ? ?    'X-RAY DIFFRACTION' ? 
# 
_refine_ls_shell.pdbx_refine_id                   'X-RAY DIFFRACTION' 
_refine_ls_shell.pdbx_total_number_of_bins_used   20 
_refine_ls_shell.d_res_high                       2.202 
_refine_ls_shell.d_res_low                        2.259 
_refine_ls_shell.number_reflns_R_work             505 
_refine_ls_shell.R_factor_R_work                  0.270 
_refine_ls_shell.percent_reflns_obs               97.94 
_refine_ls_shell.R_factor_R_free                  0.336 
_refine_ls_shell.R_factor_R_free_error            ? 
_refine_ls_shell.percent_reflns_R_free            ? 
_refine_ls_shell.number_reflns_R_free             19 
_refine_ls_shell.number_reflns_all                ? 
_refine_ls_shell.R_factor_all                     ? 
# 
_struct.entry_id                  2WQH 
_struct.title                     'Crystal structure of CTPR3Y3' 
_struct.pdbx_model_details        ? 
_struct.pdbx_CASP_flag            ? 
_struct.pdbx_model_type_details   ? 
# 
_struct_keywords.entry_id        2WQH 
_struct_keywords.pdbx_keywords   'DE NOVO PROTEIN' 
_struct_keywords.text            'DE NOVO PROTEIN, MUTANT, TETRATRICOPEPTIDE, TPR DOMAIN' 
# 
loop_
_struct_asym.id 
_struct_asym.pdbx_blank_PDB_chainid_flag 
_struct_asym.pdbx_modified 
_struct_asym.entity_id 
_struct_asym.details 
A N N 1 ? 
B N N 2 ? 
C N N 3 ? 
D N N 4 ? 
E N N 4 ? 
F N N 5 ? 
# 
loop_
_struct_conf.conf_type_id 
_struct_conf.id 
_struct_conf.pdbx_PDB_helix_id 
_struct_conf.beg_label_comp_id 
_struct_conf.beg_label_asym_id 
_struct_conf.beg_label_seq_id 
_struct_conf.pdbx_beg_PDB_ins_code 
_struct_conf.end_label_comp_id 
_struct_conf.end_label_asym_id 
_struct_conf.end_label_seq_id 
_struct_conf.pdbx_end_PDB_ins_code 
_struct_conf.beg_auth_comp_id 
_struct_conf.beg_auth_asym_id 
_struct_conf.beg_auth_seq_id 
_struct_conf.end_auth_comp_id 
_struct_conf.end_auth_asym_id 
_struct_conf.end_auth_seq_id 
_struct_conf.pdbx_PDB_helix_class 
_struct_conf.details 
_struct_conf.pdbx_PDB_helix_length 
HELX_P HELX_P1 1 SER A 8  ? LEU A 15  ? SER A 8  LEU A 15  1 ? 8  
HELX_P HELX_P2 2 ASN A 17 ? GLN A 22  ? ASN A 17 GLN A 22  1 ? 6  
HELX_P HELX_P3 3 ASP A 24 ? TYR A 39  ? ASP A 24 TYR A 39  1 ? 16 
HELX_P HELX_P4 4 ASN A 42 ? LEU A 49  ? ASN A 42 LEU A 49  1 ? 8  
HELX_P HELX_P5 5 ASN A 51 ? GLN A 56  ? ASN A 51 GLN A 56  1 ? 6  
HELX_P HELX_P6 6 ASP A 58 ? TYR A 73  ? ASP A 58 TYR A 73  1 ? 16 
HELX_P HELX_P7 7 ASN A 76 ? LEU A 83  ? ASN A 76 LEU A 83  1 ? 8  
HELX_P HELX_P8 8 ASN A 85 ? GLN A 90  ? ASN A 85 GLN A 90  1 ? 6  
HELX_P HELX_P9 9 ASP A 92 ? LEU A 106 ? ASP A 92 LEU A 106 1 ? 15 
# 
_struct_conf_type.id          HELX_P 
_struct_conf_type.criteria    ? 
_struct_conf_type.reference   ? 
# 
loop_
_struct_mon_prot_cis.pdbx_id 
_struct_mon_prot_cis.label_comp_id 
_struct_mon_prot_cis.label_seq_id 
_struct_mon_prot_cis.label_asym_id 
_struct_mon_prot_cis.label_alt_id 
_struct_mon_prot_cis.pdbx_PDB_ins_code 
_struct_mon_prot_cis.auth_comp_id 
_struct_mon_prot_cis.auth_seq_id 
_struct_mon_prot_cis.auth_asym_id 
_struct_mon_prot_cis.pdbx_label_comp_id_2 
_struct_mon_prot_cis.pdbx_label_seq_id_2 
_struct_mon_prot_cis.pdbx_label_asym_id_2 
_struct_mon_prot_cis.pdbx_PDB_ins_code_2 
_struct_mon_prot_cis.pdbx_auth_comp_id_2 
_struct_mon_prot_cis.pdbx_auth_seq_id_2 
_struct_mon_prot_cis.pdbx_auth_asym_id_2 
_struct_mon_prot_cis.pdbx_PDB_model_num 
_struct_mon_prot_cis.pdbx_omega_angle 
1 PRO 5   A . ? PRO 5   A GLY 6   A ? GLY 6   A 1 -18.54 
2 TYR 107 A . ? TYR 107 A PRO 108 A ? PRO 108 A 1 -10.92 
# 
loop_
_struct_site.id 
_struct_site.pdbx_evidence_code 
_struct_site.pdbx_auth_asym_id 
_struct_site.pdbx_auth_comp_id 
_struct_site.pdbx_auth_seq_id 
_struct_site.pdbx_auth_ins_code 
_struct_site.pdbx_num_residues 
_struct_site.details 
AC1 Software A MRD 1109 ? 3 'BINDING SITE FOR RESIDUE MRD A 1109' 
AC2 Software A MPD 1110 ? 2 'BINDING SITE FOR RESIDUE MPD A 1110' 
AC3 Software A EDO 1111 ? 2 'BINDING SITE FOR RESIDUE EDO A 1111' 
AC4 Software A EDO 1112 ? 4 'BINDING SITE FOR RESIDUE EDO A 1112' 
# 
loop_
_struct_site_gen.id 
_struct_site_gen.site_id 
_struct_site_gen.pdbx_num_res 
_struct_site_gen.label_comp_id 
_struct_site_gen.label_asym_id 
_struct_site_gen.label_seq_id 
_struct_site_gen.pdbx_auth_ins_code 
_struct_site_gen.auth_comp_id 
_struct_site_gen.auth_asym_id 
_struct_site_gen.auth_seq_id 
_struct_site_gen.label_atom_id 
_struct_site_gen.label_alt_id 
_struct_site_gen.symmetry 
_struct_site_gen.details 
1  AC1 3 GLN A 67 ? GLN A 67 . ? 1_555 ? 
2  AC1 3 LEU A 70 ? LEU A 70 . ? 1_555 ? 
3  AC1 3 GLU A 71 ? GLU A 71 . ? 1_555 ? 
4  AC2 2 GLN A 56 ? GLN A 56 . ? 1_555 ? 
5  AC2 2 GLY A 57 ? GLY A 57 . ? 1_555 ? 
6  AC3 2 TYR A 20 ? TYR A 20 . ? 1_555 ? 
7  AC3 2 LYS A 55 ? LYS A 55 . ? 1_555 ? 
8  AC4 4 PRO A 40 ? PRO A 40 . ? 1_555 ? 
9  AC4 4 ASN A 41 ? ASN A 41 . ? 1_555 ? 
10 AC4 4 TRP A 46 ? TRP A 46 . ? 1_555 ? 
11 AC4 4 LYS A 68 ? LYS A 68 . ? 1_555 ? 
# 
_atom_sites.entry_id                    2WQH 
_atom_sites.fract_transf_matrix[1][1]   0.01155484 
_atom_sites.fract_transf_matrix[1][2]   0.00601913 
_atom_sites.fract_transf_matrix[1][3]   0.01318908 
_atom_sites.fract_transf_matrix[2][1]   0.01458020 
_atom_sites.fract_transf_matrix[2][2]   -0.01031781 
_atom_sites.fract_transf_matrix[2][3]   0.00496539 
_atom_sites.fract_transf_matrix[3][1]   0.00463264 
_atom_sites.fract_transf_matrix[3][2]   0.00376611 
_atom_sites.fract_transf_matrix[3][3]   -0.00577736 
_atom_sites.fract_transf_vector[1]      0.463908 
_atom_sites.fract_transf_vector[2]      0.934554 
_atom_sites.fract_transf_vector[3]      0.106042 
# 
loop_
_atom_type.symbol 
C 
N 
O 
# 
loop_
_atom_site.group_PDB 
_atom_site.id 
_atom_site.type_symbol 
_atom_site.label_atom_id 
_atom_site.label_alt_id 
_atom_site.label_comp_id 
_atom_site.label_asym_id 
_atom_site.label_entity_id 
_atom_site.label_seq_id 
_atom_site.pdbx_PDB_ins_code 
_atom_site.Cartn_x 
_atom_site.Cartn_y 
_atom_site.Cartn_z 
_atom_site.occupancy 
_atom_site.B_iso_or_equiv 
_atom_site.pdbx_formal_charge 
_atom_site.auth_seq_id 
_atom_site.auth_comp_id 
_atom_site.auth_asym_id 
_atom_site.auth_atom_id 
_atom_site.pdbx_PDB_model_num 
ATOM   1   N N   . PRO A 1 5   ? -21.398 -3.760  10.277  1.00 65.09 ? 5    PRO A N   1 
ATOM   2   C CA  . PRO A 1 5   ? -21.274 -2.735  11.331  1.00 65.03 ? 5    PRO A CA  1 
ATOM   3   C C   . PRO A 1 5   ? -21.572 -1.266  10.889  1.00 64.46 ? 5    PRO A C   1 
ATOM   4   O O   . PRO A 1 5   ? -22.364 -0.595  11.581  1.00 64.83 ? 5    PRO A O   1 
ATOM   5   C CB  . PRO A 1 5   ? -19.836 -2.919  11.852  1.00 65.44 ? 5    PRO A CB  1 
ATOM   6   C CG  . PRO A 1 5   ? -19.514 -4.380  11.555  1.00 65.70 ? 5    PRO A CG  1 
ATOM   7   C CD  . PRO A 1 5   ? -20.278 -4.723  10.286  1.00 65.25 ? 5    PRO A CD  1 
ATOM   8   N N   . GLY A 1 6   ? -20.940 -0.723  9.831   1.00 63.28 ? 6    GLY A N   1 
ATOM   9   C CA  . GLY A 1 6   ? -19.694 -1.206  9.215   1.00 61.55 ? 6    GLY A CA  1 
ATOM   10  C C   . GLY A 1 6   ? -19.805 -2.007  7.924   1.00 60.25 ? 6    GLY A C   1 
ATOM   11  O O   . GLY A 1 6   ? -19.135 -3.048  7.771   1.00 60.36 ? 6    GLY A O   1 
ATOM   12  N N   . ASN A 1 7   ? -20.634 -1.526  6.996   1.00 58.26 ? 7    ASN A N   1 
ATOM   13  C CA  . ASN A 1 7   ? -20.961 -2.278  5.773   1.00 56.13 ? 7    ASN A CA  1 
ATOM   14  C C   . ASN A 1 7   ? -20.388 -1.672  4.475   1.00 54.52 ? 7    ASN A C   1 
ATOM   15  O O   . ASN A 1 7   ? -20.502 -2.272  3.386   1.00 54.38 ? 7    ASN A O   1 
ATOM   16  C CB  . ASN A 1 7   ? -22.489 -2.524  5.663   1.00 56.70 ? 7    ASN A CB  1 
ATOM   17  C CG  . ASN A 1 7   ? -22.931 -3.861  6.285   1.00 56.62 ? 7    ASN A CG  1 
ATOM   18  O OD1 . ASN A 1 7   ? -22.312 -4.898  6.053   1.00 58.79 ? 7    ASN A OD1 1 
ATOM   19  N ND2 . ASN A 1 7   ? -24.021 -3.834  7.047   1.00 55.28 ? 7    ASN A ND2 1 
ATOM   20  N N   A SER A 1 8   ? -19.792 -0.487  4.583   0.50 53.30 ? 8    SER A N   1 
ATOM   21  N N   B SER A 1 8   ? -19.780 -0.495  4.602   0.50 53.26 ? 8    SER A N   1 
ATOM   22  C CA  A SER A 1 8   ? -19.155 0.144   3.433   0.50 51.81 ? 8    SER A CA  1 
ATOM   23  C CA  B SER A 1 8   ? -19.139 0.162   3.475   0.50 51.72 ? 8    SER A CA  1 
ATOM   24  C C   A SER A 1 8   ? -17.649 -0.039  3.497   0.50 50.72 ? 8    SER A C   1 
ATOM   25  C C   B SER A 1 8   ? -17.643 -0.096  3.538   0.50 50.66 ? 8    SER A C   1 
ATOM   26  O O   A SER A 1 8   ? -16.989 0.420   4.432   0.50 50.52 ? 8    SER A O   1 
ATOM   27  O O   B SER A 1 8   ? -16.981 0.263   4.514   0.50 50.43 ? 8    SER A O   1 
ATOM   28  C CB  A SER A 1 8   ? -19.522 1.623   3.321   0.50 51.87 ? 8    SER A CB  1 
ATOM   29  C CB  B SER A 1 8   ? -19.412 1.662   3.490   0.50 51.74 ? 8    SER A CB  1 
ATOM   30  O OG  A SER A 1 8   ? -20.588 1.811   2.401   0.50 52.07 ? 8    SER A OG  1 
ATOM   31  O OG  B SER A 1 8   ? -18.754 2.298   2.409   0.50 51.78 ? 8    SER A OG  1 
ATOM   32  N N   . ALA A 1 9   ? -17.122 -0.736  2.496   1.00 49.49 ? 9    ALA A N   1 
ATOM   33  C CA  . ALA A 1 9   ? -15.708 -0.968  2.381   1.00 47.64 ? 9    ALA A CA  1 
ATOM   34  C C   . ALA A 1 9   ? -14.997 0.392   2.341   1.00 45.73 ? 9    ALA A C   1 
ATOM   35  O O   . ALA A 1 9   ? -13.952 0.551   2.966   1.00 45.07 ? 9    ALA A O   1 
ATOM   36  C CB  . ALA A 1 9   ? -15.412 -1.785  1.140   1.00 47.80 ? 9    ALA A CB  1 
ATOM   37  N N   . GLU A 1 10  ? -15.603 1.369   1.654   1.00 43.62 ? 10   GLU A N   1 
ATOM   38  C CA  . GLU A 1 10  ? -15.042 2.719   1.520   1.00 42.56 ? 10   GLU A CA  1 
ATOM   39  C C   . GLU A 1 10  ? -14.846 3.463   2.833   1.00 40.70 ? 10   GLU A C   1 
ATOM   40  O O   . GLU A 1 10  ? -13.819 4.129   3.020   1.00 40.46 ? 10   GLU A O   1 
ATOM   41  C CB  . GLU A 1 10  ? -15.898 3.574   0.607   1.00 43.28 ? 10   GLU A CB  1 
ATOM   42  C CG  . GLU A 1 10  ? -15.713 3.264   -0.842  1.00 46.91 ? 10   GLU A CG  1 
ATOM   43  C CD  . GLU A 1 10  ? -16.073 4.446   -1.708  1.00 51.56 ? 10   GLU A CD  1 
ATOM   44  O OE1 . GLU A 1 10  ? -17.284 4.646   -1.987  1.00 51.58 ? 10   GLU A OE1 1 
ATOM   45  O OE2 . GLU A 1 10  ? -15.130 5.174   -2.099  1.00 54.55 ? 10   GLU A OE2 1 
ATOM   46  N N   . ALA A 1 11  ? -15.835 3.344   3.722   1.00 38.11 ? 11   ALA A N   1 
ATOM   47  C CA  . ALA A 1 11  ? -15.815 3.964   5.039   1.00 36.69 ? 11   ALA A CA  1 
ATOM   48  C C   . ALA A 1 11  ? -14.611 3.511   5.878   1.00 35.57 ? 11   ALA A C   1 
ATOM   49  O O   . ALA A 1 11  ? -13.879 4.339   6.381   1.00 35.28 ? 11   ALA A O   1 
ATOM   50  C CB  . ALA A 1 11  ? -17.127 3.684   5.774   1.00 36.01 ? 11   ALA A CB  1 
ATOM   51  N N   . TRP A 1 12  ? -14.402 2.202   5.993   1.00 34.81 ? 12   TRP A N   1 
ATOM   52  C CA  . TRP A 1 12  ? -13.240 1.643   6.698   1.00 34.87 ? 12   TRP A CA  1 
ATOM   53  C C   . TRP A 1 12  ? -11.921 2.072   6.072   1.00 34.14 ? 12   TRP A C   1 
ATOM   54  O O   . TRP A 1 12  ? -10.931 2.261   6.772   1.00 34.05 ? 12   TRP A O   1 
ATOM   55  C CB  . TRP A 1 12  ? -13.283 0.117   6.691   1.00 34.92 ? 12   TRP A CB  1 
ATOM   56  C CG  . TRP A 1 12  ? -14.423 -0.442  7.444   1.00 36.96 ? 12   TRP A CG  1 
ATOM   57  C CD1 . TRP A 1 12  ? -15.554 -0.956  6.921   1.00 38.58 ? 12   TRP A CD1 1 
ATOM   58  C CD2 . TRP A 1 12  ? -14.550 -0.545  8.859   1.00 38.90 ? 12   TRP A CD2 1 
ATOM   59  N NE1 . TRP A 1 12  ? -16.389 -1.383  7.915   1.00 39.51 ? 12   TRP A NE1 1 
ATOM   60  C CE2 . TRP A 1 12  ? -15.791 -1.150  9.120   1.00 39.39 ? 12   TRP A CE2 1 
ATOM   61  C CE3 . TRP A 1 12  ? -13.729 -0.196  9.933   1.00 42.40 ? 12   TRP A CE3 1 
ATOM   62  C CZ2 . TRP A 1 12  ? -16.241 -1.414  10.409  1.00 41.26 ? 12   TRP A CZ2 1 
ATOM   63  C CZ3 . TRP A 1 12  ? -14.171 -0.466  11.224  1.00 44.17 ? 12   TRP A CZ3 1 
ATOM   64  C CH2 . TRP A 1 12  ? -15.423 -1.067  11.450  1.00 43.46 ? 12   TRP A CH2 1 
ATOM   65  N N   . TYR A 1 13  ? -11.924 2.185   4.743   1.00 33.83 ? 13   TYR A N   1 
ATOM   66  C CA  . TYR A 1 13  ? -10.761 2.611   3.970   1.00 33.42 ? 13   TYR A CA  1 
ATOM   67  C C   . TYR A 1 13  ? -10.476 4.078   4.243   1.00 33.33 ? 13   TYR A C   1 
ATOM   68  O O   . TYR A 1 13  ? -9.315  4.459   4.409   1.00 33.67 ? 13   TYR A O   1 
ATOM   69  C CB  . TYR A 1 13  ? -11.006 2.390   2.479   1.00 32.71 ? 13   TYR A CB  1 
ATOM   70  C CG  . TYR A 1 13  ? -10.035 3.102   1.566   1.00 33.58 ? 13   TYR A CG  1 
ATOM   71  C CD1 . TYR A 1 13  ? -8.699  2.681   1.464   1.00 32.71 ? 13   TYR A CD1 1 
ATOM   72  C CD2 . TYR A 1 13  ? -10.436 4.196   0.809   1.00 33.20 ? 13   TYR A CD2 1 
ATOM   73  C CE1 . TYR A 1 13  ? -7.808  3.325   0.624   1.00 31.70 ? 13   TYR A CE1 1 
ATOM   74  C CE2 . TYR A 1 13  ? -9.539  4.860   -0.030  1.00 32.47 ? 13   TYR A CE2 1 
ATOM   75  C CZ  . TYR A 1 13  ? -8.237  4.407   -0.123  1.00 32.29 ? 13   TYR A CZ  1 
ATOM   76  O OH  . TYR A 1 13  ? -7.344  5.043   -0.947  1.00 30.80 ? 13   TYR A OH  1 
ATOM   77  N N   . ASN A 1 14  ? -11.526 4.898   4.282   1.00 32.60 ? 14   ASN A N   1 
ATOM   78  C CA  . ASN A 1 14  ? -11.361 6.314   4.610   1.00 32.75 ? 14   ASN A CA  1 
ATOM   79  C C   . ASN A 1 14  ? -10.786 6.473   6.009   1.00 32.97 ? 14   ASN A C   1 
ATOM   80  O O   . ASN A 1 14  ? -9.854  7.251   6.204   1.00 33.22 ? 14   ASN A O   1 
ATOM   81  C CB  . ASN A 1 14  ? -12.674 7.084   4.461   1.00 32.43 ? 14   ASN A CB  1 
ATOM   82  C CG  . ASN A 1 14  ? -13.072 7.278   2.994   1.00 33.06 ? 14   ASN A CG  1 
ATOM   83  O OD1 . ASN A 1 14  ? -12.223 7.470   2.129   1.00 33.68 ? 14   ASN A OD1 1 
ATOM   84  N ND2 . ASN A 1 14  ? -14.358 7.215   2.715   1.00 32.07 ? 14   ASN A ND2 1 
ATOM   85  N N   . LEU A 1 15  ? -11.315 5.714   6.969   1.00 32.70 ? 15   LEU A N   1 
ATOM   86  C CA  . LEU A 1 15  ? -10.786 5.735   8.336   1.00 33.07 ? 15   LEU A CA  1 
ATOM   87  C C   . LEU A 1 15  ? -9.336  5.286   8.456   1.00 33.14 ? 15   LEU A C   1 
ATOM   88  O O   . LEU A 1 15  ? -8.584  5.868   9.236   1.00 33.78 ? 15   LEU A O   1 
ATOM   89  C CB  . LEU A 1 15  ? -11.658 4.933   9.300   1.00 33.32 ? 15   LEU A CB  1 
ATOM   90  C CG  . LEU A 1 15  ? -12.775 5.780   9.896   1.00 35.35 ? 15   LEU A CG  1 
ATOM   91  C CD1 . LEU A 1 15  ? -13.920 4.883   10.269  1.00 39.76 ? 15   LEU A CD1 1 
ATOM   92  C CD2 . LEU A 1 15  ? -12.256 6.563   11.117  1.00 37.54 ? 15   LEU A CD2 1 
ATOM   93  N N   . GLY A 1 16  ? -8.952  4.254   7.705   1.00 32.46 ? 16   GLY A N   1 
ATOM   94  C CA  . GLY A 1 16  ? -7.564  3.863   7.625   1.00 32.41 ? 16   GLY A CA  1 
ATOM   95  C C   . GLY A 1 16  ? -6.697  5.041   7.204   1.00 33.03 ? 16   GLY A C   1 
ATOM   96  O O   . GLY A 1 16  ? -5.715  5.367   7.875   1.00 33.10 ? 16   GLY A O   1 
ATOM   97  N N   . ASN A 1 17  ? -7.086  5.695   6.117   1.00 32.80 ? 17   ASN A N   1 
ATOM   98  C CA  . ASN A 1 17  ? -6.402  6.882   5.621   1.00 33.71 ? 17   ASN A CA  1 
ATOM   99  C C   . ASN A 1 17  ? -6.255  8.021   6.645   1.00 34.09 ? 17   ASN A C   1 
ATOM   100 O O   . ASN A 1 17  ? -5.201  8.652   6.693   1.00 34.75 ? 17   ASN A O   1 
ATOM   101 C CB  . ASN A 1 17  ? -7.081  7.404   4.349   1.00 32.74 ? 17   ASN A CB  1 
ATOM   102 C CG  . ASN A 1 17  ? -6.858  6.502   3.151   1.00 35.52 ? 17   ASN A CG  1 
ATOM   103 O OD1 . ASN A 1 17  ? -5.992  5.608   3.171   1.00 34.75 ? 17   ASN A OD1 1 
ATOM   104 N ND2 . ASN A 1 17  ? -7.619  6.748   2.074   1.00 32.75 ? 17   ASN A ND2 1 
ATOM   105 N N   . ALA A 1 18  ? -7.288  8.272   7.453   1.00 34.30 ? 18   ALA A N   1 
ATOM   106 C CA  . ALA A 1 18  ? -7.251  9.344   8.475   1.00 34.83 ? 18   ALA A CA  1 
ATOM   107 C C   . ALA A 1 18  ? -6.283  9.024   9.616   1.00 35.58 ? 18   ALA A C   1 
ATOM   108 O O   . ALA A 1 18  ? -5.544  9.891   10.066  1.00 35.43 ? 18   ALA A O   1 
ATOM   109 C CB  . ALA A 1 18  ? -8.613  9.602   9.022   1.00 34.54 ? 18   ALA A CB  1 
ATOM   110 N N   . TYR A 1 19  ? -6.273  7.776   10.070  1.00 36.26 ? 19   TYR A N   1 
ATOM   111 C CA  . TYR A 1 19  ? -5.252  7.341   11.020  1.00 37.51 ? 19   TYR A CA  1 
ATOM   112 C C   . TYR A 1 19  ? -3.844  7.394   10.432  1.00 37.98 ? 19   TYR A C   1 
ATOM   113 O O   . TYR A 1 19  ? -2.930  7.878   11.095  1.00 38.52 ? 19   TYR A O   1 
ATOM   114 C CB  . TYR A 1 19  ? -5.555  5.957   11.580  1.00 37.63 ? 19   TYR A CB  1 
ATOM   115 C CG  . TYR A 1 19  ? -6.602  6.000   12.666  1.00 40.01 ? 19   TYR A CG  1 
ATOM   116 C CD1 . TYR A 1 19  ? -7.904  5.616   12.405  1.00 40.53 ? 19   TYR A CD1 1 
ATOM   117 C CD2 . TYR A 1 19  ? -6.285  6.447   13.955  1.00 41.08 ? 19   TYR A CD2 1 
ATOM   118 C CE1 . TYR A 1 19  ? -8.872  5.651   13.393  1.00 43.28 ? 19   TYR A CE1 1 
ATOM   119 C CE2 . TYR A 1 19  ? -7.245  6.486   14.957  1.00 43.24 ? 19   TYR A CE2 1 
ATOM   120 C CZ  . TYR A 1 19  ? -8.544  6.083   14.664  1.00 44.71 ? 19   TYR A CZ  1 
ATOM   121 O OH  . TYR A 1 19  ? -9.520  6.104   15.630  1.00 47.08 ? 19   TYR A OH  1 
ATOM   122 N N   . TYR A 1 20  ? -3.686  6.936   9.188   1.00 38.20 ? 20   TYR A N   1 
ATOM   123 C CA  . TYR A 1 20  ? -2.399  6.939   8.502   1.00 38.93 ? 20   TYR A CA  1 
ATOM   124 C C   . TYR A 1 20  ? -1.845  8.348   8.463   1.00 40.12 ? 20   TYR A C   1 
ATOM   125 O O   . TYR A 1 20  ? -0.689  8.574   8.804   1.00 40.32 ? 20   TYR A O   1 
ATOM   126 C CB  . TYR A 1 20  ? -2.544  6.372   7.082   1.00 38.54 ? 20   TYR A CB  1 
ATOM   127 C CG  . TYR A 1 20  ? -1.273  6.402   6.244   1.00 37.37 ? 20   TYR A CG  1 
ATOM   128 C CD1 . TYR A 1 20  ? -0.458  5.274   6.126   1.00 35.25 ? 20   TYR A CD1 1 
ATOM   129 C CD2 . TYR A 1 20  ? -0.901  7.556   5.554   1.00 36.45 ? 20   TYR A CD2 1 
ATOM   130 C CE1 . TYR A 1 20  ? 0.716   5.300   5.353   1.00 34.12 ? 20   TYR A CE1 1 
ATOM   131 C CE2 . TYR A 1 20  ? 0.262   7.596   4.791   1.00 37.05 ? 20   TYR A CE2 1 
ATOM   132 C CZ  . TYR A 1 20  ? 1.061   6.466   4.702   1.00 35.47 ? 20   TYR A CZ  1 
ATOM   133 O OH  . TYR A 1 20  ? 2.175   6.518   3.934   1.00 36.86 ? 20   TYR A OH  1 
ATOM   134 N N   . LYS A 1 21  ? -2.683  9.291   8.048   1.00 42.10 ? 21   LYS A N   1 
ATOM   135 C CA  . LYS A 1 21  ? -2.322  10.708  8.012   1.00 43.86 ? 21   LYS A CA  1 
ATOM   136 C C   . LYS A 1 21  ? -1.850  11.230  9.366   1.00 44.33 ? 21   LYS A C   1 
ATOM   137 O O   . LYS A 1 21  ? -0.994  12.108  9.419   1.00 45.14 ? 21   LYS A O   1 
ATOM   138 C CB  . LYS A 1 21  ? -3.513  11.529  7.542   1.00 44.33 ? 21   LYS A CB  1 
ATOM   139 C CG  . LYS A 1 21  ? -3.193  12.958  7.159   1.00 47.42 ? 21   LYS A CG  1 
ATOM   140 C CD  . LYS A 1 21  ? -4.473  13.685  6.742   1.00 52.58 ? 21   LYS A CD  1 
ATOM   141 C CE  . LYS A 1 21  ? -4.848  13.427  5.275   1.00 54.81 ? 21   LYS A CE  1 
ATOM   142 N NZ  . LYS A 1 21  ? -4.471  14.592  4.415   1.00 56.75 ? 21   LYS A NZ  1 
ATOM   143 N N   . GLN A 1 22  ? -2.407  10.693  10.448  1.00 45.08 ? 22   GLN A N   1 
ATOM   144 C CA  . GLN A 1 22  ? -2.081  11.131  11.809  1.00 45.98 ? 22   GLN A CA  1 
ATOM   145 C C   . GLN A 1 22  ? -0.819  10.472  12.352  1.00 45.72 ? 22   GLN A C   1 
ATOM   146 O O   . GLN A 1 22  ? -0.351  10.822  13.436  1.00 46.32 ? 22   GLN A O   1 
ATOM   147 C CB  . GLN A 1 22  ? -3.260  10.865  12.760  1.00 46.18 ? 22   GLN A CB  1 
ATOM   148 C CG  . GLN A 1 22  ? -4.040  12.117  13.223  1.00 49.30 ? 22   GLN A CG  1 
ATOM   149 C CD  . GLN A 1 22  ? -4.742  12.887  12.093  1.00 54.34 ? 22   GLN A CD  1 
ATOM   150 O OE1 . GLN A 1 22  ? -5.660  12.371  11.430  1.00 55.48 ? 22   GLN A OE1 1 
ATOM   151 N NE2 . GLN A 1 22  ? -4.329  14.148  11.890  1.00 54.71 ? 22   GLN A NE2 1 
ATOM   152 N N   . GLY A 1 23  ? -0.280  9.505   11.610  1.00 45.30 ? 23   GLY A N   1 
ATOM   153 C CA  . GLY A 1 23  ? 0.926   8.776   12.033  1.00 43.98 ? 23   GLY A CA  1 
ATOM   154 C C   . GLY A 1 23  ? 0.638   7.597   12.940  1.00 43.30 ? 23   GLY A C   1 
ATOM   155 O O   . GLY A 1 23  ? 1.557   7.021   13.530  1.00 43.67 ? 23   GLY A O   1 
ATOM   156 N N   A ASP A 1 24  ? -0.640  7.245   13.062  0.50 42.66 ? 24   ASP A N   1 
ATOM   157 N N   B ASP A 1 24  ? -0.637  7.237   13.056  0.50 42.77 ? 24   ASP A N   1 
ATOM   158 C CA  A ASP A 1 24  ? -1.061  6.089   13.847  0.50 41.82 ? 24   ASP A CA  1 
ATOM   159 C CA  B ASP A 1 24  ? -1.043  6.089   13.857  0.50 42.04 ? 24   ASP A CA  1 
ATOM   160 C C   A ASP A 1 24  ? -1.179  4.881   12.928  0.50 41.43 ? 24   ASP A C   1 
ATOM   161 C C   B ASP A 1 24  ? -1.176  4.875   12.945  0.50 41.55 ? 24   ASP A C   1 
ATOM   162 O O   A ASP A 1 24  ? -2.281  4.458   12.572  0.50 40.98 ? 24   ASP A O   1 
ATOM   163 O O   B ASP A 1 24  ? -2.283  4.445   12.611  0.50 41.11 ? 24   ASP A O   1 
ATOM   164 C CB  A ASP A 1 24  ? -2.394  6.368   14.535  0.50 41.64 ? 24   ASP A CB  1 
ATOM   165 C CB  B ASP A 1 24  ? -2.357  6.381   14.573  0.50 41.93 ? 24   ASP A CB  1 
ATOM   166 C CG  A ASP A 1 24  ? -2.295  7.465   15.575  0.50 41.98 ? 24   ASP A CG  1 
ATOM   167 C CG  B ASP A 1 24  ? -2.660  5.377   15.663  0.50 42.98 ? 24   ASP A CG  1 
ATOM   168 O OD1 A ASP A 1 24  ? -1.181  7.709   16.084  0.50 42.12 ? 24   ASP A OD1 1 
ATOM   169 O OD1 B ASP A 1 24  ? -3.609  5.627   16.449  0.50 44.54 ? 24   ASP A OD1 1 
ATOM   170 O OD2 A ASP A 1 24  ? -3.338  8.080   15.890  0.50 43.01 ? 24   ASP A OD2 1 
ATOM   171 O OD2 B ASP A 1 24  ? -1.962  4.336   15.734  0.50 41.85 ? 24   ASP A OD2 1 
ATOM   172 N N   . TYR A 1 25  ? -0.027  4.340   12.544  1.00 40.95 ? 25   TYR A N   1 
ATOM   173 C CA  . TYR A 1 25  ? 0.044   3.263   11.551  1.00 40.40 ? 25   TYR A CA  1 
ATOM   174 C C   . TYR A 1 25  ? -0.594  1.955   11.968  1.00 40.03 ? 25   TYR A C   1 
ATOM   175 O O   . TYR A 1 25  ? -1.196  1.277   11.142  1.00 39.81 ? 25   TYR A O   1 
ATOM   176 C CB  . TYR A 1 25  ? 1.488   3.060   11.091  1.00 39.67 ? 25   TYR A CB  1 
ATOM   177 C CG  . TYR A 1 25  ? 2.075   4.339   10.544  1.00 38.31 ? 25   TYR A CG  1 
ATOM   178 C CD1 . TYR A 1 25  ? 1.443   5.030   9.523   1.00 33.99 ? 25   TYR A CD1 1 
ATOM   179 C CD2 . TYR A 1 25  ? 3.238   4.886   11.084  1.00 37.98 ? 25   TYR A CD2 1 
ATOM   180 C CE1 . TYR A 1 25  ? 1.955   6.199   9.023   1.00 34.20 ? 25   TYR A CE1 1 
ATOM   181 C CE2 . TYR A 1 25  ? 3.762   6.085   10.594  1.00 36.82 ? 25   TYR A CE2 1 
ATOM   182 C CZ  . TYR A 1 25  ? 3.117   6.731   9.562   1.00 36.04 ? 25   TYR A CZ  1 
ATOM   183 O OH  . TYR A 1 25  ? 3.634   7.908   9.069   1.00 36.13 ? 25   TYR A OH  1 
ATOM   184 N N   A ASP A 1 26  ? -0.452  1.617   13.248  0.50 39.55 ? 26   ASP A N   1 
ATOM   185 N N   B ASP A 1 26  ? -0.468  1.612   13.245  0.50 39.94 ? 26   ASP A N   1 
ATOM   186 C CA  A ASP A 1 26  ? -1.055  0.420   13.828  0.50 39.37 ? 26   ASP A CA  1 
ATOM   187 C CA  B ASP A 1 26  ? -1.058  0.390   13.778  0.50 40.08 ? 26   ASP A CA  1 
ATOM   188 C C   A ASP A 1 26  ? -2.566  0.402   13.620  0.50 39.21 ? 26   ASP A C   1 
ATOM   189 C C   B ASP A 1 26  ? -2.582  0.385   13.649  0.50 39.64 ? 26   ASP A C   1 
ATOM   190 O O   A ASP A 1 26  ? -3.138  -0.608  13.212  0.50 38.94 ? 26   ASP A O   1 
ATOM   191 O O   B ASP A 1 26  ? -3.181  -0.636  13.313  0.50 39.33 ? 26   ASP A O   1 
ATOM   192 C CB  A ASP A 1 26  ? -0.761  0.359   15.328  0.50 39.27 ? 26   ASP A CB  1 
ATOM   193 C CB  B ASP A 1 26  ? -0.643  0.198   15.236  0.50 40.53 ? 26   ASP A CB  1 
ATOM   194 C CG  A ASP A 1 26  ? 0.628   -0.166  15.634  0.50 38.85 ? 26   ASP A CG  1 
ATOM   195 C CG  B ASP A 1 26  ? -0.478  1.515   15.978  0.50 41.38 ? 26   ASP A CG  1 
ATOM   196 O OD1 A ASP A 1 26  ? 1.618   0.565   15.415  0.50 38.08 ? 26   ASP A OD1 1 
ATOM   197 O OD1 B ASP A 1 26  ? 0.108   2.468   15.415  0.50 44.02 ? 26   ASP A OD1 1 
ATOM   198 O OD2 A ASP A 1 26  ? 0.716   -1.305  16.127  0.50 36.75 ? 26   ASP A OD2 1 
ATOM   199 O OD2 B ASP A 1 26  ? -0.919  1.589   17.139  0.50 42.85 ? 26   ASP A OD2 1 
ATOM   200 N N   . GLU A 1 27  ? -3.193  1.537   13.916  1.00 39.25 ? 27   GLU A N   1 
ATOM   201 C CA  . GLU A 1 27  ? -4.641  1.699   13.804  1.00 39.53 ? 27   GLU A CA  1 
ATOM   202 C C   . GLU A 1 27  ? -5.067  1.657   12.347  1.00 37.97 ? 27   GLU A C   1 
ATOM   203 O O   . GLU A 1 27  ? -6.025  0.965   11.991  1.00 38.08 ? 27   GLU A O   1 
ATOM   204 C CB  . GLU A 1 27  ? -5.063  3.037   14.434  1.00 40.17 ? 27   GLU A CB  1 
ATOM   205 C CG  . GLU A 1 27  ? -5.208  2.989   15.950  1.00 44.93 ? 27   GLU A CG  1 
ATOM   206 C CD  . GLU A 1 27  ? -6.497  2.305   16.370  1.00 51.14 ? 27   GLU A CD  1 
ATOM   207 O OE1 . GLU A 1 27  ? -6.444  1.096   16.712  1.00 52.57 ? 27   GLU A OE1 1 
ATOM   208 O OE2 . GLU A 1 27  ? -7.570  2.970   16.339  1.00 53.40 ? 27   GLU A OE2 1 
ATOM   209 N N   . ALA A 1 28  ? -4.346  2.415   11.525  1.00 36.18 ? 28   ALA A N   1 
ATOM   210 C CA  . ALA A 1 28  ? -4.584  2.477   10.099  1.00 35.64 ? 28   ALA A CA  1 
ATOM   211 C C   . ALA A 1 28  ? -4.640  1.062   9.499   1.00 34.82 ? 28   ALA A C   1 
ATOM   212 O O   . ALA A 1 28  ? -5.568  0.720   8.800   1.00 34.31 ? 28   ALA A O   1 
ATOM   213 C CB  . ALA A 1 28  ? -3.516  3.344   9.421   1.00 34.97 ? 28   ALA A CB  1 
ATOM   214 N N   . ILE A 1 29  ? -3.663  0.234   9.847   1.00 34.69 ? 29   ILE A N   1 
ATOM   215 C CA  . ILE A 1 29  ? -3.607  -1.157  9.390   1.00 34.11 ? 29   ILE A CA  1 
ATOM   216 C C   . ILE A 1 29  ? -4.875  -1.956  9.745   1.00 34.84 ? 29   ILE A C   1 
ATOM   217 O O   . ILE A 1 29  ? -5.424  -2.672  8.903   1.00 34.70 ? 29   ILE A O   1 
ATOM   218 C CB  . ILE A 1 29  ? -2.320  -1.842  9.906   1.00 33.95 ? 29   ILE A CB  1 
ATOM   219 C CG1 . ILE A 1 29  ? -1.108  -1.231  9.173   1.00 32.95 ? 29   ILE A CG1 1 
ATOM   220 C CG2 . ILE A 1 29  ? -2.388  -3.353  9.721   1.00 31.52 ? 29   ILE A CG2 1 
ATOM   221 C CD1 . ILE A 1 29  ? 0.264   -1.531  9.808   1.00 33.80 ? 29   ILE A CD1 1 
ATOM   222 N N   . GLU A 1 30  ? -5.356  -1.816  10.976  1.00 35.14 ? 30   GLU A N   1 
ATOM   223 C CA  . GLU A 1 30  ? -6.525  -2.575  11.395  1.00 36.22 ? 30   GLU A CA  1 
ATOM   224 C C   . GLU A 1 30  ? -7.767  -2.197  10.591  1.00 35.37 ? 30   GLU A C   1 
ATOM   225 O O   . GLU A 1 30  ? -8.568  -3.065  10.246  1.00 35.54 ? 30   GLU A O   1 
ATOM   226 C CB  . GLU A 1 30  ? -6.774  -2.396  12.884  1.00 36.52 ? 30   GLU A CB  1 
ATOM   227 C CG  . GLU A 1 30  ? -6.073  -3.411  13.756  1.00 40.09 ? 30   GLU A CG  1 
ATOM   228 C CD  . GLU A 1 30  ? -6.246  -3.083  15.218  1.00 45.14 ? 30   GLU A CD  1 
ATOM   229 O OE1 . GLU A 1 30  ? -5.261  -2.641  15.845  1.00 49.47 ? 30   GLU A OE1 1 
ATOM   230 O OE2 . GLU A 1 30  ? -7.375  -3.237  15.736  1.00 47.40 ? 30   GLU A OE2 1 
ATOM   231 N N   . TYR A 1 31  ? -7.913  -0.909  10.295  1.00 35.14 ? 31   TYR A N   1 
ATOM   232 C CA  . TYR A 1 31  ? -9.020  -0.430  9.456   1.00 35.13 ? 31   TYR A CA  1 
ATOM   233 C C   . TYR A 1 31  ? -8.921  -0.879  8.007   1.00 34.51 ? 31   TYR A C   1 
ATOM   234 O O   . TYR A 1 31  ? -9.940  -1.221  7.406   1.00 34.89 ? 31   TYR A O   1 
ATOM   235 C CB  . TYR A 1 31  ? -9.165  1.087   9.531   1.00 35.11 ? 31   TYR A CB  1 
ATOM   236 C CG  . TYR A 1 31  ? -9.804  1.541   10.823  1.00 37.95 ? 31   TYR A CG  1 
ATOM   237 C CD1 . TYR A 1 31  ? -11.190 1.641   10.945  1.00 41.72 ? 31   TYR A CD1 1 
ATOM   238 C CD2 . TYR A 1 31  ? -9.023  1.878   11.930  1.00 40.88 ? 31   TYR A CD2 1 
ATOM   239 C CE1 . TYR A 1 31  ? -11.785 2.057   12.152  1.00 42.07 ? 31   TYR A CE1 1 
ATOM   240 C CE2 . TYR A 1 31  ? -9.605  2.294   13.128  1.00 43.30 ? 31   TYR A CE2 1 
ATOM   241 C CZ  . TYR A 1 31  ? -10.986 2.378   13.229  1.00 43.50 ? 31   TYR A CZ  1 
ATOM   242 O OH  . TYR A 1 31  ? -11.550 2.776   14.417  1.00 45.99 ? 31   TYR A OH  1 
ATOM   243 N N   . TYR A 1 32  ? -7.705  -0.878  7.448   1.00 33.18 ? 32   TYR A N   1 
ATOM   244 C CA  . TYR A 1 32  ? -7.513  -1.265  6.049   1.00 32.37 ? 32   TYR A CA  1 
ATOM   245 C C   . TYR A 1 32  ? -7.836  -2.738  5.915   1.00 32.53 ? 32   TYR A C   1 
ATOM   246 O O   . TYR A 1 32  ? -8.476  -3.158  4.954   1.00 32.20 ? 32   TYR A O   1 
ATOM   247 C CB  . TYR A 1 32  ? -6.080  -1.009  5.567   1.00 31.31 ? 32   TYR A CB  1 
ATOM   248 C CG  . TYR A 1 32  ? -5.698  0.447   5.351   1.00 29.45 ? 32   TYR A CG  1 
ATOM   249 C CD1 . TYR A 1 32  ? -6.550  1.347   4.687   1.00 28.44 ? 32   TYR A CD1 1 
ATOM   250 C CD2 . TYR A 1 32  ? -4.461  0.908   5.765   1.00 27.65 ? 32   TYR A CD2 1 
ATOM   251 C CE1 . TYR A 1 32  ? -6.179  2.681   4.506   1.00 29.00 ? 32   TYR A CE1 1 
ATOM   252 C CE2 . TYR A 1 32  ? -4.070  2.203   5.575   1.00 26.36 ? 32   TYR A CE2 1 
ATOM   253 C CZ  . TYR A 1 32  ? -4.923  3.091   4.965   1.00 29.96 ? 32   TYR A CZ  1 
ATOM   254 O OH  . TYR A 1 32  ? -4.480  4.362   4.794   1.00 30.04 ? 32   TYR A OH  1 
ATOM   255 N N   . GLN A 1 33  ? -7.403  -3.509  6.901   1.00 32.80 ? 33   GLN A N   1 
ATOM   256 C CA  . GLN A 1 33  ? -7.678  -4.928  6.936   1.00 34.48 ? 33   GLN A CA  1 
ATOM   257 C C   . GLN A 1 33  ? -9.174  -5.214  7.020   1.00 34.12 ? 33   GLN A C   1 
ATOM   258 O O   . GLN A 1 33  ? -9.636  -6.201  6.453   1.00 33.95 ? 33   GLN A O   1 
ATOM   259 C CB  . GLN A 1 33  ? -6.947  -5.579  8.095   1.00 34.11 ? 33   GLN A CB  1 
ATOM   260 C CG  . GLN A 1 33  ? -5.460  -5.729  7.809   1.00 38.17 ? 33   GLN A CG  1 
ATOM   261 C CD  . GLN A 1 33  ? -4.706  -6.244  8.994   1.00 41.36 ? 33   GLN A CD  1 
ATOM   262 O OE1 . GLN A 1 33  ? -5.212  -6.208  10.120  1.00 45.22 ? 33   GLN A OE1 1 
ATOM   263 N NE2 . GLN A 1 33  ? -3.491  -6.746  8.763   1.00 43.11 ? 33   GLN A NE2 1 
ATOM   264 N N   . LYS A 1 34  ? -9.915  -4.366  7.738   1.00 33.57 ? 34   LYS A N   1 
ATOM   265 C CA  . LYS A 1 34  ? -11.367 -4.495  7.791   1.00 34.18 ? 34   LYS A CA  1 
ATOM   266 C C   . LYS A 1 34  ? -11.974 -4.160  6.427   1.00 33.67 ? 34   LYS A C   1 
ATOM   267 O O   . LYS A 1 34  ? -12.886 -4.844  5.977   1.00 33.91 ? 34   LYS A O   1 
ATOM   268 C CB  . LYS A 1 34  ? -11.979 -3.604  8.880   1.00 35.04 ? 34   LYS A CB  1 
ATOM   269 C CG  . LYS A 1 34  ? -13.511 -3.715  8.990   1.00 38.54 ? 34   LYS A CG  1 
ATOM   270 C CD  . LYS A 1 34  ? -13.965 -5.108  9.530   1.00 43.06 ? 34   LYS A CD  1 
ATOM   271 C CE  . LYS A 1 34  ? -15.474 -5.141  9.795   1.00 46.58 ? 34   LYS A CE  1 
ATOM   272 N NZ  . LYS A 1 34  ? -15.966 -6.451  10.342  1.00 47.00 ? 34   LYS A NZ  1 
ATOM   273 N N   . ALA A 1 35  ? -11.469 -3.119  5.762   1.00 32.18 ? 35   ALA A N   1 
ATOM   274 C CA  . ALA A 1 35  ? -11.952 -2.824  4.418   1.00 31.89 ? 35   ALA A CA  1 
ATOM   275 C C   . ALA A 1 35  ? -11.767 -4.028  3.498   1.00 31.87 ? 35   ALA A C   1 
ATOM   276 O O   . ALA A 1 35  ? -12.632 -4.316  2.686   1.00 31.20 ? 35   ALA A O   1 
ATOM   277 C CB  . ALA A 1 35  ? -11.257 -1.589  3.827   1.00 31.11 ? 35   ALA A CB  1 
ATOM   278 N N   . LEU A 1 36  ? -10.631 -4.713  3.633   1.00 32.06 ? 36   LEU A N   1 
ATOM   279 C CA  . LEU A 1 36  ? -10.264 -5.777  2.711   1.00 32.43 ? 36   LEU A CA  1 
ATOM   280 C C   . LEU A 1 36  ? -11.046 -7.060  2.981   1.00 33.23 ? 36   LEU A C   1 
ATOM   281 O O   . LEU A 1 36  ? -11.299 -7.852  2.062   1.00 32.92 ? 36   LEU A O   1 
ATOM   282 C CB  . LEU A 1 36  ? -8.768  -6.042  2.767   1.00 32.05 ? 36   LEU A CB  1 
ATOM   283 C CG  . LEU A 1 36  ? -7.870  -5.026  2.077   1.00 32.30 ? 36   LEU A CG  1 
ATOM   284 C CD1 . LEU A 1 36  ? -6.432  -5.306  2.443   1.00 31.85 ? 36   LEU A CD1 1 
ATOM   285 C CD2 . LEU A 1 36  ? -8.071  -5.064  0.562   1.00 33.06 ? 36   LEU A CD2 1 
ATOM   286 N N   . GLU A 1 37  ? -11.411 -7.273  4.241   1.00 33.51 ? 37   GLU A N   1 
ATOM   287 C CA  . GLU A 1 37  ? -12.294 -8.380  4.610   1.00 34.71 ? 37   GLU A CA  1 
ATOM   288 C C   . GLU A 1 37  ? -13.653 -8.258  3.899   1.00 33.86 ? 37   GLU A C   1 
ATOM   289 O O   . GLU A 1 37  ? -14.201 -9.252  3.416   1.00 32.90 ? 37   GLU A O   1 
ATOM   290 C CB  . GLU A 1 37  ? -12.499 -8.357  6.115   1.00 36.13 ? 37   GLU A CB  1 
ATOM   291 C CG  . GLU A 1 37  ? -12.648 -9.689  6.763   1.00 40.99 ? 37   GLU A CG  1 
ATOM   292 C CD  . GLU A 1 37  ? -12.785 -9.541  8.270   1.00 44.92 ? 37   GLU A CD  1 
ATOM   293 O OE1 . GLU A 1 37  ? -11.774 -9.310  8.965   1.00 47.41 ? 37   GLU A OE1 1 
ATOM   294 O OE2 . GLU A 1 37  ? -13.926 -9.632  8.744   1.00 47.60 ? 37   GLU A OE2 1 
ATOM   295 N N   . LEU A 1 38  ? -14.191 -7.036  3.830   1.00 32.75 ? 38   LEU A N   1 
ATOM   296 C CA  . LEU A 1 38  ? -15.442 -6.795  3.093   1.00 31.90 ? 38   LEU A CA  1 
ATOM   297 C C   . LEU A 1 38  ? -15.208 -6.929  1.599   1.00 31.00 ? 38   LEU A C   1 
ATOM   298 O O   . LEU A 1 38  ? -16.028 -7.493  0.850   1.00 28.10 ? 38   LEU A O   1 
ATOM   299 C CB  . LEU A 1 38  ? -16.000 -5.387  3.378   1.00 32.33 ? 38   LEU A CB  1 
ATOM   300 C CG  . LEU A 1 38  ? -16.761 -5.214  4.696   1.00 35.98 ? 38   LEU A CG  1 
ATOM   301 C CD1 . LEU A 1 38  ? -16.805 -3.755  5.173   1.00 37.94 ? 38   LEU A CD1 1 
ATOM   302 C CD2 . LEU A 1 38  ? -18.179 -5.811  4.584   1.00 39.09 ? 38   LEU A CD2 1 
ATOM   303 N N   . TYR A 1 39  ? -14.068 -6.385  1.172   1.00 30.33 ? 39   TYR A N   1 
ATOM   304 C CA  . TYR A 1 39  ? -13.824 -6.203  -0.243  1.00 30.59 ? 39   TYR A CA  1 
ATOM   305 C C   . TYR A 1 39  ? -12.367 -6.551  -0.528  1.00 30.33 ? 39   TYR A C   1 
ATOM   306 O O   . TYR A 1 39  ? -11.529 -5.663  -0.589  1.00 30.72 ? 39   TYR A O   1 
ATOM   307 C CB  . TYR A 1 39  ? -14.220 -4.774  -0.631  1.00 30.06 ? 39   TYR A CB  1 
ATOM   308 C CG  . TYR A 1 39  ? -13.869 -4.321  -2.030  1.00 30.27 ? 39   TYR A CG  1 
ATOM   309 C CD1 . TYR A 1 39  ? -13.645 -5.233  -3.071  1.00 29.56 ? 39   TYR A CD1 1 
ATOM   310 C CD2 . TYR A 1 39  ? -13.813 -2.962  -2.319  1.00 29.42 ? 39   TYR A CD2 1 
ATOM   311 C CE1 . TYR A 1 39  ? -13.329 -4.783  -4.357  1.00 30.33 ? 39   TYR A CE1 1 
ATOM   312 C CE2 . TYR A 1 39  ? -13.508 -2.505  -3.588  1.00 29.66 ? 39   TYR A CE2 1 
ATOM   313 C CZ  . TYR A 1 39  ? -13.257 -3.409  -4.594  1.00 30.75 ? 39   TYR A CZ  1 
ATOM   314 O OH  . TYR A 1 39  ? -12.947 -2.916  -5.837  1.00 30.95 ? 39   TYR A OH  1 
ATOM   315 N N   . PRO A 1 40  ? -12.067 -7.866  -0.661  1.00 30.16 ? 40   PRO A N   1 
ATOM   316 C CA  . PRO A 1 40  ? -10.697 -8.380  -0.829  1.00 30.04 ? 40   PRO A CA  1 
ATOM   317 C C   . PRO A 1 40  ? -9.983  -7.849  -2.077  1.00 30.41 ? 40   PRO A C   1 
ATOM   318 O O   . PRO A 1 40  ? -8.747  -7.798  -2.102  1.00 30.50 ? 40   PRO A O   1 
ATOM   319 C CB  . PRO A 1 40  ? -10.886 -9.904  -0.936  1.00 30.67 ? 40   PRO A CB  1 
ATOM   320 C CG  . PRO A 1 40  ? -12.210 -10.201 -0.303  1.00 30.65 ? 40   PRO A CG  1 
ATOM   321 C CD  . PRO A 1 40  ? -13.055 -8.945  -0.467  1.00 30.24 ? 40   PRO A CD  1 
ATOM   322 N N   . ASN A 1 41  ? -10.744 -7.469  -3.102  1.00 29.93 ? 41   ASN A N   1 
ATOM   323 C CA  . ASN A 1 41  ? -10.159 -6.922  -4.323  1.00 30.31 ? 41   ASN A CA  1 
ATOM   324 C C   . ASN A 1 41  ? -9.934  -5.404  -4.337  1.00 30.06 ? 41   ASN A C   1 
ATOM   325 O O   . ASN A 1 41  ? -9.644  -4.835  -5.374  1.00 30.17 ? 41   ASN A O   1 
ATOM   326 C CB  . ASN A 1 41  ? -10.995 -7.341  -5.522  1.00 30.27 ? 41   ASN A CB  1 
ATOM   327 C CG  . ASN A 1 41  ? -10.907 -8.817  -5.777  1.00 31.66 ? 41   ASN A CG  1 
ATOM   328 O OD1 . ASN A 1 41  ? -9.850  -9.421  -5.607  1.00 30.83 ? 41   ASN A OD1 1 
ATOM   329 N ND2 . ASN A 1 41  ? -12.018 -9.417  -6.158  1.00 32.07 ? 41   ASN A ND2 1 
ATOM   330 N N   . ASN A 1 42  ? -10.053 -4.752  -3.190  1.00 30.03 ? 42   ASN A N   1 
ATOM   331 C CA  . ASN A 1 42  ? -9.846  -3.297  -3.122  1.00 29.78 ? 42   ASN A CA  1 
ATOM   332 C C   . ASN A 1 42  ? -8.360  -2.970  -3.274  1.00 29.69 ? 42   ASN A C   1 
ATOM   333 O O   . ASN A 1 42  ? -7.619  -2.971  -2.290  1.00 29.68 ? 42   ASN A O   1 
ATOM   334 C CB  . ASN A 1 42  ? -10.358 -2.765  -1.799  1.00 29.51 ? 42   ASN A CB  1 
ATOM   335 C CG  . ASN A 1 42  ? -10.316 -1.259  -1.726  1.00 30.93 ? 42   ASN A CG  1 
ATOM   336 O OD1 . ASN A 1 42  ? -9.656  -0.612  -2.525  1.00 32.41 ? 42   ASN A OD1 1 
ATOM   337 N ND2 . ASN A 1 42  ? -11.038 -0.693  -0.767  1.00 31.72 ? 42   ASN A ND2 1 
ATOM   338 N N   . ALA A 1 43  ? -7.926  -2.704  -4.508  1.00 29.19 ? 43   ALA A N   1 
ATOM   339 C CA  . ALA A 1 43  ? -6.510  -2.384  -4.792  1.00 29.38 ? 43   ALA A CA  1 
ATOM   340 C C   . ALA A 1 43  ? -5.976  -1.209  -3.950  1.00 29.06 ? 43   ALA A C   1 
ATOM   341 O O   . ALA A 1 43  ? -4.850  -1.230  -3.458  1.00 28.90 ? 43   ALA A O   1 
ATOM   342 C CB  . ALA A 1 43  ? -6.311  -2.115  -6.292  1.00 28.84 ? 43   ALA A CB  1 
ATOM   343 N N   . GLU A 1 44  ? -6.827  -0.211  -3.748  1.00 29.14 ? 44   GLU A N   1 
ATOM   344 C CA  . GLU A 1 44  ? -6.454  0.983   -3.005  1.00 29.51 ? 44   GLU A CA  1 
ATOM   345 C C   . GLU A 1 44  ? -6.231  0.691   -1.531  1.00 28.61 ? 44   GLU A C   1 
ATOM   346 O O   . GLU A 1 44  ? -5.381  1.332   -0.916  1.00 28.43 ? 44   GLU A O   1 
ATOM   347 C CB  . GLU A 1 44  ? -7.498  2.082   -3.195  1.00 30.17 ? 44   GLU A CB  1 
ATOM   348 C CG  . GLU A 1 44  ? -7.553  2.597   -4.634  1.00 35.57 ? 44   GLU A CG  1 
ATOM   349 C CD  . GLU A 1 44  ? -6.423  3.585   -4.993  1.00 42.55 ? 44   GLU A CD  1 
ATOM   350 O OE1 . GLU A 1 44  ? -5.227  3.354   -4.653  1.00 42.49 ? 44   GLU A OE1 1 
ATOM   351 O OE2 . GLU A 1 44  ? -6.752  4.606   -5.649  1.00 46.56 ? 44   GLU A OE2 1 
ATOM   352 N N   . ALA A 1 45  ? -6.971  -0.277  -0.976  1.00 27.22 ? 45   ALA A N   1 
ATOM   353 C CA  . ALA A 1 45  ? -6.739  -0.695  0.395   1.00 27.57 ? 45   ALA A CA  1 
ATOM   354 C C   . ALA A 1 45  ? -5.423  -1.494  0.513   1.00 27.97 ? 45   ALA A C   1 
ATOM   355 O O   . ALA A 1 45  ? -4.687  -1.320  1.479   1.00 28.86 ? 45   ALA A O   1 
ATOM   356 C CB  . ALA A 1 45  ? -7.925  -1.496  0.954   1.00 26.71 ? 45   ALA A CB  1 
ATOM   357 N N   . TRP A 1 46  ? -5.131  -2.355  -0.460  1.00 28.39 ? 46   TRP A N   1 
ATOM   358 C CA  . TRP A 1 46  ? -3.865  -3.107  -0.440  1.00 28.83 ? 46   TRP A CA  1 
ATOM   359 C C   . TRP A 1 46  ? -2.699  -2.129  -0.483  1.00 28.60 ? 46   TRP A C   1 
ATOM   360 O O   . TRP A 1 46  ? -1.741  -2.267  0.274   1.00 28.11 ? 46   TRP A O   1 
ATOM   361 C CB  . TRP A 1 46  ? -3.758  -4.072  -1.614  1.00 28.09 ? 46   TRP A CB  1 
ATOM   362 C CG  . TRP A 1 46  ? -4.626  -5.292  -1.499  1.00 29.63 ? 46   TRP A CG  1 
ATOM   363 C CD1 . TRP A 1 46  ? -5.720  -5.597  -2.263  1.00 28.20 ? 46   TRP A CD1 1 
ATOM   364 C CD2 . TRP A 1 46  ? -4.438  -6.400  -0.603  1.00 29.95 ? 46   TRP A CD2 1 
ATOM   365 N NE1 . TRP A 1 46  ? -6.238  -6.806  -1.875  1.00 31.82 ? 46   TRP A NE1 1 
ATOM   366 C CE2 . TRP A 1 46  ? -5.472  -7.321  -0.860  1.00 30.88 ? 46   TRP A CE2 1 
ATOM   367 C CE3 . TRP A 1 46  ? -3.508  -6.692  0.403   1.00 30.76 ? 46   TRP A CE3 1 
ATOM   368 C CZ2 . TRP A 1 46  ? -5.601  -8.524  -0.150  1.00 32.02 ? 46   TRP A CZ2 1 
ATOM   369 C CZ3 . TRP A 1 46  ? -3.639  -7.879  1.111   1.00 31.96 ? 46   TRP A CZ3 1 
ATOM   370 C CH2 . TRP A 1 46  ? -4.674  -8.786  0.829   1.00 31.39 ? 46   TRP A CH2 1 
ATOM   371 N N   . TYR A 1 47  ? -2.806  -1.150  -1.385  1.00 28.60 ? 47   TYR A N   1 
ATOM   372 C CA  . TYR A 1 47  ? -1.779  -0.145  -1.585  1.00 29.24 ? 47   TYR A CA  1 
ATOM   373 C C   . TYR A 1 47  ? -1.501  0.656   -0.312  1.00 30.08 ? 47   TYR A C   1 
ATOM   374 O O   . TYR A 1 47  ? -0.356  0.732   0.128   1.00 30.13 ? 47   TYR A O   1 
ATOM   375 C CB  . TYR A 1 47  ? -2.142  0.789   -2.745  1.00 29.07 ? 47   TYR A CB  1 
ATOM   376 C CG  . TYR A 1 47  ? -1.187  1.960   -2.882  1.00 31.15 ? 47   TYR A CG  1 
ATOM   377 C CD1 . TYR A 1 47  ? 0.195   1.743   -2.969  1.00 29.72 ? 47   TYR A CD1 1 
ATOM   378 C CD2 . TYR A 1 47  ? -1.652  3.270   -2.930  1.00 31.79 ? 47   TYR A CD2 1 
ATOM   379 C CE1 . TYR A 1 47  ? 1.074   2.774   -3.088  1.00 30.99 ? 47   TYR A CE1 1 
ATOM   380 C CE2 . TYR A 1 47  ? -0.749  4.347   -3.059  1.00 33.64 ? 47   TYR A CE2 1 
ATOM   381 C CZ  . TYR A 1 47  ? 0.613   4.072   -3.124  1.00 33.95 ? 47   TYR A CZ  1 
ATOM   382 O OH  . TYR A 1 47  ? 1.533   5.071   -3.238  1.00 34.35 ? 47   TYR A OH  1 
ATOM   383 N N   . ASN A 1 48  ? -2.535  1.249   0.278   1.00 30.31 ? 48   ASN A N   1 
ATOM   384 C CA  . ASN A 1 48  ? -2.323  2.064   1.485   1.00 30.98 ? 48   ASN A CA  1 
ATOM   385 C C   . ASN A 1 48  ? -1.906  1.216   2.699   1.00 30.73 ? 48   ASN A C   1 
ATOM   386 O O   . ASN A 1 48  ? -1.211  1.703   3.568   1.00 30.45 ? 48   ASN A O   1 
ATOM   387 C CB  . ASN A 1 48  ? -3.542  2.951   1.794   1.00 30.78 ? 48   ASN A CB  1 
ATOM   388 C CG  . ASN A 1 48  ? -3.593  4.233   0.906   1.00 33.67 ? 48   ASN A CG  1 
ATOM   389 O OD1 . ASN A 1 48  ? -2.574  4.785   0.518   1.00 39.81 ? 48   ASN A OD1 1 
ATOM   390 N ND2 . ASN A 1 48  ? -4.776  4.706   0.640   1.00 36.10 ? 48   ASN A ND2 1 
ATOM   391 N N   . LEU A 1 49  ? -2.347  -0.039  2.749   1.00 30.92 ? 49   LEU A N   1 
ATOM   392 C CA  . LEU A 1 49  ? -1.829  -0.997  3.727   1.00 31.99 ? 49   LEU A CA  1 
ATOM   393 C C   . LEU A 1 49  ? -0.297  -1.118  3.555   1.00 31.61 ? 49   LEU A C   1 
ATOM   394 O O   . LEU A 1 49  ? 0.437   -0.988  4.520   1.00 31.48 ? 49   LEU A O   1 
ATOM   395 C CB  . LEU A 1 49  ? -2.532  -2.360  3.571   1.00 32.12 ? 49   LEU A CB  1 
ATOM   396 C CG  . LEU A 1 49  ? -2.319  -3.501  4.574   1.00 34.51 ? 49   LEU A CG  1 
ATOM   397 C CD1 . LEU A 1 49  ? -2.807  -3.191  6.021   1.00 34.48 ? 49   LEU A CD1 1 
ATOM   398 C CD2 . LEU A 1 49  ? -2.951  -4.816  4.055   1.00 36.46 ? 49   LEU A CD2 1 
ATOM   399 N N   . GLY A 1 50  ? 0.164   -1.325  2.315   1.00 31.17 ? 50   GLY A N   1 
ATOM   400 C CA  . GLY A 1 50  ? 1.592   -1.353  2.000   1.00 30.86 ? 50   GLY A CA  1 
ATOM   401 C C   . GLY A 1 50  ? 2.298   -0.127  2.568   1.00 30.89 ? 50   GLY A C   1 
ATOM   402 O O   . GLY A 1 50  ? 3.304   -0.252  3.264   1.00 29.93 ? 50   GLY A O   1 
ATOM   403 N N   . ASN A 1 51  ? 1.740   1.052   2.285   1.00 29.94 ? 51   ASN A N   1 
ATOM   404 C CA  . ASN A 1 51  ? 2.282   2.315   2.771   1.00 30.00 ? 51   ASN A CA  1 
ATOM   405 C C   . ASN A 1 51  ? 2.402   2.339   4.288   1.00 30.05 ? 51   ASN A C   1 
ATOM   406 O O   . ASN A 1 51  ? 3.378   2.814   4.829   1.00 30.05 ? 51   ASN A O   1 
ATOM   407 C CB  . ASN A 1 51  ? 1.405   3.486   2.326   1.00 29.05 ? 51   ASN A CB  1 
ATOM   408 C CG  . ASN A 1 51  ? 1.521   3.784   0.841   1.00 28.69 ? 51   ASN A CG  1 
ATOM   409 O OD1 . ASN A 1 51  ? 2.534   3.484   0.191   1.00 28.24 ? 51   ASN A OD1 1 
ATOM   410 N ND2 . ASN A 1 51  ? 0.485   4.389   0.302   1.00 29.51 ? 51   ASN A ND2 1 
ATOM   411 N N   . ALA A 1 52  ? 1.381   1.844   4.961   1.00 30.12 ? 52   ALA A N   1 
ATOM   412 C CA  . ALA A 1 52  ? 1.377   1.810   6.396   1.00 31.00 ? 52   ALA A CA  1 
ATOM   413 C C   . ALA A 1 52  ? 2.509   0.928   6.921   1.00 31.32 ? 52   ALA A C   1 
ATOM   414 O O   . ALA A 1 52  ? 3.217   1.299   7.855   1.00 32.37 ? 52   ALA A O   1 
ATOM   415 C CB  . ALA A 1 52  ? 0.036   1.321   6.891   1.00 30.82 ? 52   ALA A CB  1 
ATOM   416 N N   . TYR A 1 53  ? 2.675   -0.241  6.325   1.00 31.50 ? 53   TYR A N   1 
ATOM   417 C CA  . TYR A 1 53  ? 3.775   -1.126  6.689   1.00 32.09 ? 53   TYR A CA  1 
ATOM   418 C C   . TYR A 1 53  ? 5.138   -0.499  6.372   1.00 31.53 ? 53   TYR A C   1 
ATOM   419 O O   . TYR A 1 53  ? 6.065   -0.558  7.194   1.00 31.24 ? 53   TYR A O   1 
ATOM   420 C CB  . TYR A 1 53  ? 3.601   -2.509  6.045   1.00 32.29 ? 53   TYR A CB  1 
ATOM   421 C CG  . TYR A 1 53  ? 2.650   -3.410  6.821   1.00 35.31 ? 53   TYR A CG  1 
ATOM   422 C CD1 . TYR A 1 53  ? 1.362   -3.674  6.375   1.00 37.99 ? 53   TYR A CD1 1 
ATOM   423 C CD2 . TYR A 1 53  ? 3.044   -3.980  8.029   1.00 38.72 ? 53   TYR A CD2 1 
ATOM   424 C CE1 . TYR A 1 53  ? 0.503   -4.511  7.104   1.00 39.44 ? 53   TYR A CE1 1 
ATOM   425 C CE2 . TYR A 1 53  ? 2.201   -4.805  8.749   1.00 40.12 ? 53   TYR A CE2 1 
ATOM   426 C CZ  . TYR A 1 53  ? 0.936   -5.073  8.289   1.00 41.11 ? 53   TYR A CZ  1 
ATOM   427 O OH  . TYR A 1 53  ? 0.117   -5.903  9.055   1.00 43.90 ? 53   TYR A OH  1 
ATOM   428 N N   . TYR A 1 54  ? 5.234   0.151   5.215   1.00 30.72 ? 54   TYR A N   1 
ATOM   429 C CA  . TYR A 1 54  ? 6.456   0.848   4.823   1.00 31.09 ? 54   TYR A CA  1 
ATOM   430 C C   . TYR A 1 54  ? 6.871   1.878   5.860   1.00 31.97 ? 54   TYR A C   1 
ATOM   431 O O   . TYR A 1 54  ? 8.035   1.937   6.244   1.00 31.19 ? 54   TYR A O   1 
ATOM   432 C CB  . TYR A 1 54  ? 6.257   1.530   3.489   1.00 30.49 ? 54   TYR A CB  1 
ATOM   433 C CG  . TYR A 1 54  ? 7.446   2.289   2.966   1.00 31.59 ? 54   TYR A CG  1 
ATOM   434 C CD1 . TYR A 1 54  ? 8.340   1.687   2.082   1.00 32.18 ? 54   TYR A CD1 1 
ATOM   435 C CD2 . TYR A 1 54  ? 7.644   3.625   3.299   1.00 30.16 ? 54   TYR A CD2 1 
ATOM   436 C CE1 . TYR A 1 54  ? 9.414   2.385   1.554   1.00 33.84 ? 54   TYR A CE1 1 
ATOM   437 C CE2 . TYR A 1 54  ? 8.729   4.336   2.786   1.00 34.41 ? 54   TYR A CE2 1 
ATOM   438 C CZ  . TYR A 1 54  ? 9.605   3.704   1.908   1.00 33.61 ? 54   TYR A CZ  1 
ATOM   439 O OH  . TYR A 1 54  ? 10.674  4.386   1.397   1.00 35.37 ? 54   TYR A OH  1 
ATOM   440 N N   . LYS A 1 55  ? 5.899   2.678   6.300   1.00 32.56 ? 55   LYS A N   1 
ATOM   441 C CA  . LYS A 1 55  ? 6.120   3.728   7.278   1.00 33.92 ? 55   LYS A CA  1 
ATOM   442 C C   . LYS A 1 55  ? 6.604   3.191   8.624   1.00 34.66 ? 55   LYS A C   1 
ATOM   443 O O   . LYS A 1 55  ? 7.307   3.907   9.348   1.00 34.53 ? 55   LYS A O   1 
ATOM   444 C CB  . LYS A 1 55  ? 4.847   4.584   7.460   1.00 34.32 ? 55   LYS A CB  1 
ATOM   445 C CG  . LYS A 1 55  ? 4.511   5.478   6.272   1.00 34.46 ? 55   LYS A CG  1 
ATOM   446 C CD  . LYS A 1 55  ? 5.554   6.590   6.125   1.00 40.84 ? 55   LYS A CD  1 
ATOM   447 C CE  . LYS A 1 55  ? 5.257   7.515   4.943   1.00 44.17 ? 55   LYS A CE  1 
ATOM   448 N NZ  . LYS A 1 55  ? 6.290   8.602   4.795   1.00 46.83 ? 55   LYS A NZ  1 
ATOM   449 N N   . GLN A 1 56  ? 6.235   1.948   8.947   1.00 34.93 ? 56   GLN A N   1 
ATOM   450 C CA  . GLN A 1 56  ? 6.690   1.283   10.174  1.00 35.96 ? 56   GLN A CA  1 
ATOM   451 C C   . GLN A 1 56  ? 8.091   0.663   10.038  1.00 36.36 ? 56   GLN A C   1 
ATOM   452 O O   . GLN A 1 56  ? 8.686   0.202   11.048  1.00 36.70 ? 56   GLN A O   1 
ATOM   453 C CB  . GLN A 1 56  ? 5.715   0.176   10.589  1.00 36.09 ? 56   GLN A CB  1 
ATOM   454 C CG  . GLN A 1 56  ? 4.324   0.659   11.067  1.00 37.92 ? 56   GLN A CG  1 
ATOM   455 C CD  . GLN A 1 56  ? 3.430   -0.487  11.535  1.00 40.56 ? 56   GLN A CD  1 
ATOM   456 O OE1 . GLN A 1 56  ? 3.495   -1.604  10.998  1.00 39.87 ? 56   GLN A OE1 1 
ATOM   457 N NE2 . GLN A 1 56  ? 2.591   -0.219  12.535  1.00 40.42 ? 56   GLN A NE2 1 
ATOM   458 N N   . GLY A 1 57  ? 8.611   0.635   8.807   1.00 35.97 ? 57   GLY A N   1 
ATOM   459 C CA  . GLY A 1 57  ? 9.896   -0.028  8.518   1.00 35.84 ? 57   GLY A CA  1 
ATOM   460 C C   . GLY A 1 57  ? 9.758   -1.512  8.215   1.00 35.85 ? 57   GLY A C   1 
ATOM   461 O O   . GLY A 1 57  ? 10.758  -2.251  8.136   1.00 36.19 ? 57   GLY A O   1 
ATOM   462 N N   . ASP A 1 58  ? 8.530   -1.975  8.025   1.00 35.13 ? 58   ASP A N   1 
ATOM   463 C CA  . ASP A 1 58  ? 8.349   -3.367  7.633   1.00 34.84 ? 58   ASP A CA  1 
ATOM   464 C C   . ASP A 1 58  ? 8.288   -3.455  6.104   1.00 34.60 ? 58   ASP A C   1 
ATOM   465 O O   . ASP A 1 58  ? 7.210   -3.520  5.510   1.00 33.57 ? 58   ASP A O   1 
ATOM   466 C CB  . ASP A 1 58  ? 7.125   -3.977  8.328   1.00 35.44 ? 58   ASP A CB  1 
ATOM   467 C CG  . ASP A 1 58  ? 7.078   -5.529  8.225   1.00 38.69 ? 58   ASP A CG  1 
ATOM   468 O OD1 . ASP A 1 58  ? 7.732   -6.125  7.333   1.00 39.37 ? 58   ASP A OD1 1 
ATOM   469 O OD2 . ASP A 1 58  ? 6.347   -6.160  9.030   1.00 41.82 ? 58   ASP A OD2 1 
ATOM   470 N N   . TYR A 1 59  ? 9.462   -3.451  5.468   1.00 33.97 ? 59   TYR A N   1 
ATOM   471 C CA  . TYR A 1 59  ? 9.526   -3.391  4.020   1.00 34.37 ? 59   TYR A CA  1 
ATOM   472 C C   . TYR A 1 59  ? 9.078   -4.689  3.333   1.00 35.15 ? 59   TYR A C   1 
ATOM   473 O O   . TYR A 1 59  ? 8.539   -4.623  2.226   1.00 34.72 ? 59   TYR A O   1 
ATOM   474 C CB  . TYR A 1 59  ? 10.903  -2.896  3.528   1.00 34.06 ? 59   TYR A CB  1 
ATOM   475 C CG  . TYR A 1 59  ? 11.305  -1.616  4.217   1.00 33.83 ? 59   TYR A CG  1 
ATOM   476 C CD1 . TYR A 1 59  ? 10.573  -0.449  4.034   1.00 34.71 ? 59   TYR A CD1 1 
ATOM   477 C CD2 . TYR A 1 59  ? 12.391  -1.579  5.088   1.00 35.75 ? 59   TYR A CD2 1 
ATOM   478 C CE1 . TYR A 1 59  ? 10.922  0.748   4.691   1.00 35.29 ? 59   TYR A CE1 1 
ATOM   479 C CE2 . TYR A 1 59  ? 12.754  -0.384  5.762   1.00 35.89 ? 59   TYR A CE2 1 
ATOM   480 C CZ  . TYR A 1 59  ? 12.007  0.767   5.555   1.00 35.93 ? 59   TYR A CZ  1 
ATOM   481 O OH  . TYR A 1 59  ? 12.340  1.931   6.208   1.00 37.95 ? 59   TYR A OH  1 
ATOM   482 N N   . ASP A 1 60  ? 9.262   -5.843  3.983   1.00 35.17 ? 60   ASP A N   1 
ATOM   483 C CA  . ASP A 1 60  ? 8.818   -7.133  3.399   1.00 36.09 ? 60   ASP A CA  1 
ATOM   484 C C   . ASP A 1 60  ? 7.317   -7.150  3.268   1.00 35.44 ? 60   ASP A C   1 
ATOM   485 O O   . ASP A 1 60  ? 6.782   -7.530  2.236   1.00 35.32 ? 60   ASP A O   1 
ATOM   486 C CB  . ASP A 1 60  ? 9.204   -8.327  4.282   1.00 36.52 ? 60   ASP A CB  1 
ATOM   487 C CG  . ASP A 1 60  ? 10.659  -8.751  4.117   1.00 39.64 ? 60   ASP A CG  1 
ATOM   488 O OD1 . ASP A 1 60  ? 11.258  -8.528  3.039   1.00 40.79 ? 60   ASP A OD1 1 
ATOM   489 O OD2 . ASP A 1 60  ? 11.196  -9.336  5.081   1.00 45.83 ? 60   ASP A OD2 1 
ATOM   490 N N   . GLU A 1 61  ? 6.647   -6.776  4.353   1.00 35.38 ? 61   GLU A N   1 
ATOM   491 C CA  . GLU A 1 61  ? 5.195   -6.642  4.378   1.00 35.75 ? 61   GLU A CA  1 
ATOM   492 C C   . GLU A 1 61  ? 4.692   -5.647  3.335   1.00 34.46 ? 61   GLU A C   1 
ATOM   493 O O   . GLU A 1 61  ? 3.754   -5.956  2.605   1.00 34.61 ? 61   GLU A O   1 
ATOM   494 C CB  . GLU A 1 61  ? 4.686   -6.234  5.771   1.00 36.47 ? 61   GLU A CB  1 
ATOM   495 C CG  . GLU A 1 61  ? 4.638   -7.359  6.815   1.00 41.13 ? 61   GLU A CG  1 
ATOM   496 C CD  . GLU A 1 61  ? 3.954   -8.638  6.332   1.00 44.70 ? 61   GLU A CD  1 
ATOM   497 O OE1 . GLU A 1 61  ? 2.756   -8.621  5.971   1.00 48.02 ? 61   GLU A OE1 1 
ATOM   498 O OE2 . GLU A 1 61  ? 4.631   -9.679  6.335   1.00 48.37 ? 61   GLU A OE2 1 
ATOM   499 N N   . ALA A 1 62  ? 5.318   -4.473  3.262   1.00 32.94 ? 62   ALA A N   1 
ATOM   500 C CA  . ALA A 1 62  ? 4.906   -3.461  2.290   1.00 32.86 ? 62   ALA A CA  1 
ATOM   501 C C   . ALA A 1 62  ? 4.977   -4.023  0.853   1.00 32.01 ? 62   ALA A C   1 
ATOM   502 O O   . ALA A 1 62  ? 4.004   -3.943  0.081   1.00 31.88 ? 62   ALA A O   1 
ATOM   503 C CB  . ALA A 1 62  ? 5.755   -2.178  2.440   1.00 32.34 ? 62   ALA A CB  1 
ATOM   504 N N   . ILE A 1 63  ? 6.109   -4.635  0.519   1.00 31.01 ? 63   ILE A N   1 
ATOM   505 C CA  . ILE A 1 63  ? 6.306   -5.285  -0.788  1.00 30.65 ? 63   ILE A CA  1 
ATOM   506 C C   . ILE A 1 63  ? 5.174   -6.265  -1.161  1.00 30.34 ? 63   ILE A C   1 
ATOM   507 O O   . ILE A 1 63  ? 4.586   -6.202  -2.232  1.00 29.20 ? 63   ILE A O   1 
ATOM   508 C CB  . ILE A 1 63  ? 7.675   -6.016  -0.852  1.00 30.68 ? 63   ILE A CB  1 
ATOM   509 C CG1 . ILE A 1 63  ? 8.810   -4.995  -0.984  1.00 30.75 ? 63   ILE A CG1 1 
ATOM   510 C CG2 . ILE A 1 63  ? 7.706   -7.007  -2.030  1.00 29.55 ? 63   ILE A CG2 1 
ATOM   511 C CD1 . ILE A 1 63  ? 10.164  -5.492  -0.424  1.00 33.85 ? 63   ILE A CD1 1 
ATOM   512 N N   . GLU A 1 64  ? 4.876   -7.162  -0.249  1.00 31.09 ? 64   GLU A N   1 
ATOM   513 C CA  . GLU A 1 64  ? 3.833   -8.139  -0.472  1.00 33.11 ? 64   GLU A CA  1 
ATOM   514 C C   . GLU A 1 64  ? 2.488   -7.444  -0.767  1.00 32.60 ? 64   GLU A C   1 
ATOM   515 O O   . GLU A 1 64  ? 1.798   -7.818  -1.721  1.00 33.16 ? 64   GLU A O   1 
ATOM   516 C CB  . GLU A 1 64  ? 3.757   -9.029  0.751   1.00 33.48 ? 64   GLU A CB  1 
ATOM   517 C CG  . GLU A 1 64  ? 2.630   -10.002 0.786   1.00 39.64 ? 64   GLU A CG  1 
ATOM   518 C CD  . GLU A 1 64  ? 2.573   -10.710 2.122   1.00 46.14 ? 64   GLU A CD  1 
ATOM   519 O OE1 . GLU A 1 64  ? 3.665   -10.957 2.717   1.00 47.13 ? 64   GLU A OE1 1 
ATOM   520 O OE2 . GLU A 1 64  ? 1.437   -10.998 2.568   1.00 50.63 ? 64   GLU A OE2 1 
ATOM   521 N N   . TYR A 1 65  ? 2.135   -6.428  0.025   1.00 32.08 ? 65   TYR A N   1 
ATOM   522 C CA  . TYR A 1 65  ? 0.883   -5.702  -0.209  1.00 31.83 ? 65   TYR A CA  1 
ATOM   523 C C   . TYR A 1 65  ? 0.890   -4.874  -1.479  1.00 31.28 ? 65   TYR A C   1 
ATOM   524 O O   . TYR A 1 65  ? -0.080  -4.906  -2.232  1.00 30.76 ? 65   TYR A O   1 
ATOM   525 C CB  . TYR A 1 65  ? 0.449   -4.905  1.012   1.00 32.10 ? 65   TYR A CB  1 
ATOM   526 C CG  . TYR A 1 65  ? 0.205   -5.817  2.183   1.00 35.44 ? 65   TYR A CG  1 
ATOM   527 C CD1 . TYR A 1 65  ? -0.474  -7.018  2.014   1.00 39.78 ? 65   TYR A CD1 1 
ATOM   528 C CD2 . TYR A 1 65  ? 0.692   -5.518  3.438   1.00 39.95 ? 65   TYR A CD2 1 
ATOM   529 C CE1 . TYR A 1 65  ? -0.691  -7.867  3.068   1.00 43.53 ? 65   TYR A CE1 1 
ATOM   530 C CE2 . TYR A 1 65  ? 0.479   -6.369  4.508   1.00 42.23 ? 65   TYR A CE2 1 
ATOM   531 C CZ  . TYR A 1 65  ? -0.207  -7.536  4.314   1.00 45.12 ? 65   TYR A CZ  1 
ATOM   532 O OH  . TYR A 1 65  ? -0.420  -8.395  5.368   1.00 50.68 ? 65   TYR A OH  1 
ATOM   533 N N   . TYR A 1 66  ? 1.998   -4.177  -1.748  1.00 30.81 ? 66   TYR A N   1 
ATOM   534 C CA  . TYR A 1 66  ? 2.122   -3.451  -2.996  1.00 30.24 ? 66   TYR A CA  1 
ATOM   535 C C   . TYR A 1 66  ? 1.924   -4.389  -4.186  1.00 30.80 ? 66   TYR A C   1 
ATOM   536 O O   . TYR A 1 66  ? 1.287   -4.002  -5.177  1.00 29.93 ? 66   TYR A O   1 
ATOM   537 C CB  . TYR A 1 66  ? 3.484   -2.778  -3.100  1.00 30.23 ? 66   TYR A CB  1 
ATOM   538 C CG  . TYR A 1 66  ? 3.712   -1.583  -2.183  1.00 28.17 ? 66   TYR A CG  1 
ATOM   539 C CD1 . TYR A 1 66  ? 2.672   -0.697  -1.841  1.00 27.54 ? 66   TYR A CD1 1 
ATOM   540 C CD2 . TYR A 1 66  ? 4.980   -1.312  -1.699  1.00 25.34 ? 66   TYR A CD2 1 
ATOM   541 C CE1 . TYR A 1 66  ? 2.905   0.432   -1.010  1.00 26.57 ? 66   TYR A CE1 1 
ATOM   542 C CE2 . TYR A 1 66  ? 5.230   -0.200  -0.876  1.00 26.05 ? 66   TYR A CE2 1 
ATOM   543 C CZ  . TYR A 1 66  ? 4.206   0.656   -0.531  1.00 26.77 ? 66   TYR A CZ  1 
ATOM   544 O OH  . TYR A 1 66  ? 4.503   1.718   0.265   1.00 26.56 ? 66   TYR A OH  1 
ATOM   545 N N   . GLN A 1 67  ? 2.471   -5.609  -4.092  1.00 30.87 ? 67   GLN A N   1 
ATOM   546 C CA  . GLN A 1 67  ? 2.354   -6.586  -5.171  1.00 32.10 ? 67   GLN A CA  1 
ATOM   547 C C   . GLN A 1 67  ? 0.894   -6.898  -5.449  1.00 32.15 ? 67   GLN A C   1 
ATOM   548 O O   . GLN A 1 67  ? 0.487   -6.912  -6.593  1.00 32.13 ? 67   GLN A O   1 
ATOM   549 C CB  . GLN A 1 67  ? 3.148   -7.880  -4.886  1.00 32.44 ? 67   GLN A CB  1 
ATOM   550 C CG  . GLN A 1 67  ? 4.662   -7.710  -5.217  1.00 36.24 ? 67   GLN A CG  1 
ATOM   551 C CD  . GLN A 1 67  ? 5.556   -8.912  -4.846  1.00 38.55 ? 67   GLN A CD  1 
ATOM   552 O OE1 . GLN A 1 67  ? 5.133   -9.845  -4.173  1.00 43.32 ? 67   GLN A OE1 1 
ATOM   553 N NE2 . GLN A 1 67  ? 6.799   -8.869  -5.291  1.00 38.32 ? 67   GLN A NE2 1 
ATOM   554 N N   . LYS A 1 68  ? 0.118   -7.125  -4.392  1.00 32.72 ? 68   LYS A N   1 
ATOM   555 C CA  . LYS A 1 68  ? -1.322  -7.348  -4.510  1.00 32.80 ? 68   LYS A CA  1 
ATOM   556 C C   . LYS A 1 68  ? -2.027  -6.137  -5.119  1.00 31.95 ? 68   LYS A C   1 
ATOM   557 O O   . LYS A 1 68  ? -2.789  -6.288  -6.079  1.00 32.32 ? 68   LYS A O   1 
ATOM   558 C CB  . LYS A 1 68  ? -1.927  -7.728  -3.148  1.00 33.54 ? 68   LYS A CB  1 
ATOM   559 C CG  . LYS A 1 68  ? -1.721  -9.199  -2.762  1.00 36.95 ? 68   LYS A CG  1 
ATOM   560 C CD  . LYS A 1 68  ? -3.011  -10.046 -2.917  1.00 43.57 ? 68   LYS A CD  1 
ATOM   561 C CE  . LYS A 1 68  ? -3.337  -10.398 -4.374  1.00 46.42 ? 68   LYS A CE  1 
ATOM   562 N NZ  . LYS A 1 68  ? -2.887  -11.793 -4.735  1.00 48.97 ? 68   LYS A NZ  1 
ATOM   563 N N   . ALA A 1 69  ? -1.759  -4.941  -4.590  1.00 30.21 ? 69   ALA A N   1 
ATOM   564 C CA  . ALA A 1 69  ? -2.265  -3.712  -5.208  1.00 30.06 ? 69   ALA A CA  1 
ATOM   565 C C   . ALA A 1 69  ? -2.036  -3.645  -6.709  1.00 29.62 ? 69   ALA A C   1 
ATOM   566 O O   . ALA A 1 69  ? -2.959  -3.337  -7.456  1.00 28.96 ? 69   ALA A O   1 
ATOM   567 C CB  . ALA A 1 69  ? -1.678  -2.469  -4.546  1.00 29.65 ? 69   ALA A CB  1 
ATOM   568 N N   . LEU A 1 70  ? -0.805  -3.932  -7.133  1.00 29.47 ? 70   LEU A N   1 
ATOM   569 C CA  . LEU A 1 70  ? -0.396  -3.825  -8.529  1.00 29.94 ? 70   LEU A CA  1 
ATOM   570 C C   . LEU A 1 70  ? -0.949  -4.925  -9.422  1.00 30.42 ? 70   LEU A C   1 
ATOM   571 O O   . LEU A 1 70  ? -1.116  -4.710  -10.611 1.00 29.91 ? 70   LEU A O   1 
ATOM   572 C CB  . LEU A 1 70  ? 1.134   -3.778  -8.658  1.00 29.77 ? 70   LEU A CB  1 
ATOM   573 C CG  . LEU A 1 70  ? 1.686   -2.417  -8.218  1.00 30.17 ? 70   LEU A CG  1 
ATOM   574 C CD1 . LEU A 1 70  ? 3.178   -2.476  -8.071  1.00 27.82 ? 70   LEU A CD1 1 
ATOM   575 C CD2 . LEU A 1 70  ? 1.271   -1.289  -9.183  1.00 29.12 ? 70   LEU A CD2 1 
ATOM   576 N N   . GLU A 1 71  ? -1.231  -6.093  -8.851  1.00 31.39 ? 71   GLU A N   1 
ATOM   577 C CA  . GLU A 1 71  ? -1.904  -7.145  -9.613  1.00 32.80 ? 71   GLU A CA  1 
ATOM   578 C C   . GLU A 1 71  ? -3.302  -6.692  -9.990  1.00 32.03 ? 71   GLU A C   1 
ATOM   579 O O   . GLU A 1 71  ? -3.750  -6.935  -11.090 1.00 32.38 ? 71   GLU A O   1 
ATOM   580 C CB  . GLU A 1 71  ? -1.925  -8.466  -8.836  1.00 33.60 ? 71   GLU A CB  1 
ATOM   581 C CG  . GLU A 1 71  ? -0.566  -9.212  -8.947  1.00 39.34 ? 71   GLU A CG  1 
ATOM   582 C CD  . GLU A 1 71  ? -0.432  -10.407 -8.015  1.00 46.63 ? 71   GLU A CD  1 
ATOM   583 O OE1 . GLU A 1 71  ? -0.531  -10.241 -6.781  1.00 48.93 ? 71   GLU A OE1 1 
ATOM   584 O OE2 . GLU A 1 71  ? -0.205  -11.524 -8.526  1.00 52.16 ? 71   GLU A OE2 1 
ATOM   585 N N   . LEU A 1 72  ? -3.963  -5.980  -9.087  1.00 31.62 ? 72   LEU A N   1 
ATOM   586 C CA  . LEU A 1 72  ? -5.337  -5.516  -9.322  1.00 30.91 ? 72   LEU A CA  1 
ATOM   587 C C   . LEU A 1 72  ? -5.423  -4.177  -10.055 1.00 30.71 ? 72   LEU A C   1 
ATOM   588 O O   . LEU A 1 72  ? -6.404  -3.918  -10.745 1.00 30.63 ? 72   LEU A O   1 
ATOM   589 C CB  . LEU A 1 72  ? -6.092  -5.444  -8.010  1.00 30.65 ? 72   LEU A CB  1 
ATOM   590 C CG  . LEU A 1 72  ? -6.288  -6.760  -7.266  1.00 31.02 ? 72   LEU A CG  1 
ATOM   591 C CD1 . LEU A 1 72  ? -6.240  -6.539  -5.747  1.00 31.39 ? 72   LEU A CD1 1 
ATOM   592 C CD2 . LEU A 1 72  ? -7.590  -7.397  -7.693  1.00 32.39 ? 72   LEU A CD2 1 
ATOM   593 N N   . TYR A 1 73  ? -4.382  -3.353  -9.919  1.00 30.47 ? 73   TYR A N   1 
ATOM   594 C CA  . TYR A 1 73  ? -4.340  -2.001  -10.497 1.00 30.62 ? 73   TYR A CA  1 
ATOM   595 C C   . TYR A 1 73  ? -2.933  -1.709  -11.035 1.00 30.60 ? 73   TYR A C   1 
ATOM   596 O O   . TYR A 1 73  ? -2.176  -0.937  -10.432 1.00 29.50 ? 73   TYR A O   1 
ATOM   597 C CB  . TYR A 1 73  ? -4.751  -0.998  -9.409  1.00 29.95 ? 73   TYR A CB  1 
ATOM   598 C CG  . TYR A 1 73  ? -4.734  0.490   -9.739  1.00 32.12 ? 73   TYR A CG  1 
ATOM   599 C CD1 . TYR A 1 73  ? -4.644  0.974   -11.060 1.00 32.08 ? 73   TYR A CD1 1 
ATOM   600 C CD2 . TYR A 1 73  ? -4.865  1.424   -8.705  1.00 33.29 ? 73   TYR A CD2 1 
ATOM   601 C CE1 . TYR A 1 73  ? -4.630  2.347   -11.320 1.00 32.93 ? 73   TYR A CE1 1 
ATOM   602 C CE2 . TYR A 1 73  ? -4.865  2.786   -8.959  1.00 34.52 ? 73   TYR A CE2 1 
ATOM   603 C CZ  . TYR A 1 73  ? -4.758  3.238   -10.253 1.00 33.80 ? 73   TYR A CZ  1 
ATOM   604 O OH  . TYR A 1 73  ? -4.785  4.583   -10.447 1.00 35.66 ? 73   TYR A OH  1 
ATOM   605 N N   . PRO A 1 74  ? -2.576  -2.316  -12.182 1.00 31.14 ? 74   PRO A N   1 
ATOM   606 C CA  . PRO A 1 74  ? -1.179  -2.203  -12.662 1.00 32.03 ? 74   PRO A CA  1 
ATOM   607 C C   . PRO A 1 74  ? -0.745  -0.840  -13.217 1.00 32.02 ? 74   PRO A C   1 
ATOM   608 O O   . PRO A 1 74  ? 0.446   -0.623  -13.375 1.00 32.80 ? 74   PRO A O   1 
ATOM   609 C CB  . PRO A 1 74  ? -1.077  -3.298  -13.746 1.00 32.13 ? 74   PRO A CB  1 
ATOM   610 C CG  . PRO A 1 74  ? -2.500  -3.490  -14.223 1.00 31.98 ? 74   PRO A CG  1 
ATOM   611 C CD  . PRO A 1 74  ? -3.389  -3.200  -13.035 1.00 31.76 ? 74   PRO A CD  1 
ATOM   612 N N   . ASN A 1 75  ? -1.680  0.066   -13.489 1.00 32.10 ? 75   ASN A N   1 
ATOM   613 C CA  . ASN A 1 75  ? -1.340  1.451   -13.930 1.00 32.74 ? 75   ASN A CA  1 
ATOM   614 C C   . ASN A 1 75  ? -1.105  2.457   -12.798 1.00 31.86 ? 75   ASN A C   1 
ATOM   615 O O   . ASN A 1 75  ? -1.019  3.644   -13.038 1.00 31.89 ? 75   ASN A O   1 
ATOM   616 C CB  . ASN A 1 75  ? -2.441  2.035   -14.825 1.00 32.82 ? 75   ASN A CB  1 
ATOM   617 C CG  . ASN A 1 75  ? -2.588  1.298   -16.143 1.00 35.57 ? 75   ASN A CG  1 
ATOM   618 O OD1 . ASN A 1 75  ? -1.641  0.673   -16.637 1.00 36.92 ? 75   ASN A OD1 1 
ATOM   619 N ND2 . ASN A 1 75  ? -3.801  1.380   -16.740 1.00 37.28 ? 75   ASN A ND2 1 
ATOM   620 N N   . ASN A 1 76  ? -1.041  1.981   -11.567 1.00 31.56 ? 76   ASN A N   1 
ATOM   621 C CA  . ASN A 1 76  ? -0.708  2.826   -10.427 1.00 31.31 ? 76   ASN A CA  1 
ATOM   622 C C   . ASN A 1 76  ? 0.811   3.109   -10.356 1.00 30.82 ? 76   ASN A C   1 
ATOM   623 O O   . ASN A 1 76  ? 1.559   2.423   -9.647  1.00 30.92 ? 76   ASN A O   1 
ATOM   624 C CB  . ASN A 1 76  ? -1.224  2.168   -9.144  1.00 30.73 ? 76   ASN A CB  1 
ATOM   625 C CG  . ASN A 1 76  ? -1.326  3.130   -7.979  1.00 32.40 ? 76   ASN A CG  1 
ATOM   626 O OD1 . ASN A 1 76  ? -0.880  4.277   -8.057  1.00 34.08 ? 76   ASN A OD1 1 
ATOM   627 N ND2 . ASN A 1 76  ? -1.907  2.654   -6.871  1.00 28.52 ? 76   ASN A ND2 1 
ATOM   628 N N   . ALA A 1 77  ? 1.249   4.126   -11.094 1.00 29.48 ? 77   ALA A N   1 
ATOM   629 C CA  . ALA A 1 77  ? 2.645   4.567   -11.085 1.00 29.01 ? 77   ALA A CA  1 
ATOM   630 C C   . ALA A 1 77  ? 3.192   4.782   -9.671  1.00 28.91 ? 77   ALA A C   1 
ATOM   631 O O   . ALA A 1 77  ? 4.317   4.378   -9.372  1.00 28.27 ? 77   ALA A O   1 
ATOM   632 C CB  . ALA A 1 77  ? 2.822   5.834   -11.941 1.00 28.01 ? 77   ALA A CB  1 
ATOM   633 N N   . GLU A 1 78  ? 2.388   5.402   -8.810  1.00 28.69 ? 78   GLU A N   1 
ATOM   634 C CA  . GLU A 1 78  ? 2.809   5.697   -7.443  1.00 29.56 ? 78   GLU A CA  1 
ATOM   635 C C   . GLU A 1 78  ? 3.152   4.417   -6.672  1.00 28.75 ? 78   GLU A C   1 
ATOM   636 O O   . GLU A 1 78  ? 4.079   4.408   -5.859  1.00 29.04 ? 78   GLU A O   1 
ATOM   637 C CB  . GLU A 1 78  ? 1.744   6.507   -6.695  1.00 30.37 ? 78   GLU A CB  1 
ATOM   638 C CG  . GLU A 1 78  ? 2.328   7.266   -5.504  1.00 34.82 ? 78   GLU A CG  1 
ATOM   639 C CD  . GLU A 1 78  ? 1.272   7.968   -4.634  1.00 39.97 ? 78   GLU A CD  1 
ATOM   640 O OE1 . GLU A 1 78  ? 1.107   9.194   -4.812  1.00 43.43 ? 78   GLU A OE1 1 
ATOM   641 O OE2 . GLU A 1 78  ? 0.624   7.318   -3.769  1.00 40.14 ? 78   GLU A OE2 1 
ATOM   642 N N   . ALA A 1 79  ? 2.404   3.349   -6.928  1.00 27.97 ? 79   ALA A N   1 
ATOM   643 C CA  . ALA A 1 79  ? 2.623   2.080   -6.237  1.00 27.97 ? 79   ALA A CA  1 
ATOM   644 C C   . ALA A 1 79  ? 3.874   1.376   -6.731  1.00 27.87 ? 79   ALA A C   1 
ATOM   645 O O   . ALA A 1 79  ? 4.592   0.757   -5.930  1.00 28.19 ? 79   ALA A O   1 
ATOM   646 C CB  . ALA A 1 79  ? 1.436   1.179   -6.356  1.00 27.77 ? 79   ALA A CB  1 
ATOM   647 N N   . TRP A 1 80  ? 4.125   1.462   -8.032  1.00 26.94 ? 80   TRP A N   1 
ATOM   648 C CA  . TRP A 1 80  ? 5.389   1.015   -8.603  1.00 27.38 ? 80   TRP A CA  1 
ATOM   649 C C   . TRP A 1 80  ? 6.555   1.730   -7.932  1.00 27.81 ? 80   TRP A C   1 
ATOM   650 O O   . TRP A 1 80  ? 7.554   1.103   -7.551  1.00 28.48 ? 80   TRP A O   1 
ATOM   651 C CB  . TRP A 1 80  ? 5.418   1.242   -10.112 1.00 26.72 ? 80   TRP A CB  1 
ATOM   652 C CG  . TRP A 1 80  ? 4.570   0.270   -10.904 1.00 26.53 ? 80   TRP A CG  1 
ATOM   653 C CD1 . TRP A 1 80  ? 3.442   0.554   -11.623 1.00 24.81 ? 80   TRP A CD1 1 
ATOM   654 C CD2 . TRP A 1 80  ? 4.779   -1.137  -11.031 1.00 27.78 ? 80   TRP A CD2 1 
ATOM   655 N NE1 . TRP A 1 80  ? 2.953   -0.587  -12.216 1.00 25.90 ? 80   TRP A NE1 1 
ATOM   656 C CE2 . TRP A 1 80  ? 3.753   -1.640  -11.859 1.00 26.23 ? 80   TRP A CE2 1 
ATOM   657 C CE3 . TRP A 1 80  ? 5.750   -2.023  -10.541 1.00 28.57 ? 80   TRP A CE3 1 
ATOM   658 C CZ2 . TRP A 1 80  ? 3.666   -2.983  -12.206 1.00 28.86 ? 80   TRP A CZ2 1 
ATOM   659 C CZ3 . TRP A 1 80  ? 5.666   -3.356  -10.887 1.00 31.34 ? 80   TRP A CZ3 1 
ATOM   660 C CH2 . TRP A 1 80  ? 4.625   -3.828  -11.716 1.00 31.07 ? 80   TRP A CH2 1 
ATOM   661 N N   . TYR A 1 81  ? 6.401   3.037   -7.756  1.00 28.16 ? 81   TYR A N   1 
ATOM   662 C CA  . TYR A 1 81  ? 7.415   3.882   -7.126  1.00 28.86 ? 81   TYR A CA  1 
ATOM   663 C C   . TYR A 1 81  ? 7.703   3.411   -5.714  1.00 28.18 ? 81   TYR A C   1 
ATOM   664 O O   . TYR A 1 81  ? 8.855   3.149   -5.374  1.00 28.71 ? 81   TYR A O   1 
ATOM   665 C CB  . TYR A 1 81  ? 6.943   5.353   -7.170  1.00 29.22 ? 81   TYR A CB  1 
ATOM   666 C CG  . TYR A 1 81  ? 7.734   6.379   -6.382  1.00 31.17 ? 81   TYR A CG  1 
ATOM   667 C CD1 . TYR A 1 81  ? 9.109   6.253   -6.176  1.00 30.49 ? 81   TYR A CD1 1 
ATOM   668 C CD2 . TYR A 1 81  ? 7.101   7.530   -5.912  1.00 32.22 ? 81   TYR A CD2 1 
ATOM   669 C CE1 . TYR A 1 81  ? 9.820   7.219   -5.476  1.00 31.74 ? 81   TYR A CE1 1 
ATOM   670 C CE2 . TYR A 1 81  ? 7.799   8.492   -5.224  1.00 34.74 ? 81   TYR A CE2 1 
ATOM   671 C CZ  . TYR A 1 81  ? 9.166   8.323   -5.002  1.00 34.29 ? 81   TYR A CZ  1 
ATOM   672 O OH  . TYR A 1 81  ? 9.848   9.291   -4.316  1.00 37.00 ? 81   TYR A OH  1 
ATOM   673 N N   . ASN A 1 82  ? 6.653   3.268   -4.909  1.00 27.36 ? 82   ASN A N   1 
ATOM   674 C CA  . ASN A 1 82  ? 6.789   2.828   -3.543  1.00 26.91 ? 82   ASN A CA  1 
ATOM   675 C C   . ASN A 1 82  ? 7.256   1.394   -3.379  1.00 27.70 ? 82   ASN A C   1 
ATOM   676 O O   . ASN A 1 82  ? 7.956   1.072   -2.417  1.00 27.20 ? 82   ASN A O   1 
ATOM   677 C CB  . ASN A 1 82  ? 5.530   3.126   -2.750  1.00 26.70 ? 82   ASN A CB  1 
ATOM   678 C CG  . ASN A 1 82  ? 5.435   4.607   -2.387  1.00 28.77 ? 82   ASN A CG  1 
ATOM   679 O OD1 . ASN A 1 82  ? 4.397   5.246   -2.561  1.00 32.17 ? 82   ASN A OD1 1 
ATOM   680 N ND2 . ASN A 1 82  ? 6.535   5.157   -1.907  1.00 27.70 ? 82   ASN A ND2 1 
ATOM   681 N N   . LEU A 1 83  ? 6.902   0.543   -4.334  1.00 27.63 ? 83   LEU A N   1 
ATOM   682 C CA  . LEU A 1 83  ? 7.498   -0.782  -4.409  1.00 29.06 ? 83   LEU A CA  1 
ATOM   683 C C   . LEU A 1 83  ? 9.014   -0.669  -4.626  1.00 29.45 ? 83   LEU A C   1 
ATOM   684 O O   . LEU A 1 83  ? 9.800   -1.358  -3.969  1.00 30.65 ? 83   LEU A O   1 
ATOM   685 C CB  . LEU A 1 83  ? 6.859   -1.603  -5.534  1.00 28.71 ? 83   LEU A CB  1 
ATOM   686 C CG  . LEU A 1 83  ? 7.359   -3.025  -5.752  1.00 30.11 ? 83   LEU A CG  1 
ATOM   687 C CD1 . LEU A 1 83  ? 6.987   -3.834  -4.541  1.00 28.99 ? 83   LEU A CD1 1 
ATOM   688 C CD2 . LEU A 1 83  ? 6.745   -3.645  -7.035  1.00 29.43 ? 83   LEU A CD2 1 
ATOM   689 N N   . GLY A 1 84  ? 9.415   0.199   -5.545  1.00 28.91 ? 84   GLY A N   1 
ATOM   690 C CA  . GLY A 1 84  ? 10.823  0.459   -5.766  1.00 29.52 ? 84   GLY A CA  1 
ATOM   691 C C   . GLY A 1 84  ? 11.489  0.920   -4.479  1.00 29.31 ? 84   GLY A C   1 
ATOM   692 O O   . GLY A 1 84  ? 12.571  0.434   -4.140  1.00 29.17 ? 84   GLY A O   1 
ATOM   693 N N   . ASN A 1 85  ? 10.823  1.832   -3.762  1.00 28.85 ? 85   ASN A N   1 
ATOM   694 C CA  . ASN A 1 85  ? 11.330  2.382   -2.508  1.00 29.09 ? 85   ASN A CA  1 
ATOM   695 C C   . ASN A 1 85  ? 11.515  1.326   -1.441  1.00 29.78 ? 85   ASN A C   1 
ATOM   696 O O   . ASN A 1 85  ? 12.459  1.405   -0.656  1.00 29.87 ? 85   ASN A O   1 
ATOM   697 C CB  . ASN A 1 85  ? 10.388  3.421   -1.919  1.00 28.49 ? 85   ASN A CB  1 
ATOM   698 C CG  . ASN A 1 85  ? 10.335  4.711   -2.716  1.00 29.76 ? 85   ASN A CG  1 
ATOM   699 O OD1 . ASN A 1 85  ? 9.334   5.444   -2.632  1.00 33.94 ? 85   ASN A OD1 1 
ATOM   700 N ND2 . ASN A 1 85  ? 11.390  5.016   -3.470  1.00 24.77 ? 85   ASN A ND2 1 
ATOM   701 N N   . ALA A 1 86  ? 10.575  0.376   -1.374  1.00 29.61 ? 86   ALA A N   1 
ATOM   702 C CA  . ALA A 1 86  ? 10.637  -0.687  -0.385  1.00 29.35 ? 86   ALA A CA  1 
ATOM   703 C C   . ALA A 1 86  ? 11.852  -1.592  -0.640  1.00 29.37 ? 86   ALA A C   1 
ATOM   704 O O   . ALA A 1 86  ? 12.591  -1.916  0.270   1.00 29.17 ? 86   ALA A O   1 
ATOM   705 C CB  . ALA A 1 86  ? 9.369   -1.483  -0.395  1.00 28.88 ? 86   ALA A CB  1 
ATOM   706 N N   . TYR A 1 87  ? 12.073  -1.973  -1.890  1.00 29.14 ? 87   TYR A N   1 
ATOM   707 C CA  . TYR A 1 87  ? 13.279  -2.711  -2.212  1.00 28.88 ? 87   TYR A CA  1 
ATOM   708 C C   . TYR A 1 87  ? 14.525  -1.873  -1.927  1.00 29.62 ? 87   TYR A C   1 
ATOM   709 O O   . TYR A 1 87  ? 15.497  -2.401  -1.405  1.00 29.87 ? 87   TYR A O   1 
ATOM   710 C CB  . TYR A 1 87  ? 13.277  -3.173  -3.666  1.00 28.12 ? 87   TYR A CB  1 
ATOM   711 C CG  . TYR A 1 87  ? 12.415  -4.402  -3.928  1.00 28.90 ? 87   TYR A CG  1 
ATOM   712 C CD1 . TYR A 1 87  ? 12.843  -5.674  -3.557  1.00 30.13 ? 87   TYR A CD1 1 
ATOM   713 C CD2 . TYR A 1 87  ? 11.169  -4.284  -4.547  1.00 29.75 ? 87   TYR A CD2 1 
ATOM   714 C CE1 . TYR A 1 87  ? 12.061  -6.786  -3.798  1.00 31.06 ? 87   TYR A CE1 1 
ATOM   715 C CE2 . TYR A 1 87  ? 10.376  -5.401  -4.802  1.00 29.91 ? 87   TYR A CE2 1 
ATOM   716 C CZ  . TYR A 1 87  ? 10.840  -6.641  -4.444  1.00 31.46 ? 87   TYR A CZ  1 
ATOM   717 O OH  . TYR A 1 87  ? 10.054  -7.741  -4.676  1.00 33.59 ? 87   TYR A OH  1 
ATOM   718 N N   . TYR A 1 88  ? 14.493  -0.587  -2.280  1.00 30.04 ? 88   TYR A N   1 
ATOM   719 C CA  . TYR A 1 88  ? 15.612  0.330   -2.023  1.00 30.69 ? 88   TYR A CA  1 
ATOM   720 C C   . TYR A 1 88  ? 15.983  0.344   -0.536  1.00 31.69 ? 88   TYR A C   1 
ATOM   721 O O   . TYR A 1 88  ? 17.158  0.334   -0.176  1.00 31.59 ? 88   TYR A O   1 
ATOM   722 C CB  . TYR A 1 88  ? 15.274  1.748   -2.493  1.00 30.10 ? 88   TYR A CB  1 
ATOM   723 C CG  . TYR A 1 88  ? 16.230  2.820   -1.996  1.00 30.68 ? 88   TYR A CG  1 
ATOM   724 C CD1 . TYR A 1 88  ? 17.495  2.964   -2.552  1.00 31.04 ? 88   TYR A CD1 1 
ATOM   725 C CD2 . TYR A 1 88  ? 15.874  3.674   -0.969  1.00 30.64 ? 88   TYR A CD2 1 
ATOM   726 C CE1 . TYR A 1 88  ? 18.384  3.934   -2.098  1.00 33.19 ? 88   TYR A CE1 1 
ATOM   727 C CE2 . TYR A 1 88  ? 16.770  4.659   -0.496  1.00 32.19 ? 88   TYR A CE2 1 
ATOM   728 C CZ  . TYR A 1 88  ? 18.017  4.774   -1.081  1.00 32.07 ? 88   TYR A CZ  1 
ATOM   729 O OH  . TYR A 1 88  ? 18.903  5.721   -0.659  1.00 36.29 ? 88   TYR A OH  1 
ATOM   730 N N   . LYS A 1 89  ? 14.969  0.370   0.322   1.00 32.29 ? 89   LYS A N   1 
ATOM   731 C CA  . LYS A 1 89  ? 15.195  0.428   1.756   1.00 33.15 ? 89   LYS A CA  1 
ATOM   732 C C   . LYS A 1 89  ? 15.768  -0.890  2.339   1.00 33.47 ? 89   LYS A C   1 
ATOM   733 O O   . LYS A 1 89  ? 16.294  -0.912  3.465   1.00 32.77 ? 89   LYS A O   1 
ATOM   734 C CB  . LYS A 1 89  ? 13.899  0.820   2.454   1.00 33.45 ? 89   LYS A CB  1 
ATOM   735 C CG  . LYS A 1 89  ? 13.421  2.244   2.194   1.00 35.07 ? 89   LYS A CG  1 
ATOM   736 C CD  . LYS A 1 89  ? 14.317  3.270   2.876   1.00 40.52 ? 89   LYS A CD  1 
ATOM   737 C CE  . LYS A 1 89  ? 13.608  4.601   3.025   1.00 43.30 ? 89   LYS A CE  1 
ATOM   738 N NZ  . LYS A 1 89  ? 14.491  5.557   3.747   1.00 45.45 ? 89   LYS A NZ  1 
ATOM   739 N N   . GLN A 1 90  ? 15.628  -1.971  1.576   1.00 33.65 ? 90   GLN A N   1 
ATOM   740 C CA  . GLN A 1 90  ? 16.231  -3.261  1.896   1.00 34.83 ? 90   GLN A CA  1 
ATOM   741 C C   . GLN A 1 90  ? 17.637  -3.447  1.288   1.00 33.94 ? 90   GLN A C   1 
ATOM   742 O O   . GLN A 1 90  ? 18.264  -4.493  1.478   1.00 34.33 ? 90   GLN A O   1 
ATOM   743 C CB  . GLN A 1 90  ? 15.337  -4.393  1.375   1.00 35.75 ? 90   GLN A CB  1 
ATOM   744 C CG  . GLN A 1 90  ? 14.096  -4.680  2.234   1.00 39.20 ? 90   GLN A CG  1 
ATOM   745 C CD  . GLN A 1 90  ? 13.332  -5.902  1.754   1.00 43.23 ? 90   GLN A CD  1 
ATOM   746 O OE1 . GLN A 1 90  ? 13.335  -6.244  0.567   1.00 46.60 ? 90   GLN A OE1 1 
ATOM   747 N NE2 . GLN A 1 90  ? 12.672  -6.568  2.677   1.00 46.48 ? 90   GLN A NE2 1 
ATOM   748 N N   . GLY A 1 91  ? 18.113  -2.471  0.531   1.00 32.67 ? 91   GLY A N   1 
ATOM   749 C CA  . GLY A 1 91  ? 19.380  -2.635  -0.181  1.00 32.65 ? 91   GLY A CA  1 
ATOM   750 C C   . GLY A 1 91  ? 19.276  -3.490  -1.440  1.00 32.61 ? 91   GLY A C   1 
ATOM   751 O O   . GLY A 1 91  ? 20.300  -3.933  -1.966  1.00 32.51 ? 91   GLY A O   1 
ATOM   752 N N   . ASP A 1 92  ? 18.065  -3.739  -1.948  1.00 32.02 ? 92   ASP A N   1 
ATOM   753 C CA  . ASP A 1 92  ? 17.963  -4.484  -3.212  1.00 32.77 ? 92   ASP A CA  1 
ATOM   754 C C   . ASP A 1 92  ? 17.822  -3.467  -4.327  1.00 32.84 ? 92   ASP A C   1 
ATOM   755 O O   . ASP A 1 92  ? 16.721  -3.094  -4.728  1.00 32.37 ? 92   ASP A O   1 
ATOM   756 C CB  . ASP A 1 92  ? 16.842  -5.543  -3.227  1.00 33.08 ? 92   ASP A CB  1 
ATOM   757 C CG  . ASP A 1 92  ? 16.750  -6.328  -4.585  1.00 37.23 ? 92   ASP A CG  1 
ATOM   758 O OD1 . ASP A 1 92  ? 17.456  -6.010  -5.575  1.00 40.31 ? 92   ASP A OD1 1 
ATOM   759 O OD2 . ASP A 1 92  ? 15.957  -7.296  -4.672  1.00 40.92 ? 92   ASP A OD2 1 
ATOM   760 N N   . TYR A 1 93  ? 18.978  -3.016  -4.799  1.00 33.21 ? 93   TYR A N   1 
ATOM   761 C CA  . TYR A 1 93  ? 19.073  -1.963  -5.785  1.00 33.28 ? 93   TYR A CA  1 
ATOM   762 C C   . TYR A 1 93  ? 18.628  -2.439  -7.172  1.00 34.04 ? 93   TYR A C   1 
ATOM   763 O O   . TYR A 1 93  ? 18.011  -1.664  -7.910  1.00 34.19 ? 93   TYR A O   1 
ATOM   764 C CB  . TYR A 1 93  ? 20.492  -1.367  -5.785  1.00 33.34 ? 93   TYR A CB  1 
ATOM   765 C CG  . TYR A 1 93  ? 20.738  -0.374  -4.646  1.00 32.89 ? 93   TYR A CG  1 
ATOM   766 C CD1 . TYR A 1 93  ? 19.837  -0.264  -3.590  1.00 31.40 ? 93   TYR A CD1 1 
ATOM   767 C CD2 . TYR A 1 93  ? 21.894  0.433   -4.616  1.00 34.06 ? 93   TYR A CD2 1 
ATOM   768 C CE1 . TYR A 1 93  ? 20.054  0.621   -2.547  1.00 34.13 ? 93   TYR A CE1 1 
ATOM   769 C CE2 . TYR A 1 93  ? 22.112  1.342   -3.565  1.00 33.28 ? 93   TYR A CE2 1 
ATOM   770 C CZ  . TYR A 1 93  ? 21.185  1.419   -2.542  1.00 34.13 ? 93   TYR A CZ  1 
ATOM   771 O OH  . TYR A 1 93  ? 21.370  2.289   -1.489  1.00 39.11 ? 93   TYR A OH  1 
ATOM   772 N N   . ASP A 1 94  ? 18.905  -3.703  -7.511  1.00 34.05 ? 94   ASP A N   1 
ATOM   773 C CA  . ASP A 1 94  ? 18.458  -4.264  -8.793  1.00 34.68 ? 94   ASP A CA  1 
ATOM   774 C C   . ASP A 1 94  ? 16.945  -4.170  -8.972  1.00 34.11 ? 94   ASP A C   1 
ATOM   775 O O   . ASP A 1 94  ? 16.458  -3.735  -10.013 1.00 33.57 ? 94   ASP A O   1 
ATOM   776 C CB  . ASP A 1 94  ? 18.897  -5.720  -8.917  1.00 35.26 ? 94   ASP A CB  1 
ATOM   777 C CG  . ASP A 1 94  ? 20.377  -5.847  -9.155  1.00 37.80 ? 94   ASP A CG  1 
ATOM   778 O OD1 . ASP A 1 94  ? 21.100  -4.853  -8.941  1.00 39.64 ? 94   ASP A OD1 1 
ATOM   779 O OD2 . ASP A 1 94  ? 20.820  -6.934  -9.561  1.00 42.46 ? 94   ASP A OD2 1 
ATOM   780 N N   . GLU A 1 95  ? 16.217  -4.589  -7.940  1.00 33.83 ? 95   GLU A N   1 
ATOM   781 C CA  . GLU A 1 95  ? 14.772  -4.554  -7.949  1.00 33.78 ? 95   GLU A CA  1 
ATOM   782 C C   . GLU A 1 95  ? 14.256  -3.129  -7.820  1.00 32.53 ? 95   GLU A C   1 
ATOM   783 O O   . GLU A 1 95  ? 13.352  -2.766  -8.549  1.00 31.90 ? 95   GLU A O   1 
ATOM   784 C CB  . GLU A 1 95  ? 14.203  -5.457  -6.866  1.00 34.05 ? 95   GLU A CB  1 
ATOM   785 C CG  . GLU A 1 95  ? 14.644  -6.920  -7.001  1.00 40.19 ? 95   GLU A CG  1 
ATOM   786 C CD  . GLU A 1 95  ? 13.877  -7.722  -8.056  1.00 47.30 ? 95   GLU A CD  1 
ATOM   787 O OE1 . GLU A 1 95  ? 13.546  -7.159  -9.130  1.00 50.20 ? 95   GLU A OE1 1 
ATOM   788 O OE2 . GLU A 1 95  ? 13.621  -8.937  -7.815  1.00 50.22 ? 95   GLU A OE2 1 
ATOM   789 N N   . ALA A 1 96  ? 14.849  -2.310  -6.939  1.00 31.19 ? 96   ALA A N   1 
ATOM   790 C CA  . ALA A 1 96  ? 14.474  -0.876  -6.883  1.00 30.07 ? 96   ALA A CA  1 
ATOM   791 C C   . ALA A 1 96  ? 14.479  -0.232  -8.270  1.00 29.94 ? 96   ALA A C   1 
ATOM   792 O O   . ALA A 1 96  ? 13.478  0.393   -8.683  1.00 29.22 ? 96   ALA A O   1 
ATOM   793 C CB  . ALA A 1 96  ? 15.349  -0.097  -5.913  1.00 30.19 ? 96   ALA A CB  1 
ATOM   794 N N   . ILE A 1 97  ? 15.573  -0.438  -9.012  1.00 29.83 ? 97   ILE A N   1 
ATOM   795 C CA  . ILE A 1 97  ? 15.731  0.144   -10.346 1.00 29.89 ? 97   ILE A CA  1 
ATOM   796 C C   . ILE A 1 97  ? 14.662  -0.394  -11.290 1.00 30.41 ? 97   ILE A C   1 
ATOM   797 O O   . ILE A 1 97  ? 14.083  0.366   -12.061 1.00 30.72 ? 97   ILE A O   1 
ATOM   798 C CB  . ILE A 1 97  ? 17.114  -0.160  -10.947 1.00 30.17 ? 97   ILE A CB  1 
ATOM   799 C CG1 . ILE A 1 97  ? 18.134  0.848   -10.427 1.00 30.22 ? 97   ILE A CG1 1 
ATOM   800 C CG2 . ILE A 1 97  ? 17.084  -0.105  -12.466 1.00 28.80 ? 97   ILE A CG2 1 
ATOM   801 C CD1 . ILE A 1 97  ? 19.577  0.467   -10.676 1.00 31.27 ? 97   ILE A CD1 1 
ATOM   802 N N   . GLU A 1 98  ? 14.404  -1.695  -11.232 1.00 30.26 ? 98   GLU A N   1 
ATOM   803 C CA  . GLU A 1 98  ? 13.408  -2.297  -12.122 1.00 31.19 ? 98   GLU A CA  1 
ATOM   804 C C   . GLU A 1 98  ? 12.033  -1.606  -11.964 1.00 30.28 ? 98   GLU A C   1 
ATOM   805 O O   . GLU A 1 98  ? 11.382  -1.293  -12.929 1.00 29.88 ? 98   GLU A O   1 
ATOM   806 C CB  . GLU A 1 98  ? 13.266  -3.788  -11.841 1.00 31.06 ? 98   GLU A CB  1 
ATOM   807 C CG  . GLU A 1 98  ? 12.322  -4.464  -12.830 1.00 34.19 ? 98   GLU A CG  1 
ATOM   808 C CD  . GLU A 1 98  ? 12.050  -5.922  -12.505 1.00 39.02 ? 98   GLU A CD  1 
ATOM   809 O OE1 . GLU A 1 98  ? 12.843  -6.546  -11.751 1.00 39.49 ? 98   GLU A OE1 1 
ATOM   810 O OE2 . GLU A 1 98  ? 11.026  -6.446  -13.012 1.00 40.00 ? 98   GLU A OE2 1 
ATOM   811 N N   . TYR A 1 99  ? 11.634  -1.369  -10.723 1.00 30.46 ? 99   TYR A N   1 
ATOM   812 C CA  . TYR A 1 99  ? 10.336  -0.817  -10.413 1.00 30.45 ? 99   TYR A CA  1 
ATOM   813 C C   . TYR A 1 99  ? 10.243  0.707   -10.542 1.00 30.38 ? 99   TYR A C   1 
ATOM   814 O O   . TYR A 1 99  ? 9.195   1.232   -10.934 1.00 29.95 ? 99   TYR A O   1 
ATOM   815 C CB  . TYR A 1 99  ? 9.873   -1.347  -9.052  1.00 30.54 ? 99   TYR A CB  1 
ATOM   816 C CG  . TYR A 1 99  ? 9.757   -2.864  -9.083  1.00 32.96 ? 99   TYR A CG  1 
ATOM   817 C CD1 . TYR A 1 99  ? 8.999   -3.501  -10.077 1.00 33.82 ? 99   TYR A CD1 1 
ATOM   818 C CD2 . TYR A 1 99  ? 10.404  -3.660  -8.146  1.00 31.43 ? 99   TYR A CD2 1 
ATOM   819 C CE1 . TYR A 1 99  ? 8.896   -4.908  -10.127 1.00 34.63 ? 99   TYR A CE1 1 
ATOM   820 C CE2 . TYR A 1 99  ? 10.297  -5.053  -8.176  1.00 33.90 ? 99   TYR A CE2 1 
ATOM   821 C CZ  . TYR A 1 99  ? 9.552   -5.670  -9.171  1.00 34.41 ? 99   TYR A CZ  1 
ATOM   822 O OH  . TYR A 1 99  ? 9.455   -7.042  -9.211  1.00 35.34 ? 99   TYR A OH  1 
ATOM   823 N N   . TYR A 1 100 ? 11.327  1.406   -10.207 1.00 30.30 ? 100  TYR A N   1 
ATOM   824 C CA  . TYR A 1 100 ? 11.491  2.794   -10.581 1.00 30.62 ? 100  TYR A CA  1 
ATOM   825 C C   . TYR A 1 100 ? 11.345  2.989   -12.097 1.00 31.68 ? 100  TYR A C   1 
ATOM   826 O O   . TYR A 1 100 ? 10.662  3.911   -12.539 1.00 31.78 ? 100  TYR A O   1 
ATOM   827 C CB  . TYR A 1 100 ? 12.843  3.329   -10.135 1.00 29.93 ? 100  TYR A CB  1 
ATOM   828 C CG  . TYR A 1 100 ? 13.001  3.535   -8.642  1.00 28.47 ? 100  TYR A CG  1 
ATOM   829 C CD1 . TYR A 1 100 ? 11.896  3.756   -7.812  1.00 26.52 ? 100  TYR A CD1 1 
ATOM   830 C CD2 . TYR A 1 100 ? 14.272  3.528   -8.065  1.00 26.61 ? 100  TYR A CD2 1 
ATOM   831 C CE1 . TYR A 1 100 ? 12.057  3.946   -6.416  1.00 27.57 ? 100  TYR A CE1 1 
ATOM   832 C CE2 . TYR A 1 100 ? 14.451  3.729   -6.699  1.00 27.33 ? 100  TYR A CE2 1 
ATOM   833 C CZ  . TYR A 1 100 ? 13.361  3.936   -5.883  1.00 26.80 ? 100  TYR A CZ  1 
ATOM   834 O OH  . TYR A 1 100 ? 13.591  4.115   -4.540  1.00 26.63 ? 100  TYR A OH  1 
ATOM   835 N N   . GLN A 1 101 ? 11.971  2.130   -12.895 1.00 32.01 ? 101  GLN A N   1 
ATOM   836 C CA  . GLN A 1 101 ? 11.839  2.279   -14.341 1.00 33.41 ? 101  GLN A CA  1 
ATOM   837 C C   . GLN A 1 101 ? 10.376  2.021   -14.792 1.00 34.26 ? 101  GLN A C   1 
ATOM   838 O O   . GLN A 1 101 ? 9.870   2.685   -15.697 1.00 33.95 ? 101  GLN A O   1 
ATOM   839 C CB  . GLN A 1 101 ? 12.814  1.362   -15.079 1.00 33.24 ? 101  GLN A CB  1 
ATOM   840 C CG  . GLN A 1 101 ? 14.287  1.778   -14.984 1.00 33.02 ? 101  GLN A CG  1 
ATOM   841 C CD  . GLN A 1 101 ? 15.237  0.657   -15.378 1.00 33.73 ? 101  GLN A CD  1 
ATOM   842 O OE1 . GLN A 1 101 ? 14.855  -0.519  -15.408 1.00 31.22 ? 101  GLN A OE1 1 
ATOM   843 N NE2 . GLN A 1 101 ? 16.492  1.016   -15.684 1.00 33.46 ? 101  GLN A NE2 1 
ATOM   844 N N   . LYS A 1 102 ? 9.715   1.054   -14.161 1.00 35.03 ? 102  LYS A N   1 
ATOM   845 C CA  . LYS A 1 102 ? 8.319   0.795   -14.458 1.00 36.82 ? 102  LYS A CA  1 
ATOM   846 C C   . LYS A 1 102 ? 7.472   2.000   -14.033 1.00 37.00 ? 102  LYS A C   1 
ATOM   847 O O   . LYS A 1 102 ? 6.686   2.507   -14.822 1.00 37.62 ? 102  LYS A O   1 
ATOM   848 C CB  . LYS A 1 102 ? 7.852   -0.518  -13.837 1.00 37.26 ? 102  LYS A CB  1 
ATOM   849 C CG  . LYS A 1 102 ? 6.420   -0.918  -14.187 1.00 41.22 ? 102  LYS A CG  1 
ATOM   850 C CD  . LYS A 1 102 ? 6.266   -1.195  -15.678 1.00 45.18 ? 102  LYS A CD  1 
ATOM   851 C CE  . LYS A 1 102 ? 4.845   -0.972  -16.161 1.00 46.65 ? 102  LYS A CE  1 
ATOM   852 N NZ  . LYS A 1 102 ? 4.021   -2.208  -16.154 1.00 49.07 ? 102  LYS A NZ  1 
ATOM   853 N N   . ALA A 1 103 ? 7.681   2.521   -12.828 1.00 36.90 ? 103  ALA A N   1 
ATOM   854 C CA  . ALA A 1 103 ? 6.966   3.733   -12.424 1.00 37.21 ? 103  ALA A CA  1 
ATOM   855 C C   . ALA A 1 103 ? 7.154   4.852   -13.432 1.00 37.83 ? 103  ALA A C   1 
ATOM   856 O O   . ALA A 1 103 ? 6.194   5.532   -13.770 1.00 38.02 ? 103  ALA A O   1 
ATOM   857 C CB  . ALA A 1 103 ? 7.375   4.208   -11.026 1.00 36.27 ? 103  ALA A CB  1 
ATOM   858 N N   . LEU A 1 104 ? 8.386   5.041   -13.906 1.00 37.82 ? 104  LEU A N   1 
ATOM   859 C CA  . LEU A 1 104 ? 8.698   6.178   -14.749 1.00 38.59 ? 104  LEU A CA  1 
ATOM   860 C C   . LEU A 1 104 ? 8.156   6.028   -16.158 1.00 39.30 ? 104  LEU A C   1 
ATOM   861 O O   . LEU A 1 104 ? 7.948   7.024   -16.839 1.00 38.24 ? 104  LEU A O   1 
ATOM   862 C CB  . LEU A 1 104 ? 10.212  6.488   -14.764 1.00 37.87 ? 104  LEU A CB  1 
ATOM   863 C CG  . LEU A 1 104 ? 10.688  7.238   -13.515 1.00 38.16 ? 104  LEU A CG  1 
ATOM   864 C CD1 . LEU A 1 104 ? 12.176  7.058   -13.247 1.00 37.11 ? 104  LEU A CD1 1 
ATOM   865 C CD2 . LEU A 1 104 ? 10.329  8.724   -13.576 1.00 36.19 ? 104  LEU A CD2 1 
ATOM   866 N N   . GLU A 1 105 ? 7.916   4.797   -16.597 1.00 41.15 ? 105  GLU A N   1 
ATOM   867 C CA  . GLU A 1 105 ? 7.325   4.604   -17.917 1.00 43.23 ? 105  GLU A CA  1 
ATOM   868 C C   . GLU A 1 105 ? 5.792   4.761   -17.951 1.00 44.51 ? 105  GLU A C   1 
ATOM   869 O O   . GLU A 1 105 ? 5.196   4.816   -19.027 1.00 44.60 ? 105  GLU A O   1 
ATOM   870 C CB  . GLU A 1 105 ? 7.824   3.329   -18.600 1.00 43.29 ? 105  GLU A CB  1 
ATOM   871 C CG  . GLU A 1 105 ? 7.217   2.002   -18.198 1.00 46.36 ? 105  GLU A CG  1 
ATOM   872 C CD  . GLU A 1 105 ? 8.122   0.820   -18.603 1.00 50.62 ? 105  GLU A CD  1 
ATOM   873 O OE1 . GLU A 1 105 ? 9.311   1.069   -18.956 1.00 52.12 ? 105  GLU A OE1 1 
ATOM   874 O OE2 . GLU A 1 105 ? 7.661   -0.351  -18.562 1.00 51.94 ? 105  GLU A OE2 1 
ATOM   875 N N   . LEU A 1 106 ? 5.181   4.876   -16.773 1.00 45.28 ? 106  LEU A N   1 
ATOM   876 C CA  . LEU A 1 106 ? 3.749   5.105   -16.647 1.00 46.34 ? 106  LEU A CA  1 
ATOM   877 C C   . LEU A 1 106 ? 3.405   6.597   -16.579 1.00 48.00 ? 106  LEU A C   1 
ATOM   878 O O   . LEU A 1 106 ? 2.238   6.975   -16.437 1.00 47.99 ? 106  LEU A O   1 
ATOM   879 C CB  . LEU A 1 106 ? 3.224   4.382   -15.414 1.00 45.38 ? 106  LEU A CB  1 
ATOM   880 C CG  . LEU A 1 106 ? 2.590   3.008   -15.609 1.00 44.70 ? 106  LEU A CG  1 
ATOM   881 C CD1 . LEU A 1 106 ? 3.288   2.175   -16.636 1.00 44.95 ? 106  LEU A CD1 1 
ATOM   882 C CD2 . LEU A 1 106 ? 2.588   2.298   -14.277 1.00 43.43 ? 106  LEU A CD2 1 
ATOM   883 N N   . TYR A 1 107 ? 4.427   7.438   -16.685 1.00 49.88 ? 107  TYR A N   1 
ATOM   884 C CA  . TYR A 1 107 ? 4.245   8.880   -16.603 1.00 51.06 ? 107  TYR A CA  1 
ATOM   885 C C   . TYR A 1 107 ? 4.446   9.530   -17.963 1.00 52.18 ? 107  TYR A C   1 
ATOM   886 O O   . TYR A 1 107 ? 5.434   9.245   -18.653 1.00 52.35 ? 107  TYR A O   1 
ATOM   887 C CB  . TYR A 1 107 ? 5.219   9.483   -15.592 1.00 51.32 ? 107  TYR A CB  1 
ATOM   888 C CG  . TYR A 1 107 ? 4.836   9.339   -14.120 1.00 50.59 ? 107  TYR A CG  1 
ATOM   889 C CD1 . TYR A 1 107 ? 5.574   8.532   -13.257 1.00 50.12 ? 107  TYR A CD1 1 
ATOM   890 C CD2 . TYR A 1 107 ? 3.764   10.051  -13.582 1.00 51.03 ? 107  TYR A CD2 1 
ATOM   891 C CE1 . TYR A 1 107 ? 5.249   8.434   -11.897 1.00 47.60 ? 107  TYR A CE1 1 
ATOM   892 C CE2 . TYR A 1 107 ? 3.433   9.951   -12.222 1.00 48.15 ? 107  TYR A CE2 1 
ATOM   893 C CZ  . TYR A 1 107 ? 4.172   9.148   -11.395 1.00 47.37 ? 107  TYR A CZ  1 
ATOM   894 O OH  . TYR A 1 107 ? 3.823   9.064   -10.059 1.00 49.24 ? 107  TYR A OH  1 
ATOM   895 N N   . PRO A 1 108 ? 3.483   10.370  -18.377 1.00 53.00 ? 108  PRO A N   1 
ATOM   896 C CA  . PRO A 1 108 ? 2.176   10.501  -17.707 1.00 53.52 ? 108  PRO A CA  1 
ATOM   897 C C   . PRO A 1 108 ? 1.068   9.690   -18.391 1.00 53.68 ? 108  PRO A C   1 
ATOM   898 O O   . PRO A 1 108 ? 0.101   9.281   -17.739 1.00 54.47 ? 108  PRO A O   1 
ATOM   899 C CB  . PRO A 1 108 ? 1.882   12.002  -17.800 1.00 53.87 ? 108  PRO A CB  1 
ATOM   900 C CG  . PRO A 1 108 ? 2.762   12.530  -18.970 1.00 53.96 ? 108  PRO A CG  1 
ATOM   901 C CD  . PRO A 1 108 ? 3.688   11.403  -19.410 1.00 53.25 ? 108  PRO A CD  1 
HETATM 902 C C1  . MRD B 2 .   ? 3.641   -9.590  -9.509  1.00 79.62 ? 1109 MRD A C1  1 
HETATM 903 C C2  . MRD B 2 .   ? 3.655   -8.070  -9.691  1.00 79.83 ? 1109 MRD A C2  1 
HETATM 904 O O2  . MRD B 2 .   ? 4.997   -7.584  -9.405  1.00 79.50 ? 1109 MRD A O2  1 
HETATM 905 C CM  . MRD B 2 .   ? 2.733   -7.423  -8.671  1.00 79.37 ? 1109 MRD A CM  1 
HETATM 906 C C3  . MRD B 2 .   ? 3.283   -7.664  -11.127 1.00 79.53 ? 1109 MRD A C3  1 
HETATM 907 C C4  . MRD B 2 .   ? 1.778   -7.579  -11.420 1.00 79.10 ? 1109 MRD A C4  1 
HETATM 908 O O4  . MRD B 2 .   ? 1.327   -8.810  -11.952 1.00 78.93 ? 1109 MRD A O4  1 
HETATM 909 C C5  . MRD B 2 .   ? 1.439   -6.438  -12.377 1.00 77.83 ? 1109 MRD A C5  1 
HETATM 910 C C1  . MPD C 3 .   ? 9.245   -3.376  11.598  1.00 88.98 ? 1110 MPD A C1  1 
HETATM 911 C C2  . MPD C 3 .   ? 10.647  -3.680  12.124  1.00 88.98 ? 1110 MPD A C2  1 
HETATM 912 O O2  . MPD C 3 .   ? 10.622  -3.573  13.570  1.00 89.24 ? 1110 MPD A O2  1 
HETATM 913 C CM  . MPD C 3 .   ? 11.653  -2.637  11.633  1.00 88.62 ? 1110 MPD A CM  1 
HETATM 914 C C3  . MPD C 3 .   ? 11.039  -5.128  11.792  1.00 88.78 ? 1110 MPD A C3  1 
HETATM 915 C C4  . MPD C 3 .   ? 11.424  -5.408  10.337  1.00 88.52 ? 1110 MPD A C4  1 
HETATM 916 O O4  . MPD C 3 .   ? 12.831  -5.415  10.231  1.00 87.72 ? 1110 MPD A O4  1 
HETATM 917 C C5  . MPD C 3 .   ? 10.851  -6.740  9.849   1.00 88.08 ? 1110 MPD A C5  1 
HETATM 918 C C1  . EDO D 4 .   ? 3.685   7.791   1.478   1.00 62.30 ? 1111 EDO A C1  1 
HETATM 919 O O1  . EDO D 4 .   ? 2.893   7.946   0.298   1.00 63.12 ? 1111 EDO A O1  1 
HETATM 920 C C2  . EDO D 4 .   ? 4.458   6.483   1.373   1.00 61.70 ? 1111 EDO A C2  1 
HETATM 921 O O2  . EDO D 4 .   ? 5.834   6.730   1.694   1.00 61.71 ? 1111 EDO A O2  1 
HETATM 922 C C1  . EDO E 4 .   ? -7.275  -10.778 -2.825  1.00 55.81 ? 1112 EDO A C1  1 
HETATM 923 O O1  . EDO E 4 .   ? -6.705  -10.564 -4.126  1.00 55.60 ? 1112 EDO A O1  1 
HETATM 924 C C2  . EDO E 4 .   ? -6.748  -12.092 -2.247  1.00 57.10 ? 1112 EDO A C2  1 
HETATM 925 O O2  . EDO E 4 .   ? -6.355  -11.932 -0.873  1.00 57.25 ? 1112 EDO A O2  1 
HETATM 926 O O   . HOH F 5 .   ? -9.414  -5.162  11.531  1.00 35.07 ? 2001 HOH A O   1 
HETATM 927 O O   . HOH F 5 .   ? -16.631 -9.018  -1.421  1.00 35.86 ? 2002 HOH A O   1 
HETATM 928 O O   . HOH F 5 .   ? -13.746 -11.137 -3.534  1.00 35.89 ? 2003 HOH A O   1 
HETATM 929 O O   . HOH F 5 .   ? -11.687 1.939   -1.494  1.00 39.32 ? 2004 HOH A O   1 
HETATM 930 O O   . HOH F 5 .   ? 10.174  3.496   6.811   1.00 35.26 ? 2005 HOH A O   1 
HETATM 931 O O   . HOH F 5 .   ? 11.705  -5.607  6.273   1.00 39.32 ? 2006 HOH A O   1 
HETATM 932 O O   . HOH F 5 .   ? 2.074   -10.333 -2.558  1.00 41.45 ? 2007 HOH A O   1 
HETATM 933 O O   . HOH F 5 .   ? -7.453  -2.786  -12.699 1.00 27.79 ? 2008 HOH A O   1 
HETATM 934 O O   . HOH F 5 .   ? -5.079  -1.856  -16.328 1.00 42.27 ? 2009 HOH A O   1 
HETATM 935 O O   . HOH F 5 .   ? 0.026   6.909   -9.800  1.00 33.08 ? 2010 HOH A O   1 
# 
loop_
_pdbx_poly_seq_scheme.asym_id 
_pdbx_poly_seq_scheme.entity_id 
_pdbx_poly_seq_scheme.seq_id 
_pdbx_poly_seq_scheme.mon_id 
_pdbx_poly_seq_scheme.ndb_seq_num 
_pdbx_poly_seq_scheme.pdb_seq_num 
_pdbx_poly_seq_scheme.auth_seq_num 
_pdbx_poly_seq_scheme.pdb_mon_id 
_pdbx_poly_seq_scheme.auth_mon_id 
_pdbx_poly_seq_scheme.pdb_strand_id 
_pdbx_poly_seq_scheme.pdb_ins_code 
_pdbx_poly_seq_scheme.hetero 
A 1 1   GLY 1   1   ?   ?   ?   A . n 
A 1 2   ALA 2   2   ?   ?   ?   A . n 
A 1 3   MET 3   3   ?   ?   ?   A . n 
A 1 4   ASP 4   4   ?   ?   ?   A . n 
A 1 5   PRO 5   5   5   PRO PRO A . n 
A 1 6   GLY 6   6   6   GLY GLY A . n 
A 1 7   ASN 7   7   7   ASN ASN A . n 
A 1 8   SER 8   8   8   SER SER A . n 
A 1 9   ALA 9   9   9   ALA ALA A . n 
A 1 10  GLU 10  10  10  GLU GLU A . n 
A 1 11  ALA 11  11  11  ALA ALA A . n 
A 1 12  TRP 12  12  12  TRP TRP A . n 
A 1 13  TYR 13  13  13  TYR TYR A . n 
A 1 14  ASN 14  14  14  ASN ASN A . n 
A 1 15  LEU 15  15  15  LEU LEU A . n 
A 1 16  GLY 16  16  16  GLY GLY A . n 
A 1 17  ASN 17  17  17  ASN ASN A . n 
A 1 18  ALA 18  18  18  ALA ALA A . n 
A 1 19  TYR 19  19  19  TYR TYR A . n 
A 1 20  TYR 20  20  20  TYR TYR A . n 
A 1 21  LYS 21  21  21  LYS LYS A . n 
A 1 22  GLN 22  22  22  GLN GLN A . n 
A 1 23  GLY 23  23  23  GLY GLY A . n 
A 1 24  ASP 24  24  24  ASP ASP A . n 
A 1 25  TYR 25  25  25  TYR TYR A . n 
A 1 26  ASP 26  26  26  ASP ASP A . n 
A 1 27  GLU 27  27  27  GLU GLU A . n 
A 1 28  ALA 28  28  28  ALA ALA A . n 
A 1 29  ILE 29  29  29  ILE ILE A . n 
A 1 30  GLU 30  30  30  GLU GLU A . n 
A 1 31  TYR 31  31  31  TYR TYR A . n 
A 1 32  TYR 32  32  32  TYR TYR A . n 
A 1 33  GLN 33  33  33  GLN GLN A . n 
A 1 34  LYS 34  34  34  LYS LYS A . n 
A 1 35  ALA 35  35  35  ALA ALA A . n 
A 1 36  LEU 36  36  36  LEU LEU A . n 
A 1 37  GLU 37  37  37  GLU GLU A . n 
A 1 38  LEU 38  38  38  LEU LEU A . n 
A 1 39  TYR 39  39  39  TYR TYR A . n 
A 1 40  PRO 40  40  40  PRO PRO A . n 
A 1 41  ASN 41  41  41  ASN ASN A . n 
A 1 42  ASN 42  42  42  ASN ASN A . n 
A 1 43  ALA 43  43  43  ALA ALA A . n 
A 1 44  GLU 44  44  44  GLU GLU A . n 
A 1 45  ALA 45  45  45  ALA ALA A . n 
A 1 46  TRP 46  46  46  TRP TRP A . n 
A 1 47  TYR 47  47  47  TYR TYR A . n 
A 1 48  ASN 48  48  48  ASN ASN A . n 
A 1 49  LEU 49  49  49  LEU LEU A . n 
A 1 50  GLY 50  50  50  GLY GLY A . n 
A 1 51  ASN 51  51  51  ASN ASN A . n 
A 1 52  ALA 52  52  52  ALA ALA A . n 
A 1 53  TYR 53  53  53  TYR TYR A . n 
A 1 54  TYR 54  54  54  TYR TYR A . n 
A 1 55  LYS 55  55  55  LYS LYS A . n 
A 1 56  GLN 56  56  56  GLN GLN A . n 
A 1 57  GLY 57  57  57  GLY GLY A . n 
A 1 58  ASP 58  58  58  ASP ASP A . n 
A 1 59  TYR 59  59  59  TYR TYR A . n 
A 1 60  ASP 60  60  60  ASP ASP A . n 
A 1 61  GLU 61  61  61  GLU GLU A . n 
A 1 62  ALA 62  62  62  ALA ALA A . n 
A 1 63  ILE 63  63  63  ILE ILE A . n 
A 1 64  GLU 64  64  64  GLU GLU A . n 
A 1 65  TYR 65  65  65  TYR TYR A . n 
A 1 66  TYR 66  66  66  TYR TYR A . n 
A 1 67  GLN 67  67  67  GLN GLN A . n 
A 1 68  LYS 68  68  68  LYS LYS A . n 
A 1 69  ALA 69  69  69  ALA ALA A . n 
A 1 70  LEU 70  70  70  LEU LEU A . n 
A 1 71  GLU 71  71  71  GLU GLU A . n 
A 1 72  LEU 72  72  72  LEU LEU A . n 
A 1 73  TYR 73  73  73  TYR TYR A . n 
A 1 74  PRO 74  74  74  PRO PRO A . n 
A 1 75  ASN 75  75  75  ASN ASN A . n 
A 1 76  ASN 76  76  76  ASN ASN A . n 
A 1 77  ALA 77  77  77  ALA ALA A . n 
A 1 78  GLU 78  78  78  GLU GLU A . n 
A 1 79  ALA 79  79  79  ALA ALA A . n 
A 1 80  TRP 80  80  80  TRP TRP A . n 
A 1 81  TYR 81  81  81  TYR TYR A . n 
A 1 82  ASN 82  82  82  ASN ASN A . n 
A 1 83  LEU 83  83  83  LEU LEU A . n 
A 1 84  GLY 84  84  84  GLY GLY A . n 
A 1 85  ASN 85  85  85  ASN ASN A . n 
A 1 86  ALA 86  86  86  ALA ALA A . n 
A 1 87  TYR 87  87  87  TYR TYR A . n 
A 1 88  TYR 88  88  88  TYR TYR A . n 
A 1 89  LYS 89  89  89  LYS LYS A . n 
A 1 90  GLN 90  90  90  GLN GLN A . n 
A 1 91  GLY 91  91  91  GLY GLY A . n 
A 1 92  ASP 92  92  92  ASP ASP A . n 
A 1 93  TYR 93  93  93  TYR TYR A . n 
A 1 94  ASP 94  94  94  ASP ASP A . n 
A 1 95  GLU 95  95  95  GLU GLU A . n 
A 1 96  ALA 96  96  96  ALA ALA A . n 
A 1 97  ILE 97  97  97  ILE ILE A . n 
A 1 98  GLU 98  98  98  GLU GLU A . n 
A 1 99  TYR 99  99  99  TYR TYR A . n 
A 1 100 TYR 100 100 100 TYR TYR A . n 
A 1 101 GLN 101 101 101 GLN GLN A . n 
A 1 102 LYS 102 102 102 LYS LYS A . n 
A 1 103 ALA 103 103 103 ALA ALA A . n 
A 1 104 LEU 104 104 104 LEU LEU A . n 
A 1 105 GLU 105 105 105 GLU GLU A . n 
A 1 106 LEU 106 106 106 LEU LEU A . n 
A 1 107 TYR 107 107 107 TYR TYR A . n 
A 1 108 PRO 108 108 108 PRO PRO A . n 
A 1 109 ASN 109 109 ?   ?   ?   A . n 
A 1 110 ASN 110 110 ?   ?   ?   A . n 
A 1 111 ALA 111 111 ?   ?   ?   A . n 
A 1 112 GLU 112 112 ?   ?   ?   A . n 
A 1 113 ALA 113 113 ?   ?   ?   A . n 
A 1 114 LYS 114 114 ?   ?   ?   A . n 
A 1 115 GLN 115 115 ?   ?   ?   A . n 
A 1 116 ASN 116 116 ?   ?   ?   A . n 
A 1 117 LEU 117 117 ?   ?   ?   A . n 
A 1 118 GLY 118 118 ?   ?   ?   A . n 
A 1 119 ASN 119 119 ?   ?   ?   A . n 
A 1 120 ALA 120 120 ?   ?   ?   A . n 
A 1 121 LYS 121 121 ?   ?   ?   A . n 
A 1 122 GLN 122 122 ?   ?   ?   A . n 
A 1 123 LYS 123 123 ?   ?   ?   A . n 
A 1 124 GLN 124 124 ?   ?   ?   A . n 
A 1 125 GLY 125 125 ?   ?   ?   A . n 
# 
loop_
_pdbx_nonpoly_scheme.asym_id 
_pdbx_nonpoly_scheme.entity_id 
_pdbx_nonpoly_scheme.mon_id 
_pdbx_nonpoly_scheme.ndb_seq_num 
_pdbx_nonpoly_scheme.pdb_seq_num 
_pdbx_nonpoly_scheme.auth_seq_num 
_pdbx_nonpoly_scheme.pdb_mon_id 
_pdbx_nonpoly_scheme.auth_mon_id 
_pdbx_nonpoly_scheme.pdb_strand_id 
_pdbx_nonpoly_scheme.pdb_ins_code 
B 2 MRD 1  1109 1109 MRD MRD A . 
C 3 MPD 1  1110 1110 MPD MPD A . 
D 4 EDO 1  1111 1111 EDO EDO A . 
E 4 EDO 1  1112 1112 EDO EDO A . 
F 5 HOH 1  2001 2001 HOH HOH A . 
F 5 HOH 2  2002 2002 HOH HOH A . 
F 5 HOH 3  2003 2003 HOH HOH A . 
F 5 HOH 4  2004 2004 HOH HOH A . 
F 5 HOH 5  2005 2005 HOH HOH A . 
F 5 HOH 6  2006 2006 HOH HOH A . 
F 5 HOH 7  2007 2007 HOH HOH A . 
F 5 HOH 8  2008 2008 HOH HOH A . 
F 5 HOH 9  2009 2009 HOH HOH A . 
F 5 HOH 10 2010 2010 HOH HOH A . 
# 
_pdbx_struct_assembly.id                   1 
_pdbx_struct_assembly.details              author_and_software_defined_assembly 
_pdbx_struct_assembly.method_details       PISA 
_pdbx_struct_assembly.oligomeric_details   dimeric 
_pdbx_struct_assembly.oligomeric_count     2 
# 
_pdbx_struct_assembly_gen.assembly_id       1 
_pdbx_struct_assembly_gen.oper_expression   1,2 
_pdbx_struct_assembly_gen.asym_id_list      A,B,C,D,E,F 
# 
loop_
_pdbx_struct_assembly_prop.biol_id 
_pdbx_struct_assembly_prop.type 
_pdbx_struct_assembly_prop.value 
_pdbx_struct_assembly_prop.details 
1 'ABSA (A^2)' 2600  ? 
1 MORE         -21.9 ? 
1 'SSA (A^2)'  10830 ? 
# 
loop_
_pdbx_struct_oper_list.id 
_pdbx_struct_oper_list.type 
_pdbx_struct_oper_list.name 
_pdbx_struct_oper_list.symmetry_operation 
_pdbx_struct_oper_list.matrix[1][1] 
_pdbx_struct_oper_list.matrix[1][2] 
_pdbx_struct_oper_list.matrix[1][3] 
_pdbx_struct_oper_list.vector[1] 
_pdbx_struct_oper_list.matrix[2][1] 
_pdbx_struct_oper_list.matrix[2][2] 
_pdbx_struct_oper_list.matrix[2][3] 
_pdbx_struct_oper_list.vector[2] 
_pdbx_struct_oper_list.matrix[3][1] 
_pdbx_struct_oper_list.matrix[3][2] 
_pdbx_struct_oper_list.matrix[3][3] 
_pdbx_struct_oper_list.vector[3] 
1 'identity operation'         1_555  x,y,z         1.0000000000 0.0000000000  0.0000000000 0.0000000000  0.0000000000  1.0000000000  0.0000000000  0.0000000000  0.0000000000 0.0000000000  1.0000000000  0.0000000000   
2 'crystal symmetry operation' 11_555 -x+y,y,-z+1/2 0.2370413903 -0.8754037914 0.4212832555 19.4371543084 -0.8754037914 -0.3805124032 -0.2981249956 16.0045442989 0.4212832555 -0.2981249956 -0.8565289870 -23.8180024960 
# 
loop_
_pdbx_audit_revision_history.ordinal 
_pdbx_audit_revision_history.data_content_type 
_pdbx_audit_revision_history.major_revision 
_pdbx_audit_revision_history.minor_revision 
_pdbx_audit_revision_history.revision_date 
1 'Structure model' 1 0 2010-04-07 
2 'Structure model' 1 1 2011-05-08 
3 'Structure model' 1 2 2011-07-13 
4 'Structure model' 1 3 2018-03-07 
5 'Structure model' 1 4 2023-12-20 
# 
_pdbx_audit_revision_details.ordinal             1 
_pdbx_audit_revision_details.revision_ordinal    1 
_pdbx_audit_revision_details.data_content_type   'Structure model' 
_pdbx_audit_revision_details.provider            repository 
_pdbx_audit_revision_details.type                'Initial release' 
_pdbx_audit_revision_details.description         ? 
_pdbx_audit_revision_details.details             ? 
# 
loop_
_pdbx_audit_revision_group.ordinal 
_pdbx_audit_revision_group.revision_ordinal 
_pdbx_audit_revision_group.data_content_type 
_pdbx_audit_revision_group.group 
1 2 'Structure model' 'Version format compliance' 
2 3 'Structure model' 'Version format compliance' 
3 4 'Structure model' 'Database references'       
4 4 'Structure model' 'Source and taxonomy'       
5 5 'Structure model' 'Data collection'           
6 5 'Structure model' 'Database references'       
7 5 'Structure model' 'Derived calculations'      
8 5 'Structure model' Other                       
9 5 'Structure model' 'Refinement description'    
# 
loop_
_pdbx_audit_revision_category.ordinal 
_pdbx_audit_revision_category.revision_ordinal 
_pdbx_audit_revision_category.data_content_type 
_pdbx_audit_revision_category.category 
1 4 'Structure model' citation                      
2 4 'Structure model' entity_src_nat                
3 5 'Structure model' chem_comp_atom                
4 5 'Structure model' chem_comp_bond                
5 5 'Structure model' database_2                    
6 5 'Structure model' pdbx_database_status          
7 5 'Structure model' pdbx_initial_refinement_model 
8 5 'Structure model' struct_site                   
# 
loop_
_pdbx_audit_revision_item.ordinal 
_pdbx_audit_revision_item.revision_ordinal 
_pdbx_audit_revision_item.data_content_type 
_pdbx_audit_revision_item.item 
1  4 'Structure model' '_citation.journal_id_ISSN'                
2  4 'Structure model' '_citation.page_last'                      
3  4 'Structure model' '_citation.pdbx_database_id_DOI'           
4  4 'Structure model' '_citation.title'                          
5  4 'Structure model' '_entity_src_nat.pdbx_ncbi_taxonomy_id'    
6  4 'Structure model' '_entity_src_nat.pdbx_organism_scientific' 
7  5 'Structure model' '_database_2.pdbx_DOI'                     
8  5 'Structure model' '_database_2.pdbx_database_accession'      
9  5 'Structure model' '_pdbx_database_status.status_code_sf'     
10 5 'Structure model' '_struct_site.pdbx_auth_asym_id'           
11 5 'Structure model' '_struct_site.pdbx_auth_comp_id'           
12 5 'Structure model' '_struct_site.pdbx_auth_seq_id'            
# 
loop_
_software.name 
_software.classification 
_software.version 
_software.citation_id 
_software.pdbx_ordinal 
_software.date 
_software.type 
_software.location 
_software.language 
REFMAC   refinement       5.5.0088 ? 1 ? ? ? ? 
HKL-2000 'data reduction' .        ? 2 ? ? ? ? 
HKL-2000 'data scaling'   .        ? 3 ? ? ? ? 
MrBUMP   phasing          .        ? 4 ? ? ? ? 
# 
loop_
_pdbx_unobs_or_zero_occ_residues.id 
_pdbx_unobs_or_zero_occ_residues.PDB_model_num 
_pdbx_unobs_or_zero_occ_residues.polymer_flag 
_pdbx_unobs_or_zero_occ_residues.occupancy_flag 
_pdbx_unobs_or_zero_occ_residues.auth_asym_id 
_pdbx_unobs_or_zero_occ_residues.auth_comp_id 
_pdbx_unobs_or_zero_occ_residues.auth_seq_id 
_pdbx_unobs_or_zero_occ_residues.PDB_ins_code 
_pdbx_unobs_or_zero_occ_residues.label_asym_id 
_pdbx_unobs_or_zero_occ_residues.label_comp_id 
_pdbx_unobs_or_zero_occ_residues.label_seq_id 
1  1 Y 1 A GLY 1   ? A GLY 1   
2  1 Y 1 A ALA 2   ? A ALA 2   
3  1 Y 1 A MET 3   ? A MET 3   
4  1 Y 1 A ASP 4   ? A ASP 4   
5  1 Y 1 A ASN 109 ? A ASN 109 
6  1 Y 1 A ASN 110 ? A ASN 110 
7  1 Y 1 A ALA 111 ? A ALA 111 
8  1 Y 1 A GLU 112 ? A GLU 112 
9  1 Y 1 A ALA 113 ? A ALA 113 
10 1 Y 1 A LYS 114 ? A LYS 114 
11 1 Y 1 A GLN 115 ? A GLN 115 
12 1 Y 1 A ASN 116 ? A ASN 116 
13 1 Y 1 A LEU 117 ? A LEU 117 
14 1 Y 1 A GLY 118 ? A GLY 118 
15 1 Y 1 A ASN 119 ? A ASN 119 
16 1 Y 1 A ALA 120 ? A ALA 120 
17 1 Y 1 A LYS 121 ? A LYS 121 
18 1 Y 1 A GLN 122 ? A GLN 122 
19 1 Y 1 A LYS 123 ? A LYS 123 
20 1 Y 1 A GLN 124 ? A GLN 124 
21 1 Y 1 A GLY 125 ? A GLY 125 
# 
loop_
_chem_comp_atom.comp_id 
_chem_comp_atom.atom_id 
_chem_comp_atom.type_symbol 
_chem_comp_atom.pdbx_aromatic_flag 
_chem_comp_atom.pdbx_stereo_config 
_chem_comp_atom.pdbx_ordinal 
ALA N    N N N 1   
ALA CA   C N S 2   
ALA C    C N N 3   
ALA O    O N N 4   
ALA CB   C N N 5   
ALA OXT  O N N 6   
ALA H    H N N 7   
ALA H2   H N N 8   
ALA HA   H N N 9   
ALA HB1  H N N 10  
ALA HB2  H N N 11  
ALA HB3  H N N 12  
ALA HXT  H N N 13  
ASN N    N N N 14  
ASN CA   C N S 15  
ASN C    C N N 16  
ASN O    O N N 17  
ASN CB   C N N 18  
ASN CG   C N N 19  
ASN OD1  O N N 20  
ASN ND2  N N N 21  
ASN OXT  O N N 22  
ASN H    H N N 23  
ASN H2   H N N 24  
ASN HA   H N N 25  
ASN HB2  H N N 26  
ASN HB3  H N N 27  
ASN HD21 H N N 28  
ASN HD22 H N N 29  
ASN HXT  H N N 30  
ASP N    N N N 31  
ASP CA   C N S 32  
ASP C    C N N 33  
ASP O    O N N 34  
ASP CB   C N N 35  
ASP CG   C N N 36  
ASP OD1  O N N 37  
ASP OD2  O N N 38  
ASP OXT  O N N 39  
ASP H    H N N 40  
ASP H2   H N N 41  
ASP HA   H N N 42  
ASP HB2  H N N 43  
ASP HB3  H N N 44  
ASP HD2  H N N 45  
ASP HXT  H N N 46  
EDO C1   C N N 47  
EDO O1   O N N 48  
EDO C2   C N N 49  
EDO O2   O N N 50  
EDO H11  H N N 51  
EDO H12  H N N 52  
EDO HO1  H N N 53  
EDO H21  H N N 54  
EDO H22  H N N 55  
EDO HO2  H N N 56  
GLN N    N N N 57  
GLN CA   C N S 58  
GLN C    C N N 59  
GLN O    O N N 60  
GLN CB   C N N 61  
GLN CG   C N N 62  
GLN CD   C N N 63  
GLN OE1  O N N 64  
GLN NE2  N N N 65  
GLN OXT  O N N 66  
GLN H    H N N 67  
GLN H2   H N N 68  
GLN HA   H N N 69  
GLN HB2  H N N 70  
GLN HB3  H N N 71  
GLN HG2  H N N 72  
GLN HG3  H N N 73  
GLN HE21 H N N 74  
GLN HE22 H N N 75  
GLN HXT  H N N 76  
GLU N    N N N 77  
GLU CA   C N S 78  
GLU C    C N N 79  
GLU O    O N N 80  
GLU CB   C N N 81  
GLU CG   C N N 82  
GLU CD   C N N 83  
GLU OE1  O N N 84  
GLU OE2  O N N 85  
GLU OXT  O N N 86  
GLU H    H N N 87  
GLU H2   H N N 88  
GLU HA   H N N 89  
GLU HB2  H N N 90  
GLU HB3  H N N 91  
GLU HG2  H N N 92  
GLU HG3  H N N 93  
GLU HE2  H N N 94  
GLU HXT  H N N 95  
GLY N    N N N 96  
GLY CA   C N N 97  
GLY C    C N N 98  
GLY O    O N N 99  
GLY OXT  O N N 100 
GLY H    H N N 101 
GLY H2   H N N 102 
GLY HA2  H N N 103 
GLY HA3  H N N 104 
GLY HXT  H N N 105 
HOH O    O N N 106 
HOH H1   H N N 107 
HOH H2   H N N 108 
ILE N    N N N 109 
ILE CA   C N S 110 
ILE C    C N N 111 
ILE O    O N N 112 
ILE CB   C N S 113 
ILE CG1  C N N 114 
ILE CG2  C N N 115 
ILE CD1  C N N 116 
ILE OXT  O N N 117 
ILE H    H N N 118 
ILE H2   H N N 119 
ILE HA   H N N 120 
ILE HB   H N N 121 
ILE HG12 H N N 122 
ILE HG13 H N N 123 
ILE HG21 H N N 124 
ILE HG22 H N N 125 
ILE HG23 H N N 126 
ILE HD11 H N N 127 
ILE HD12 H N N 128 
ILE HD13 H N N 129 
ILE HXT  H N N 130 
LEU N    N N N 131 
LEU CA   C N S 132 
LEU C    C N N 133 
LEU O    O N N 134 
LEU CB   C N N 135 
LEU CG   C N N 136 
LEU CD1  C N N 137 
LEU CD2  C N N 138 
LEU OXT  O N N 139 
LEU H    H N N 140 
LEU H2   H N N 141 
LEU HA   H N N 142 
LEU HB2  H N N 143 
LEU HB3  H N N 144 
LEU HG   H N N 145 
LEU HD11 H N N 146 
LEU HD12 H N N 147 
LEU HD13 H N N 148 
LEU HD21 H N N 149 
LEU HD22 H N N 150 
LEU HD23 H N N 151 
LEU HXT  H N N 152 
LYS N    N N N 153 
LYS CA   C N S 154 
LYS C    C N N 155 
LYS O    O N N 156 
LYS CB   C N N 157 
LYS CG   C N N 158 
LYS CD   C N N 159 
LYS CE   C N N 160 
LYS NZ   N N N 161 
LYS OXT  O N N 162 
LYS H    H N N 163 
LYS H2   H N N 164 
LYS HA   H N N 165 
LYS HB2  H N N 166 
LYS HB3  H N N 167 
LYS HG2  H N N 168 
LYS HG3  H N N 169 
LYS HD2  H N N 170 
LYS HD3  H N N 171 
LYS HE2  H N N 172 
LYS HE3  H N N 173 
LYS HZ1  H N N 174 
LYS HZ2  H N N 175 
LYS HZ3  H N N 176 
LYS HXT  H N N 177 
MET N    N N N 178 
MET CA   C N S 179 
MET C    C N N 180 
MET O    O N N 181 
MET CB   C N N 182 
MET CG   C N N 183 
MET SD   S N N 184 
MET CE   C N N 185 
MET OXT  O N N 186 
MET H    H N N 187 
MET H2   H N N 188 
MET HA   H N N 189 
MET HB2  H N N 190 
MET HB3  H N N 191 
MET HG2  H N N 192 
MET HG3  H N N 193 
MET HE1  H N N 194 
MET HE2  H N N 195 
MET HE3  H N N 196 
MET HXT  H N N 197 
MPD C1   C N N 198 
MPD C2   C N N 199 
MPD O2   O N N 200 
MPD CM   C N N 201 
MPD C3   C N N 202 
MPD C4   C N S 203 
MPD O4   O N N 204 
MPD C5   C N N 205 
MPD H11  H N N 206 
MPD H12  H N N 207 
MPD H13  H N N 208 
MPD HO2  H N N 209 
MPD HM1  H N N 210 
MPD HM2  H N N 211 
MPD HM3  H N N 212 
MPD H31  H N N 213 
MPD H32  H N N 214 
MPD H4   H N N 215 
MPD HO4  H N N 216 
MPD H51  H N N 217 
MPD H52  H N N 218 
MPD H53  H N N 219 
MRD C1   C N N 220 
MRD C2   C N N 221 
MRD O2   O N N 222 
MRD CM   C N N 223 
MRD C3   C N N 224 
MRD C4   C N R 225 
MRD O4   O N N 226 
MRD C5   C N N 227 
MRD H1C1 H N N 228 
MRD H1C2 H N N 229 
MRD H1C3 H N N 230 
MRD H2   H N N 231 
MRD HMC1 H N N 232 
MRD HMC2 H N N 233 
MRD HMC3 H N N 234 
MRD H3C1 H N N 235 
MRD H3C2 H N N 236 
MRD H4   H N N 237 
MRD HA   H N N 238 
MRD H5C1 H N N 239 
MRD H5C2 H N N 240 
MRD H5C3 H N N 241 
PRO N    N N N 242 
PRO CA   C N S 243 
PRO C    C N N 244 
PRO O    O N N 245 
PRO CB   C N N 246 
PRO CG   C N N 247 
PRO CD   C N N 248 
PRO OXT  O N N 249 
PRO H    H N N 250 
PRO HA   H N N 251 
PRO HB2  H N N 252 
PRO HB3  H N N 253 
PRO HG2  H N N 254 
PRO HG3  H N N 255 
PRO HD2  H N N 256 
PRO HD3  H N N 257 
PRO HXT  H N N 258 
SER N    N N N 259 
SER CA   C N S 260 
SER C    C N N 261 
SER O    O N N 262 
SER CB   C N N 263 
SER OG   O N N 264 
SER OXT  O N N 265 
SER H    H N N 266 
SER H2   H N N 267 
SER HA   H N N 268 
SER HB2  H N N 269 
SER HB3  H N N 270 
SER HG   H N N 271 
SER HXT  H N N 272 
TRP N    N N N 273 
TRP CA   C N S 274 
TRP C    C N N 275 
TRP O    O N N 276 
TRP CB   C N N 277 
TRP CG   C Y N 278 
TRP CD1  C Y N 279 
TRP CD2  C Y N 280 
TRP NE1  N Y N 281 
TRP CE2  C Y N 282 
TRP CE3  C Y N 283 
TRP CZ2  C Y N 284 
TRP CZ3  C Y N 285 
TRP CH2  C Y N 286 
TRP OXT  O N N 287 
TRP H    H N N 288 
TRP H2   H N N 289 
TRP HA   H N N 290 
TRP HB2  H N N 291 
TRP HB3  H N N 292 
TRP HD1  H N N 293 
TRP HE1  H N N 294 
TRP HE3  H N N 295 
TRP HZ2  H N N 296 
TRP HZ3  H N N 297 
TRP HH2  H N N 298 
TRP HXT  H N N 299 
TYR N    N N N 300 
TYR CA   C N S 301 
TYR C    C N N 302 
TYR O    O N N 303 
TYR CB   C N N 304 
TYR CG   C Y N 305 
TYR CD1  C Y N 306 
TYR CD2  C Y N 307 
TYR CE1  C Y N 308 
TYR CE2  C Y N 309 
TYR CZ   C Y N 310 
TYR OH   O N N 311 
TYR OXT  O N N 312 
TYR H    H N N 313 
TYR H2   H N N 314 
TYR HA   H N N 315 
TYR HB2  H N N 316 
TYR HB3  H N N 317 
TYR HD1  H N N 318 
TYR HD2  H N N 319 
TYR HE1  H N N 320 
TYR HE2  H N N 321 
TYR HH   H N N 322 
TYR HXT  H N N 323 
# 
loop_
_chem_comp_bond.comp_id 
_chem_comp_bond.atom_id_1 
_chem_comp_bond.atom_id_2 
_chem_comp_bond.value_order 
_chem_comp_bond.pdbx_aromatic_flag 
_chem_comp_bond.pdbx_stereo_config 
_chem_comp_bond.pdbx_ordinal 
ALA N   CA   sing N N 1   
ALA N   H    sing N N 2   
ALA N   H2   sing N N 3   
ALA CA  C    sing N N 4   
ALA CA  CB   sing N N 5   
ALA CA  HA   sing N N 6   
ALA C   O    doub N N 7   
ALA C   OXT  sing N N 8   
ALA CB  HB1  sing N N 9   
ALA CB  HB2  sing N N 10  
ALA CB  HB3  sing N N 11  
ALA OXT HXT  sing N N 12  
ASN N   CA   sing N N 13  
ASN N   H    sing N N 14  
ASN N   H2   sing N N 15  
ASN CA  C    sing N N 16  
ASN CA  CB   sing N N 17  
ASN CA  HA   sing N N 18  
ASN C   O    doub N N 19  
ASN C   OXT  sing N N 20  
ASN CB  CG   sing N N 21  
ASN CB  HB2  sing N N 22  
ASN CB  HB3  sing N N 23  
ASN CG  OD1  doub N N 24  
ASN CG  ND2  sing N N 25  
ASN ND2 HD21 sing N N 26  
ASN ND2 HD22 sing N N 27  
ASN OXT HXT  sing N N 28  
ASP N   CA   sing N N 29  
ASP N   H    sing N N 30  
ASP N   H2   sing N N 31  
ASP CA  C    sing N N 32  
ASP CA  CB   sing N N 33  
ASP CA  HA   sing N N 34  
ASP C   O    doub N N 35  
ASP C   OXT  sing N N 36  
ASP CB  CG   sing N N 37  
ASP CB  HB2  sing N N 38  
ASP CB  HB3  sing N N 39  
ASP CG  OD1  doub N N 40  
ASP CG  OD2  sing N N 41  
ASP OD2 HD2  sing N N 42  
ASP OXT HXT  sing N N 43  
EDO C1  O1   sing N N 44  
EDO C1  C2   sing N N 45  
EDO C1  H11  sing N N 46  
EDO C1  H12  sing N N 47  
EDO O1  HO1  sing N N 48  
EDO C2  O2   sing N N 49  
EDO C2  H21  sing N N 50  
EDO C2  H22  sing N N 51  
EDO O2  HO2  sing N N 52  
GLN N   CA   sing N N 53  
GLN N   H    sing N N 54  
GLN N   H2   sing N N 55  
GLN CA  C    sing N N 56  
GLN CA  CB   sing N N 57  
GLN CA  HA   sing N N 58  
GLN C   O    doub N N 59  
GLN C   OXT  sing N N 60  
GLN CB  CG   sing N N 61  
GLN CB  HB2  sing N N 62  
GLN CB  HB3  sing N N 63  
GLN CG  CD   sing N N 64  
GLN CG  HG2  sing N N 65  
GLN CG  HG3  sing N N 66  
GLN CD  OE1  doub N N 67  
GLN CD  NE2  sing N N 68  
GLN NE2 HE21 sing N N 69  
GLN NE2 HE22 sing N N 70  
GLN OXT HXT  sing N N 71  
GLU N   CA   sing N N 72  
GLU N   H    sing N N 73  
GLU N   H2   sing N N 74  
GLU CA  C    sing N N 75  
GLU CA  CB   sing N N 76  
GLU CA  HA   sing N N 77  
GLU C   O    doub N N 78  
GLU C   OXT  sing N N 79  
GLU CB  CG   sing N N 80  
GLU CB  HB2  sing N N 81  
GLU CB  HB3  sing N N 82  
GLU CG  CD   sing N N 83  
GLU CG  HG2  sing N N 84  
GLU CG  HG3  sing N N 85  
GLU CD  OE1  doub N N 86  
GLU CD  OE2  sing N N 87  
GLU OE2 HE2  sing N N 88  
GLU OXT HXT  sing N N 89  
GLY N   CA   sing N N 90  
GLY N   H    sing N N 91  
GLY N   H2   sing N N 92  
GLY CA  C    sing N N 93  
GLY CA  HA2  sing N N 94  
GLY CA  HA3  sing N N 95  
GLY C   O    doub N N 96  
GLY C   OXT  sing N N 97  
GLY OXT HXT  sing N N 98  
HOH O   H1   sing N N 99  
HOH O   H2   sing N N 100 
ILE N   CA   sing N N 101 
ILE N   H    sing N N 102 
ILE N   H2   sing N N 103 
ILE CA  C    sing N N 104 
ILE CA  CB   sing N N 105 
ILE CA  HA   sing N N 106 
ILE C   O    doub N N 107 
ILE C   OXT  sing N N 108 
ILE CB  CG1  sing N N 109 
ILE CB  CG2  sing N N 110 
ILE CB  HB   sing N N 111 
ILE CG1 CD1  sing N N 112 
ILE CG1 HG12 sing N N 113 
ILE CG1 HG13 sing N N 114 
ILE CG2 HG21 sing N N 115 
ILE CG2 HG22 sing N N 116 
ILE CG2 HG23 sing N N 117 
ILE CD1 HD11 sing N N 118 
ILE CD1 HD12 sing N N 119 
ILE CD1 HD13 sing N N 120 
ILE OXT HXT  sing N N 121 
LEU N   CA   sing N N 122 
LEU N   H    sing N N 123 
LEU N   H2   sing N N 124 
LEU CA  C    sing N N 125 
LEU CA  CB   sing N N 126 
LEU CA  HA   sing N N 127 
LEU C   O    doub N N 128 
LEU C   OXT  sing N N 129 
LEU CB  CG   sing N N 130 
LEU CB  HB2  sing N N 131 
LEU CB  HB3  sing N N 132 
LEU CG  CD1  sing N N 133 
LEU CG  CD2  sing N N 134 
LEU CG  HG   sing N N 135 
LEU CD1 HD11 sing N N 136 
LEU CD1 HD12 sing N N 137 
LEU CD1 HD13 sing N N 138 
LEU CD2 HD21 sing N N 139 
LEU CD2 HD22 sing N N 140 
LEU CD2 HD23 sing N N 141 
LEU OXT HXT  sing N N 142 
LYS N   CA   sing N N 143 
LYS N   H    sing N N 144 
LYS N   H2   sing N N 145 
LYS CA  C    sing N N 146 
LYS CA  CB   sing N N 147 
LYS CA  HA   sing N N 148 
LYS C   O    doub N N 149 
LYS C   OXT  sing N N 150 
LYS CB  CG   sing N N 151 
LYS CB  HB2  sing N N 152 
LYS CB  HB3  sing N N 153 
LYS CG  CD   sing N N 154 
LYS CG  HG2  sing N N 155 
LYS CG  HG3  sing N N 156 
LYS CD  CE   sing N N 157 
LYS CD  HD2  sing N N 158 
LYS CD  HD3  sing N N 159 
LYS CE  NZ   sing N N 160 
LYS CE  HE2  sing N N 161 
LYS CE  HE3  sing N N 162 
LYS NZ  HZ1  sing N N 163 
LYS NZ  HZ2  sing N N 164 
LYS NZ  HZ3  sing N N 165 
LYS OXT HXT  sing N N 166 
MET N   CA   sing N N 167 
MET N   H    sing N N 168 
MET N   H2   sing N N 169 
MET CA  C    sing N N 170 
MET CA  CB   sing N N 171 
MET CA  HA   sing N N 172 
MET C   O    doub N N 173 
MET C   OXT  sing N N 174 
MET CB  CG   sing N N 175 
MET CB  HB2  sing N N 176 
MET CB  HB3  sing N N 177 
MET CG  SD   sing N N 178 
MET CG  HG2  sing N N 179 
MET CG  HG3  sing N N 180 
MET SD  CE   sing N N 181 
MET CE  HE1  sing N N 182 
MET CE  HE2  sing N N 183 
MET CE  HE3  sing N N 184 
MET OXT HXT  sing N N 185 
MPD C1  C2   sing N N 186 
MPD C1  H11  sing N N 187 
MPD C1  H12  sing N N 188 
MPD C1  H13  sing N N 189 
MPD C2  O2   sing N N 190 
MPD C2  CM   sing N N 191 
MPD C2  C3   sing N N 192 
MPD O2  HO2  sing N N 193 
MPD CM  HM1  sing N N 194 
MPD CM  HM2  sing N N 195 
MPD CM  HM3  sing N N 196 
MPD C3  C4   sing N N 197 
MPD C3  H31  sing N N 198 
MPD C3  H32  sing N N 199 
MPD C4  O4   sing N N 200 
MPD C4  C5   sing N N 201 
MPD C4  H4   sing N N 202 
MPD O4  HO4  sing N N 203 
MPD C5  H51  sing N N 204 
MPD C5  H52  sing N N 205 
MPD C5  H53  sing N N 206 
MRD C1  C2   sing N N 207 
MRD C1  H1C1 sing N N 208 
MRD C1  H1C2 sing N N 209 
MRD C1  H1C3 sing N N 210 
MRD C2  O2   sing N N 211 
MRD C2  CM   sing N N 212 
MRD C2  C3   sing N N 213 
MRD O2  H2   sing N N 214 
MRD CM  HMC1 sing N N 215 
MRD CM  HMC2 sing N N 216 
MRD CM  HMC3 sing N N 217 
MRD C3  C4   sing N N 218 
MRD C3  H3C1 sing N N 219 
MRD C3  H3C2 sing N N 220 
MRD C4  O4   sing N N 221 
MRD C4  C5   sing N N 222 
MRD C4  H4   sing N N 223 
MRD O4  HA   sing N N 224 
MRD C5  H5C1 sing N N 225 
MRD C5  H5C2 sing N N 226 
MRD C5  H5C3 sing N N 227 
PRO N   CA   sing N N 228 
PRO N   CD   sing N N 229 
PRO N   H    sing N N 230 
PRO CA  C    sing N N 231 
PRO CA  CB   sing N N 232 
PRO CA  HA   sing N N 233 
PRO C   O    doub N N 234 
PRO C   OXT  sing N N 235 
PRO CB  CG   sing N N 236 
PRO CB  HB2  sing N N 237 
PRO CB  HB3  sing N N 238 
PRO CG  CD   sing N N 239 
PRO CG  HG2  sing N N 240 
PRO CG  HG3  sing N N 241 
PRO CD  HD2  sing N N 242 
PRO CD  HD3  sing N N 243 
PRO OXT HXT  sing N N 244 
SER N   CA   sing N N 245 
SER N   H    sing N N 246 
SER N   H2   sing N N 247 
SER CA  C    sing N N 248 
SER CA  CB   sing N N 249 
SER CA  HA   sing N N 250 
SER C   O    doub N N 251 
SER C   OXT  sing N N 252 
SER CB  OG   sing N N 253 
SER CB  HB2  sing N N 254 
SER CB  HB3  sing N N 255 
SER OG  HG   sing N N 256 
SER OXT HXT  sing N N 257 
TRP N   CA   sing N N 258 
TRP N   H    sing N N 259 
TRP N   H2   sing N N 260 
TRP CA  C    sing N N 261 
TRP CA  CB   sing N N 262 
TRP CA  HA   sing N N 263 
TRP C   O    doub N N 264 
TRP C   OXT  sing N N 265 
TRP CB  CG   sing N N 266 
TRP CB  HB2  sing N N 267 
TRP CB  HB3  sing N N 268 
TRP CG  CD1  doub Y N 269 
TRP CG  CD2  sing Y N 270 
TRP CD1 NE1  sing Y N 271 
TRP CD1 HD1  sing N N 272 
TRP CD2 CE2  doub Y N 273 
TRP CD2 CE3  sing Y N 274 
TRP NE1 CE2  sing Y N 275 
TRP NE1 HE1  sing N N 276 
TRP CE2 CZ2  sing Y N 277 
TRP CE3 CZ3  doub Y N 278 
TRP CE3 HE3  sing N N 279 
TRP CZ2 CH2  doub Y N 280 
TRP CZ2 HZ2  sing N N 281 
TRP CZ3 CH2  sing Y N 282 
TRP CZ3 HZ3  sing N N 283 
TRP CH2 HH2  sing N N 284 
TRP OXT HXT  sing N N 285 
TYR N   CA   sing N N 286 
TYR N   H    sing N N 287 
TYR N   H2   sing N N 288 
TYR CA  C    sing N N 289 
TYR CA  CB   sing N N 290 
TYR CA  HA   sing N N 291 
TYR C   O    doub N N 292 
TYR C   OXT  sing N N 293 
TYR CB  CG   sing N N 294 
TYR CB  HB2  sing N N 295 
TYR CB  HB3  sing N N 296 
TYR CG  CD1  doub Y N 297 
TYR CG  CD2  sing Y N 298 
TYR CD1 CE1  sing Y N 299 
TYR CD1 HD1  sing N N 300 
TYR CD2 CE2  doub Y N 301 
TYR CD2 HD2  sing N N 302 
TYR CE1 CZ   doub Y N 303 
TYR CE1 HE1  sing N N 304 
TYR CE2 CZ   sing Y N 305 
TYR CE2 HE2  sing N N 306 
TYR CZ  OH   sing N N 307 
TYR OH  HH   sing N N 308 
TYR OXT HXT  sing N N 309 
# 
loop_
_pdbx_entity_nonpoly.entity_id 
_pdbx_entity_nonpoly.name 
_pdbx_entity_nonpoly.comp_id 
2 '(4R)-2-METHYLPENTANE-2,4-DIOL' MRD 
3 '(4S)-2-METHYL-2,4-PENTANEDIOL' MPD 
4 1,2-ETHANEDIOL                  EDO 
5 water                           HOH 
# 
_pdbx_initial_refinement_model.id               1 
_pdbx_initial_refinement_model.entity_id_list   ? 
_pdbx_initial_refinement_model.type             'experimental model' 
_pdbx_initial_refinement_model.source_name      PDB 
_pdbx_initial_refinement_model.accession_code   1NA3 
_pdbx_initial_refinement_model.details          'PDB ENTRY 1NA3' 
# 
